data_8RB8
#
_entry.id   8RB8
#
_cell.length_a   1.00
_cell.length_b   1.00
_cell.length_c   1.00
_cell.angle_alpha   90.00
_cell.angle_beta   90.00
_cell.angle_gamma   90.00
#
_symmetry.space_group_name_H-M   'P 1'
#
loop_
_entity.id
_entity.type
_entity.pdbx_description
1 polymer 'Ion-translocating oxidoreductase complex subunit A'
2 polymer 'Ion-translocating oxidoreductase complex subunit C'
3 polymer 'Ion-translocating oxidoreductase complex subunit D'
4 polymer 'Ion-translocating oxidoreductase complex subunit E'
5 polymer 'Ion-translocating oxidoreductase complex subunit G'
6 polymer 'Protein RnfH'
7 polymer 'Ion-translocating oxidoreductase complex subunit B'
8 non-polymer 'FE2/S2 (INORGANIC) CLUSTER'
9 non-polymer DODECYL-BETA-D-MALTOSIDE
10 non-polymer 'FLAVIN MONONUCLEOTIDE'
11 non-polymer 'IRON/SULFUR CLUSTER'
12 non-polymer RIBOFLAVIN
#
loop_
_entity_poly.entity_id
_entity_poly.type
_entity_poly.pdbx_seq_one_letter_code
_entity_poly.pdbx_strand_id
1 'polypeptide(L)'
;MEYVLFLLGTVLVHNVVLVGFLGLCPFMGVSSKLDPSIGLAVATTLVMGLGGASSWLLEHYVLLPLGIGFIRILAYIVVI
AGMVQLIEMIIRKASPSLYRSLGIYLPLITTNCAVLGVPLLSVREGHDLTMAVLFGLGSGLGFSLIMIIFAGLRERLALA
NVPAAFSGPPIAFVTAGLLALAFMGFGGLI
;
A
2 'polypeptide(L)'
;MYFNLSSIRGGVHPAAHKDLSAALPIGSLPLPPRLYLPLRQHAGAEALPMVAVGDKVLKGQLLAFPPTEVSAPVHAPTSG
RIVAIGPVPAPHPSGLTTTGIVLESDGEDRWIDLDVSTDPFAEDPLVLADRVAKAGIVGLGGAIFPAAVKLKQGTRHEIK
TVLVNGSECEPYLTCDDRIMRERAEAIVDGARLIQHILRAYSVVIAIEDNKPEALAAMRAAAEHFGAIEVMAVPALYPMG
SAKQLIQAVTGREVPAGGRSTDVGVLVHNAGTVYAIQQALRFGRPLISRVVTVSGACVKTPQNLDVLIGTPVQALIDACG
GLSGDPQQLLLGGPMMGAVLPSTEVPVIKGATGLLALARHELPNKDPAPCIRCASCVDACPMGLTPLDMALYARADDYDG
ASEYGLRDCILCGCCSYVCPSHIPLVHYFQYAKGQQDERRSAARKSDYIKRQTEVRAARLAEEEAAKAAAKAAKEAAKAA
KAAKTKAAKPSNEVES
;
C
3 'polypeptide(L)'
;MSTISVAAGPFAHDRSSVNRIMLDVCLALTPATLFGLVMFGWPAINLWLVTCVSALAIEAACLRLLGQPMRRLLDGSALL
TGWLLAISLPPWAPWWIGVGGSLFAIGIGKQLYGGIGQNPFNPAMLARVALLIAFPLQMTTWALPHPLFSSSAPGFFDSL
AITFAGAPLADGMTGATALGNLKTELTLNRTAQEILEGGFSTISALFGSTPGSLGETSELLLLVGGVWLVLRRIIHWEIP
VAILASVFVMATLAYLINPERYAGGLYQLTSGGLILCAFFIATDPVTSPISRVGRLIFGVGCGVLIYVIRTWGSFPEAAA
FAVLFMNALTPLIDRYWRPRAYGRNVRGKPLVAAKWTSQVKEVDKV
;
D
4 'polypeptide(L)'
;MSHCGAPSVPEPEKKVPWQYFTSALWQYNVALVQMLALCPTLAVTTTATNGLGMGLATTLVLVMTNALISSMRHTISPEV
RNPVMIGVIAGVVTLTDMAMNAWMHELYKVLGLFIALIVTNCAVLGRAESFCLRNPVIPSILDGAGMGAGFTAVLVVIGG
IREILGSGTLFSQASSLLGSHFKWMEITVIPDFQGILLAILPPGAFIVLGFLLAAKRVIDRKRAERRQQTHGELVVLQ
;
E
5 'polypeptide(L)'
;MNDTTMTPAEENAAPAEAAAGKPTLLARLEKWRPMVAYQGLSLGLVCAVVALLLLTGNIMTHGTIAEQQMQDRLATLREV
LPQSLYDNNPLADSFKVQDAELGEVEVLPARLQGKLTAVVFQGRNIGYGGPIEQMMSVDAQGKILGVRVLTHKETPGLAD
KIEASRSDWIKVFDGLSLENTALDKWKVKKDGGQFDQFAGATITPRAVVKTVLQGLQFQARHAEQLKAEWSHPQFEK
;
G
6 'polypeptide(L)'
;MRVSVVYADPAKPLQLSCKVEDGCSVEQAIQQSGVLRCCPDIDLKKQKVGVFGKFVKLDSPLKDGDRIEIYQRVTRVDDD
DDDDDD
;
H
7 'polypeptide(L)'
;MIEATLALTVMGVLLGCGLGLAARKFAVTDENPLIKEVSDLMPGSQCGQCGFPGCGAAAVAIVEGNASVTCCPPGGVGLA
EKLAAILGVPLDASQVAAPMLARVEASQCIGCTRCYRACPTDAIVGASGQVHVVLEDACTGCGKCRDACPEDCVLLIPQE
QTLDTWRWDKPAAA
;
B
#
loop_
_chem_comp.id
_chem_comp.type
_chem_comp.name
_chem_comp.formula
FES non-polymer 'FE2/S2 (INORGANIC) CLUSTER' 'Fe2 S2'
FMN non-polymer 'FLAVIN MONONUCLEOTIDE' 'C17 H21 N4 O9 P'
LMT D-saccharide DODECYL-BETA-D-MALTOSIDE 'C24 H46 O11'
RBF non-polymer RIBOFLAVIN 'C17 H20 N4 O6'
SF4 non-polymer 'IRON/SULFUR CLUSTER' 'Fe4 S4'
#
# COMPACT_ATOMS: atom_id res chain seq x y z
N GLU A 2 -28.29 -26.33 -4.28
CA GLU A 2 -28.02 -25.26 -5.24
C GLU A 2 -26.52 -25.16 -5.50
N TYR A 3 -26.15 -24.40 -6.53
CA TYR A 3 -24.75 -24.25 -6.91
C TYR A 3 -24.11 -22.97 -6.42
N VAL A 4 -24.91 -21.94 -6.13
CA VAL A 4 -24.35 -20.70 -5.59
C VAL A 4 -23.74 -20.96 -4.21
N LEU A 5 -24.44 -21.74 -3.37
CA LEU A 5 -23.90 -22.06 -2.06
C LEU A 5 -22.61 -22.87 -2.18
N PHE A 6 -22.57 -23.82 -3.11
CA PHE A 6 -21.35 -24.61 -3.32
C PHE A 6 -20.20 -23.72 -3.75
N LEU A 7 -20.46 -22.79 -4.68
CA LEU A 7 -19.41 -21.90 -5.15
C LEU A 7 -18.91 -20.99 -4.03
N LEU A 8 -19.82 -20.44 -3.22
CA LEU A 8 -19.41 -19.58 -2.13
C LEU A 8 -18.64 -20.36 -1.07
N GLY A 9 -19.06 -21.59 -0.78
CA GLY A 9 -18.32 -22.41 0.16
C GLY A 9 -16.92 -22.74 -0.32
N THR A 10 -16.78 -23.00 -1.62
CA THR A 10 -15.45 -23.22 -2.18
C THR A 10 -14.59 -21.96 -2.11
N VAL A 11 -15.20 -20.80 -2.37
CA VAL A 11 -14.44 -19.55 -2.41
C VAL A 11 -13.98 -19.15 -1.02
N LEU A 12 -14.87 -19.21 -0.03
CA LEU A 12 -14.61 -18.65 1.29
C LEU A 12 -14.33 -19.71 2.34
N VAL A 13 -15.25 -20.66 2.55
CA VAL A 13 -15.11 -21.61 3.63
C VAL A 13 -13.95 -22.57 3.40
N HIS A 14 -13.70 -22.94 2.15
CA HIS A 14 -12.67 -23.92 1.83
C HIS A 14 -11.67 -23.35 0.83
N ASN A 15 -11.18 -22.14 1.13
CA ASN A 15 -10.25 -21.47 0.24
C ASN A 15 -9.03 -22.33 -0.04
N VAL A 16 -8.65 -22.43 -1.31
CA VAL A 16 -7.62 -23.37 -1.74
C VAL A 16 -6.24 -23.00 -1.25
N VAL A 17 -6.06 -21.83 -0.65
CA VAL A 17 -4.76 -21.35 -0.20
C VAL A 17 -4.68 -21.30 1.32
N LEU A 18 -5.60 -20.58 1.96
CA LEU A 18 -5.51 -20.36 3.40
C LEU A 18 -5.80 -21.62 4.20
N VAL A 19 -6.67 -22.50 3.70
CA VAL A 19 -6.98 -23.76 4.36
C VAL A 19 -6.66 -24.96 3.49
N GLY A 20 -6.07 -24.74 2.31
CA GLY A 20 -5.75 -25.83 1.42
C GLY A 20 -4.26 -25.99 1.16
N PHE A 21 -3.52 -24.88 1.24
CA PHE A 21 -2.07 -24.87 1.02
C PHE A 21 -1.72 -25.42 -0.37
N LEU A 22 -2.40 -24.93 -1.40
CA LEU A 22 -2.17 -25.35 -2.77
C LEU A 22 -1.78 -24.14 -3.61
N GLY A 23 -0.75 -24.30 -4.44
CA GLY A 23 -0.30 -23.24 -5.29
C GLY A 23 0.29 -22.05 -4.56
N LEU A 24 1.13 -22.29 -3.56
CA LEU A 24 1.68 -21.22 -2.74
C LEU A 24 2.95 -20.62 -3.31
N CYS A 25 3.70 -21.35 -4.15
CA CYS A 25 4.95 -20.80 -4.66
C CYS A 25 4.72 -19.62 -5.61
N PRO A 26 3.93 -19.73 -6.70
CA PRO A 26 3.71 -18.55 -7.54
C PRO A 26 2.89 -17.49 -6.81
N PHE A 27 2.04 -17.95 -5.88
CA PHE A 27 1.23 -17.03 -5.09
C PHE A 27 2.11 -16.12 -4.24
N MET A 28 3.16 -16.66 -3.63
CA MET A 28 4.08 -15.88 -2.83
C MET A 28 5.18 -15.24 -3.66
N GLY A 29 5.35 -15.65 -4.92
CA GLY A 29 6.38 -15.06 -5.75
C GLY A 29 5.92 -13.89 -6.59
N VAL A 30 4.67 -13.91 -7.05
CA VAL A 30 4.17 -12.89 -7.97
C VAL A 30 3.32 -11.84 -7.28
N SER A 31 2.90 -12.06 -6.04
CA SER A 31 1.98 -11.12 -5.37
C SER A 31 2.64 -9.83 -4.96
N SER A 32 3.89 -9.55 -5.34
CA SER A 32 4.49 -8.27 -4.99
C SER A 32 3.85 -7.11 -5.75
N LYS A 33 3.38 -7.36 -6.97
CA LYS A 33 2.75 -6.33 -7.79
C LYS A 33 1.32 -6.73 -8.14
N LEU A 34 0.44 -5.74 -8.25
CA LEU A 34 -0.98 -6.01 -8.42
C LEU A 34 -1.31 -6.50 -9.84
N ASP A 35 -0.73 -5.87 -10.86
CA ASP A 35 -1.06 -6.23 -12.23
C ASP A 35 -0.66 -7.67 -12.58
N PRO A 36 0.57 -8.12 -12.29
CA PRO A 36 0.85 -9.55 -12.49
C PRO A 36 -0.03 -10.45 -11.66
N SER A 37 -0.43 -10.01 -10.47
CA SER A 37 -1.35 -10.82 -9.66
C SER A 37 -2.68 -11.00 -10.36
N ILE A 38 -3.23 -9.93 -10.94
CA ILE A 38 -4.50 -10.04 -11.65
C ILE A 38 -4.35 -10.92 -12.88
N GLY A 39 -3.27 -10.73 -13.64
CA GLY A 39 -3.06 -11.55 -14.83
C GLY A 39 -2.96 -13.03 -14.50
N LEU A 40 -2.14 -13.36 -13.50
CA LEU A 40 -1.99 -14.76 -13.09
C LEU A 40 -3.29 -15.30 -12.52
N ALA A 41 -4.07 -14.46 -11.84
CA ALA A 41 -5.35 -14.91 -11.30
C ALA A 41 -6.30 -15.33 -12.42
N VAL A 42 -6.42 -14.49 -13.45
CA VAL A 42 -7.30 -14.84 -14.58
C VAL A 42 -6.78 -16.09 -15.28
N ALA A 43 -5.47 -16.14 -15.52
CA ALA A 43 -4.89 -17.29 -16.22
C ALA A 43 -5.12 -18.59 -15.44
N THR A 44 -4.91 -18.55 -14.13
CA THR A 44 -5.05 -19.76 -13.33
C THR A 44 -6.52 -20.17 -13.20
N THR A 45 -7.43 -19.20 -13.16
CA THR A 45 -8.85 -19.55 -13.16
C THR A 45 -9.22 -20.31 -14.42
N LEU A 46 -8.83 -19.77 -15.58
CA LEU A 46 -9.14 -20.46 -16.84
C LEU A 46 -8.47 -21.82 -16.92
N VAL A 47 -7.20 -21.91 -16.51
CA VAL A 47 -6.47 -23.16 -16.59
C VAL A 47 -7.08 -24.20 -15.67
N MET A 48 -7.47 -23.80 -14.46
CA MET A 48 -8.07 -24.74 -13.52
C MET A 48 -9.42 -25.23 -14.03
N GLY A 49 -10.23 -24.35 -14.61
CA GLY A 49 -11.49 -24.82 -15.18
C GLY A 49 -11.28 -25.83 -16.29
N LEU A 50 -10.39 -25.51 -17.24
CA LEU A 50 -10.12 -26.42 -18.34
C LEU A 50 -9.54 -27.75 -17.84
N GLY A 51 -8.61 -27.68 -16.88
CA GLY A 51 -8.01 -28.89 -16.35
C GLY A 51 -8.99 -29.76 -15.61
N GLY A 52 -9.90 -29.15 -14.84
CA GLY A 52 -10.93 -29.93 -14.18
C GLY A 52 -11.83 -30.64 -15.17
N ALA A 53 -12.27 -29.93 -16.21
CA ALA A 53 -13.12 -30.56 -17.22
C ALA A 53 -12.38 -31.72 -17.89
N SER A 54 -11.14 -31.48 -18.32
CA SER A 54 -10.38 -32.52 -19.01
C SER A 54 -10.11 -33.71 -18.10
N SER A 55 -9.79 -33.47 -16.83
CA SER A 55 -9.53 -34.55 -15.90
C SER A 55 -10.76 -35.38 -15.66
N TRP A 56 -11.92 -34.74 -15.50
CA TRP A 56 -13.15 -35.52 -15.31
C TRP A 56 -13.45 -36.36 -16.55
N LEU A 57 -13.31 -35.78 -17.74
CA LEU A 57 -13.57 -36.55 -18.96
C LEU A 57 -12.62 -37.74 -19.08
N LEU A 58 -11.33 -37.50 -18.81
CA LEU A 58 -10.34 -38.56 -18.91
C LEU A 58 -10.60 -39.68 -17.91
N GLU A 59 -10.98 -39.31 -16.68
CA GLU A 59 -11.18 -40.32 -15.64
C GLU A 59 -12.44 -41.13 -15.88
N HIS A 60 -13.52 -40.48 -16.30
CA HIS A 60 -14.80 -41.17 -16.43
C HIS A 60 -15.05 -41.73 -17.83
N TYR A 61 -14.15 -41.49 -18.80
CA TYR A 61 -14.31 -42.05 -20.13
C TYR A 61 -13.19 -42.97 -20.57
N VAL A 62 -12.02 -42.91 -19.93
CA VAL A 62 -10.87 -43.71 -20.37
C VAL A 62 -10.36 -44.58 -19.24
N LEU A 63 -10.03 -43.96 -18.11
CA LEU A 63 -9.35 -44.67 -17.02
C LEU A 63 -10.26 -45.72 -16.39
N LEU A 64 -11.38 -45.29 -15.82
CA LEU A 64 -12.28 -46.23 -15.14
C LEU A 64 -12.83 -47.31 -16.07
N PRO A 65 -13.33 -47.01 -17.28
CA PRO A 65 -13.79 -48.09 -18.15
C PRO A 65 -12.73 -49.13 -18.47
N LEU A 66 -11.48 -48.70 -18.64
CA LEU A 66 -10.41 -49.66 -18.93
C LEU A 66 -9.94 -50.40 -17.68
N GLY A 67 -10.31 -49.93 -16.50
CA GLY A 67 -9.95 -50.58 -15.26
C GLY A 67 -8.71 -50.04 -14.58
N ILE A 68 -7.94 -49.19 -15.25
CA ILE A 68 -6.73 -48.61 -14.68
C ILE A 68 -7.08 -47.29 -14.02
N GLY A 69 -6.91 -47.22 -12.70
CA GLY A 69 -7.16 -45.99 -11.97
C GLY A 69 -5.89 -45.43 -11.36
N PHE A 70 -4.96 -46.31 -10.97
CA PHE A 70 -3.74 -45.87 -10.33
C PHE A 70 -2.90 -44.97 -11.23
N ILE A 71 -3.06 -45.11 -12.55
CA ILE A 71 -2.33 -44.28 -13.49
C ILE A 71 -2.76 -42.82 -13.40
N ARG A 72 -3.93 -42.55 -12.80
CA ARG A 72 -4.64 -41.29 -13.04
C ARG A 72 -3.72 -40.08 -12.89
N ILE A 73 -2.96 -40.04 -11.80
CA ILE A 73 -2.10 -38.89 -11.52
C ILE A 73 -1.29 -38.53 -12.77
N LEU A 74 -0.46 -39.46 -13.23
CA LEU A 74 0.36 -39.22 -14.41
C LEU A 74 -0.51 -38.69 -15.55
N ALA A 75 -1.54 -39.46 -15.90
CA ALA A 75 -2.37 -39.06 -17.03
C ALA A 75 -2.85 -37.63 -16.85
N TYR A 76 -3.44 -37.35 -15.68
CA TYR A 76 -3.92 -36.01 -15.38
C TYR A 76 -2.85 -34.98 -15.74
N ILE A 77 -1.71 -35.04 -15.05
CA ILE A 77 -0.74 -33.97 -15.19
C ILE A 77 -0.29 -33.87 -16.64
N VAL A 78 -0.09 -35.03 -17.28
CA VAL A 78 0.41 -35.00 -18.65
C VAL A 78 -0.54 -34.20 -19.52
N VAL A 79 -1.83 -34.54 -19.48
CA VAL A 79 -2.79 -33.84 -20.30
C VAL A 79 -2.75 -32.36 -19.99
N ILE A 80 -2.76 -32.02 -18.69
CA ILE A 80 -2.78 -30.63 -18.29
C ILE A 80 -1.59 -29.90 -18.90
N ALA A 81 -0.40 -30.50 -18.77
CA ALA A 81 0.79 -29.87 -19.30
C ALA A 81 0.59 -29.54 -20.77
N GLY A 82 0.19 -30.53 -21.56
CA GLY A 82 0.01 -30.30 -22.98
C GLY A 82 -0.96 -29.17 -23.24
N MET A 83 -2.10 -29.20 -22.54
CA MET A 83 -3.10 -28.15 -22.75
C MET A 83 -2.48 -26.78 -22.52
N VAL A 84 -1.76 -26.62 -21.41
CA VAL A 84 -1.17 -25.32 -21.10
C VAL A 84 -0.29 -24.87 -22.25
N GLN A 85 0.56 -25.78 -22.75
CA GLN A 85 1.45 -25.40 -23.85
C GLN A 85 0.65 -24.86 -25.03
N LEU A 86 -0.41 -25.57 -25.42
CA LEU A 86 -1.23 -25.08 -26.51
C LEU A 86 -1.79 -23.70 -26.18
N ILE A 87 -2.37 -23.55 -24.99
CA ILE A 87 -2.99 -22.29 -24.62
C ILE A 87 -1.95 -21.17 -24.57
N GLU A 88 -0.67 -21.51 -24.50
CA GLU A 88 0.35 -20.49 -24.65
C GLU A 88 0.59 -20.18 -26.13
N MET A 89 0.92 -21.21 -26.90
CA MET A 89 1.39 -20.99 -28.28
C MET A 89 0.28 -20.43 -29.16
N ILE A 90 -0.95 -20.93 -28.99
CA ILE A 90 -2.08 -20.42 -29.76
C ILE A 90 -2.30 -18.93 -29.47
N ILE A 91 -1.87 -18.47 -28.30
CA ILE A 91 -2.05 -17.07 -27.92
C ILE A 91 -0.71 -16.36 -27.98
N ARG A 92 0.19 -16.87 -28.83
CA ARG A 92 1.50 -16.26 -29.04
C ARG A 92 1.71 -16.09 -30.55
N LYS A 93 0.67 -15.59 -31.21
CA LYS A 93 0.66 -15.33 -32.65
C LYS A 93 -0.73 -14.91 -33.13
N ALA A 94 -1.76 -15.62 -32.68
CA ALA A 94 -3.12 -15.27 -33.09
C ALA A 94 -3.52 -13.90 -32.57
N SER A 95 -3.15 -13.58 -31.33
CA SER A 95 -3.43 -12.29 -30.72
C SER A 95 -2.18 -11.84 -29.96
N PRO A 96 -1.25 -11.15 -30.64
CA PRO A 96 -0.05 -10.67 -29.94
C PRO A 96 -0.35 -9.73 -28.79
N SER A 97 -1.40 -8.92 -28.90
CA SER A 97 -1.78 -8.05 -27.79
C SER A 97 -2.24 -8.86 -26.58
N LEU A 98 -2.95 -9.96 -26.82
CA LEU A 98 -3.42 -10.80 -25.73
C LEU A 98 -2.27 -11.51 -25.02
N TYR A 99 -1.10 -11.58 -25.64
CA TYR A 99 0.08 -12.16 -24.98
C TYR A 99 0.75 -11.14 -24.06
N ARG A 100 -0.07 -10.48 -23.25
CA ARG A 100 0.42 -9.60 -22.21
C ARG A 100 -0.39 -9.71 -20.92
N SER A 101 -1.44 -10.52 -20.88
CA SER A 101 -2.28 -10.64 -19.70
C SER A 101 -2.49 -12.09 -19.31
N LEU A 102 -2.41 -12.99 -20.29
CA LEU A 102 -2.55 -14.42 -20.04
C LEU A 102 -1.36 -15.23 -20.49
N GLY A 103 -0.76 -14.90 -21.64
CA GLY A 103 0.33 -15.72 -22.17
C GLY A 103 1.59 -15.65 -21.33
N ILE A 104 1.91 -14.47 -20.79
CA ILE A 104 3.14 -14.31 -20.03
C ILE A 104 3.10 -15.15 -18.77
N TYR A 105 1.97 -15.13 -18.05
CA TYR A 105 1.85 -15.84 -16.79
C TYR A 105 1.44 -17.29 -16.95
N LEU A 106 1.13 -17.73 -18.17
CA LEU A 106 0.70 -19.11 -18.38
C LEU A 106 1.76 -20.13 -18.02
N PRO A 107 3.04 -19.97 -18.37
CA PRO A 107 4.03 -20.99 -17.97
C PRO A 107 4.18 -21.14 -16.46
N LEU A 108 3.76 -20.14 -15.68
CA LEU A 108 3.88 -20.21 -14.22
C LEU A 108 3.00 -21.29 -13.62
N ILE A 109 1.94 -21.72 -14.32
CA ILE A 109 0.96 -22.62 -13.75
C ILE A 109 0.94 -23.96 -14.48
N THR A 110 2.01 -24.32 -15.18
CA THR A 110 2.08 -25.64 -15.79
C THR A 110 2.10 -26.73 -14.72
N THR A 111 2.85 -26.52 -13.65
CA THR A 111 2.87 -27.41 -12.49
C THR A 111 2.74 -26.51 -11.26
N ASN A 112 1.53 -26.42 -10.72
CA ASN A 112 1.21 -25.43 -9.69
C ASN A 112 0.81 -26.05 -8.36
N CYS A 113 0.55 -27.35 -8.32
CA CYS A 113 0.01 -28.15 -7.23
C CYS A 113 -1.48 -27.88 -7.01
N ALA A 114 -2.04 -26.85 -7.62
CA ALA A 114 -3.47 -26.58 -7.51
C ALA A 114 -4.24 -27.19 -8.68
N VAL A 115 -3.71 -27.01 -9.90
CA VAL A 115 -4.30 -27.62 -11.09
C VAL A 115 -4.26 -29.14 -11.01
N LEU A 116 -3.46 -29.69 -10.09
CA LEU A 116 -3.47 -31.12 -9.82
C LEU A 116 -4.14 -31.46 -8.49
N GLY A 117 -4.07 -30.58 -7.50
CA GLY A 117 -4.76 -30.85 -6.24
C GLY A 117 -6.27 -30.86 -6.38
N VAL A 118 -6.82 -29.92 -7.15
CA VAL A 118 -8.27 -29.83 -7.29
C VAL A 118 -8.86 -31.05 -7.99
N PRO A 119 -8.35 -31.52 -9.13
CA PRO A 119 -8.92 -32.74 -9.73
C PRO A 119 -8.83 -33.95 -8.82
N LEU A 120 -7.71 -34.12 -8.11
CA LEU A 120 -7.57 -35.27 -7.21
C LEU A 120 -8.57 -35.19 -6.07
N LEU A 121 -8.78 -34.01 -5.51
CA LEU A 121 -9.78 -33.86 -4.46
C LEU A 121 -11.18 -34.11 -5.00
N SER A 122 -11.48 -33.60 -6.19
CA SER A 122 -12.81 -33.78 -6.76
C SER A 122 -13.09 -35.23 -7.11
N VAL A 123 -12.05 -36.01 -7.41
CA VAL A 123 -12.23 -37.43 -7.68
C VAL A 123 -12.77 -38.15 -6.45
N ARG A 124 -12.23 -37.86 -5.27
CA ARG A 124 -12.63 -38.58 -4.07
C ARG A 124 -14.09 -38.31 -3.70
N GLU A 125 -14.60 -37.11 -3.99
CA GLU A 125 -16.00 -36.81 -3.74
C GLU A 125 -16.93 -37.38 -4.81
N GLY A 126 -16.38 -37.87 -5.92
CA GLY A 126 -17.22 -38.42 -6.97
C GLY A 126 -18.13 -37.42 -7.65
N HIS A 127 -17.62 -36.23 -7.95
CA HIS A 127 -18.41 -35.22 -8.62
C HIS A 127 -18.68 -35.62 -10.07
N ASP A 128 -19.80 -35.13 -10.61
CA ASP A 128 -20.10 -35.28 -12.02
C ASP A 128 -19.36 -34.19 -12.80
N LEU A 129 -19.63 -34.09 -14.11
CA LEU A 129 -18.90 -33.14 -14.94
C LEU A 129 -19.22 -31.70 -14.52
N THR A 130 -20.50 -31.38 -14.32
CA THR A 130 -20.88 -30.03 -13.94
C THR A 130 -20.29 -29.65 -12.59
N MET A 131 -20.37 -30.58 -11.62
CA MET A 131 -19.81 -30.30 -10.30
C MET A 131 -18.30 -30.16 -10.36
N ALA A 132 -17.64 -30.97 -11.18
CA ALA A 132 -16.18 -30.85 -11.30
C ALA A 132 -15.78 -29.51 -11.90
N VAL A 133 -16.49 -29.08 -12.95
CA VAL A 133 -16.18 -27.79 -13.56
C VAL A 133 -16.43 -26.66 -12.57
N LEU A 134 -17.53 -26.72 -11.83
CA LEU A 134 -17.82 -25.69 -10.85
C LEU A 134 -16.80 -25.68 -9.73
N PHE A 135 -16.34 -26.87 -9.30
CA PHE A 135 -15.34 -26.95 -8.26
C PHE A 135 -14.02 -26.33 -8.71
N GLY A 136 -13.60 -26.64 -9.93
CA GLY A 136 -12.40 -26.02 -10.46
C GLY A 136 -12.51 -24.51 -10.58
N LEU A 137 -13.64 -24.02 -11.10
CA LEU A 137 -13.82 -22.59 -11.24
C LEU A 137 -13.89 -21.90 -9.88
N GLY A 138 -14.52 -22.52 -8.90
CA GLY A 138 -14.58 -21.93 -7.57
C GLY A 138 -13.21 -21.88 -6.89
N SER A 139 -12.42 -22.95 -7.04
CA SER A 139 -11.07 -22.91 -6.51
C SER A 139 -10.24 -21.83 -7.19
N GLY A 140 -10.38 -21.69 -8.51
CA GLY A 140 -9.69 -20.62 -9.20
C GLY A 140 -10.12 -19.24 -8.73
N LEU A 141 -11.41 -19.05 -8.49
CA LEU A 141 -11.90 -17.76 -8.01
C LEU A 141 -11.39 -17.45 -6.62
N GLY A 142 -11.35 -18.44 -5.73
CA GLY A 142 -10.79 -18.23 -4.41
C GLY A 142 -9.31 -17.87 -4.48
N PHE A 143 -8.56 -18.59 -5.31
CA PHE A 143 -7.15 -18.27 -5.52
C PHE A 143 -6.99 -16.84 -6.04
N SER A 144 -7.82 -16.45 -6.99
CA SER A 144 -7.74 -15.11 -7.56
C SER A 144 -8.02 -14.04 -6.52
N LEU A 145 -9.10 -14.20 -5.75
CA LEU A 145 -9.46 -13.21 -4.75
C LEU A 145 -8.38 -13.08 -3.68
N ILE A 146 -7.87 -14.21 -3.19
CA ILE A 146 -6.83 -14.17 -2.16
C ILE A 146 -5.57 -13.53 -2.72
N MET A 147 -5.20 -13.86 -3.97
CA MET A 147 -4.01 -13.28 -4.56
C MET A 147 -4.14 -11.78 -4.71
N ILE A 148 -5.31 -11.30 -5.15
CA ILE A 148 -5.49 -9.86 -5.34
C ILE A 148 -5.42 -9.14 -3.99
N ILE A 149 -6.10 -9.67 -2.98
CA ILE A 149 -6.07 -9.02 -1.66
C ILE A 149 -4.65 -8.99 -1.11
N PHE A 150 -3.93 -10.11 -1.22
CA PHE A 150 -2.58 -10.19 -0.71
C PHE A 150 -1.64 -9.26 -1.49
N ALA A 151 -1.85 -9.14 -2.79
CA ALA A 151 -1.05 -8.22 -3.59
C ALA A 151 -1.27 -6.78 -3.16
N GLY A 152 -2.53 -6.41 -2.89
CA GLY A 152 -2.77 -5.07 -2.38
C GLY A 152 -2.09 -4.83 -1.05
N LEU A 153 -2.19 -5.82 -0.14
CA LEU A 153 -1.57 -5.68 1.17
C LEU A 153 -0.06 -5.53 1.06
N ARG A 154 0.58 -6.35 0.21
CA ARG A 154 2.03 -6.27 0.06
C ARG A 154 2.46 -5.00 -0.64
N GLU A 155 1.68 -4.52 -1.62
CA GLU A 155 2.01 -3.26 -2.26
C GLU A 155 1.93 -2.10 -1.27
N ARG A 156 0.97 -2.12 -0.35
CA ARG A 156 0.95 -1.07 0.65
C ARG A 156 2.07 -1.24 1.69
N LEU A 157 2.40 -2.48 2.04
CA LEU A 157 3.49 -2.71 3.00
C LEU A 157 4.86 -2.37 2.42
N ALA A 158 5.00 -2.36 1.10
CA ALA A 158 6.28 -2.03 0.50
C ALA A 158 6.70 -0.60 0.81
N LEU A 159 5.73 0.31 0.97
CA LEU A 159 6.00 1.72 1.23
C LEU A 159 5.88 2.06 2.71
N ALA A 160 6.00 1.08 3.58
CA ALA A 160 5.88 1.28 5.01
C ALA A 160 7.24 1.06 5.67
N ASN A 161 7.32 1.41 6.95
CA ASN A 161 8.58 1.32 7.70
C ASN A 161 8.71 -0.02 8.41
N VAL A 162 8.68 -1.10 7.65
CA VAL A 162 8.91 -2.45 8.17
C VAL A 162 10.38 -2.55 8.57
N PRO A 163 10.71 -3.20 9.68
CA PRO A 163 12.12 -3.33 10.06
C PRO A 163 12.91 -4.08 8.99
N ALA A 164 14.20 -3.73 8.89
CA ALA A 164 15.04 -4.29 7.84
C ALA A 164 15.23 -5.79 7.98
N ALA A 165 15.01 -6.35 9.17
CA ALA A 165 15.11 -7.79 9.37
C ALA A 165 13.84 -8.54 9.03
N PHE A 166 12.75 -7.83 8.73
CA PHE A 166 11.50 -8.46 8.36
C PHE A 166 10.94 -7.99 7.03
N SER A 167 11.49 -6.94 6.43
CA SER A 167 10.95 -6.43 5.18
C SER A 167 11.14 -7.44 4.05
N GLY A 168 10.07 -7.65 3.28
CA GLY A 168 10.11 -8.57 2.16
C GLY A 168 9.29 -9.82 2.40
N PRO A 169 9.87 -10.97 2.09
CA PRO A 169 9.13 -12.24 2.20
C PRO A 169 8.63 -12.53 3.61
N PRO A 170 9.44 -12.35 4.67
CA PRO A 170 8.93 -12.71 6.01
C PRO A 170 7.68 -11.95 6.42
N ILE A 171 7.63 -10.65 6.12
CA ILE A 171 6.43 -9.89 6.47
C ILE A 171 5.26 -10.35 5.62
N ALA A 172 5.52 -10.79 4.38
CA ALA A 172 4.46 -11.36 3.56
C ALA A 172 3.90 -12.64 4.17
N PHE A 173 4.77 -13.51 4.68
CA PHE A 173 4.29 -14.74 5.31
C PHE A 173 3.50 -14.45 6.57
N VAL A 174 3.97 -13.49 7.39
CA VAL A 174 3.22 -13.14 8.59
C VAL A 174 1.86 -12.55 8.23
N THR A 175 1.83 -11.70 7.21
CA THR A 175 0.56 -11.13 6.76
C THR A 175 -0.38 -12.21 6.23
N ALA A 176 0.16 -13.20 5.53
CA ALA A 176 -0.67 -14.30 5.04
C ALA A 176 -1.23 -15.11 6.19
N GLY A 177 -0.43 -15.34 7.24
CA GLY A 177 -0.95 -16.02 8.41
C GLY A 177 -2.07 -15.25 9.08
N LEU A 178 -1.89 -13.93 9.23
CA LEU A 178 -2.95 -13.11 9.82
C LEU A 178 -4.20 -13.08 8.94
N LEU A 179 -4.01 -13.08 7.62
CA LEU A 179 -5.15 -13.12 6.70
C LEU A 179 -5.90 -14.44 6.82
N ALA A 180 -5.19 -15.55 6.96
CA ALA A 180 -5.85 -16.84 7.19
C ALA A 180 -6.59 -16.82 8.51
N LEU A 181 -6.01 -16.22 9.55
CA LEU A 181 -6.70 -16.08 10.82
C LEU A 181 -7.99 -15.29 10.67
N ALA A 182 -7.95 -14.22 9.88
CA ALA A 182 -9.16 -13.43 9.61
C ALA A 182 -10.19 -14.25 8.86
N PHE A 183 -9.77 -15.00 7.85
CA PHE A 183 -10.68 -15.83 7.07
C PHE A 183 -11.25 -17.00 7.87
N MET A 184 -10.61 -17.35 8.99
CA MET A 184 -11.06 -18.50 9.77
C MET A 184 -12.47 -18.32 10.32
N GLY A 185 -13.00 -17.09 10.35
CA GLY A 185 -14.33 -16.86 10.87
C GLY A 185 -15.44 -17.37 9.97
N PHE A 186 -15.16 -17.59 8.70
CA PHE A 186 -16.15 -18.10 7.77
C PHE A 186 -16.42 -19.60 7.93
N GLY A 187 -15.66 -20.29 8.77
CA GLY A 187 -15.82 -21.72 8.97
C GLY A 187 -17.21 -22.10 9.46
N GLY A 188 -17.81 -23.10 8.83
CA GLY A 188 -19.13 -23.55 9.18
C GLY A 188 -20.28 -22.76 8.61
N LEU A 189 -19.99 -21.69 7.87
CA LEU A 189 -21.06 -20.89 7.28
C LEU A 189 -21.78 -21.68 6.18
N ILE A 190 -21.03 -22.35 5.32
CA ILE A 190 -21.60 -23.16 4.25
C ILE A 190 -20.98 -24.55 4.26
N PHE B 3 -22.73 38.40 -8.43
CA PHE B 3 -23.33 37.08 -8.54
C PHE B 3 -23.62 36.51 -7.16
N ASN B 4 -23.39 35.20 -7.00
CA ASN B 4 -23.55 34.54 -5.72
C ASN B 4 -22.31 33.70 -5.46
N LEU B 5 -21.79 33.80 -4.23
CA LEU B 5 -20.56 33.09 -3.88
C LEU B 5 -20.81 31.60 -3.80
N SER B 6 -19.94 30.82 -4.47
CA SER B 6 -19.95 29.38 -4.31
C SER B 6 -19.15 29.00 -3.07
N SER B 7 -18.89 27.71 -2.88
CA SER B 7 -18.12 27.24 -1.74
C SER B 7 -16.96 26.41 -2.26
N ILE B 8 -15.74 26.79 -1.87
CA ILE B 8 -14.56 26.03 -2.25
C ILE B 8 -14.42 24.86 -1.30
N ARG B 9 -13.58 23.89 -1.66
CA ARG B 9 -13.41 22.66 -0.88
C ARG B 9 -12.12 22.77 -0.08
N GLY B 10 -12.22 22.49 1.22
CA GLY B 10 -11.07 22.54 2.09
C GLY B 10 -10.72 23.95 2.52
N GLY B 11 -9.63 24.05 3.26
CA GLY B 11 -9.18 25.33 3.78
C GLY B 11 -9.15 25.35 5.29
N VAL B 12 -8.30 26.22 5.86
CA VAL B 12 -8.12 26.30 7.30
C VAL B 12 -8.36 27.74 7.74
N HIS B 13 -8.40 27.94 9.06
CA HIS B 13 -8.61 29.25 9.64
C HIS B 13 -7.49 29.58 10.61
N PRO B 14 -6.31 29.94 10.13
CA PRO B 14 -5.21 30.30 11.03
C PRO B 14 -5.48 31.62 11.73
N ALA B 15 -4.78 31.82 12.85
CA ALA B 15 -4.89 33.08 13.57
C ALA B 15 -4.48 34.23 12.66
N ALA B 16 -5.38 35.21 12.50
CA ALA B 16 -5.16 36.27 11.52
C ALA B 16 -3.94 37.12 11.90
N HIS B 17 -3.88 37.56 13.16
CA HIS B 17 -2.82 38.45 13.63
C HIS B 17 -2.70 39.70 12.78
N LYS B 18 -3.84 40.21 12.29
CA LYS B 18 -3.85 41.39 11.43
C LYS B 18 -4.23 42.66 12.17
N ASP B 19 -4.67 42.57 13.43
CA ASP B 19 -5.16 43.73 14.16
C ASP B 19 -4.05 44.53 14.83
N LEU B 20 -2.83 44.02 14.89
CA LEU B 20 -1.74 44.73 15.55
C LEU B 20 -0.96 45.65 14.61
N SER B 21 -1.18 45.53 13.30
CA SER B 21 -0.45 46.34 12.33
C SER B 21 -1.35 47.12 11.38
N ALA B 22 -2.61 46.73 11.23
CA ALA B 22 -3.54 47.45 10.35
C ALA B 22 -4.27 48.56 11.09
N ALA B 23 -3.51 49.37 11.83
CA ALA B 23 -4.04 50.55 12.50
C ALA B 23 -3.34 51.82 12.05
N LEU B 24 -2.01 51.82 12.01
CA LEU B 24 -1.26 52.98 11.59
C LEU B 24 -1.31 53.13 10.06
N PRO B 25 -1.28 54.35 9.56
CA PRO B 25 -1.25 54.55 8.11
C PRO B 25 0.10 54.12 7.53
N ILE B 26 0.14 54.07 6.20
CA ILE B 26 1.35 53.65 5.50
C ILE B 26 2.46 54.66 5.77
N GLY B 27 3.57 54.19 6.33
CA GLY B 27 4.67 55.05 6.67
C GLY B 27 5.57 55.35 5.49
N SER B 28 6.71 55.97 5.80
CA SER B 28 7.69 56.35 4.80
C SER B 28 9.08 55.98 5.27
N LEU B 29 10.00 55.84 4.31
CA LEU B 29 11.37 55.48 4.58
C LEU B 29 12.33 56.61 4.20
N PRO B 30 13.28 56.95 5.08
CA PRO B 30 14.38 57.80 4.65
C PRO B 30 15.24 57.06 3.63
N LEU B 31 15.84 57.82 2.73
CA LEU B 31 16.62 57.21 1.65
C LEU B 31 17.85 56.50 2.23
N PRO B 32 17.99 55.19 2.02
CA PRO B 32 19.18 54.50 2.51
C PRO B 32 20.38 54.82 1.64
N PRO B 33 21.60 54.59 2.14
CA PRO B 33 22.80 54.95 1.38
C PRO B 33 22.94 54.22 0.05
N ARG B 34 22.86 52.90 0.07
CA ARG B 34 23.07 52.10 -1.14
C ARG B 34 21.96 51.08 -1.28
N LEU B 35 21.58 50.81 -2.53
CA LEU B 35 20.55 49.85 -2.87
C LEU B 35 21.16 48.71 -3.67
N TYR B 36 20.74 47.48 -3.37
CA TYR B 36 21.17 46.29 -4.11
C TYR B 36 19.98 45.82 -4.94
N LEU B 37 20.08 45.97 -6.26
CA LEU B 37 19.01 45.57 -7.16
C LEU B 37 19.41 44.29 -7.89
N PRO B 38 18.86 43.14 -7.52
CA PRO B 38 19.09 41.93 -8.33
C PRO B 38 18.52 42.11 -9.73
N LEU B 39 19.21 41.54 -10.72
CA LEU B 39 18.77 41.64 -12.09
C LEU B 39 17.60 40.72 -12.42
N ARG B 40 17.29 39.77 -11.54
CA ARG B 40 16.18 38.83 -11.76
C ARG B 40 15.22 38.96 -10.57
N GLN B 41 14.28 39.89 -10.68
CA GLN B 41 13.21 40.05 -9.70
C GLN B 41 11.88 39.54 -10.23
N HIS B 42 11.89 38.76 -11.32
CA HIS B 42 10.69 38.35 -12.02
C HIS B 42 10.80 36.87 -12.35
N ALA B 43 9.88 36.41 -13.19
CA ALA B 43 9.91 35.05 -13.71
C ALA B 43 10.31 35.07 -15.18
N GLY B 44 11.01 34.02 -15.60
CA GLY B 44 11.52 33.95 -16.96
C GLY B 44 12.99 34.32 -17.06
N ALA B 45 13.38 34.90 -18.19
CA ALA B 45 14.78 35.22 -18.42
C ALA B 45 15.22 36.41 -17.57
N GLU B 46 16.52 36.52 -17.39
CA GLU B 46 17.12 37.58 -16.58
C GLU B 46 17.51 38.76 -17.46
N ALA B 47 17.19 39.97 -16.98
CA ALA B 47 17.48 41.17 -17.72
C ALA B 47 18.99 41.43 -17.77
N LEU B 48 19.41 42.16 -18.81
CA LEU B 48 20.81 42.50 -19.05
C LEU B 48 21.05 43.97 -18.75
N PRO B 49 22.11 44.29 -18.02
CA PRO B 49 22.38 45.69 -17.68
C PRO B 49 22.72 46.52 -18.91
N MET B 50 22.36 47.80 -18.85
CA MET B 50 22.68 48.75 -19.91
C MET B 50 23.71 49.79 -19.51
N VAL B 51 23.95 49.98 -18.22
CA VAL B 51 24.86 51.00 -17.75
C VAL B 51 26.18 50.35 -17.33
N ALA B 52 27.19 51.18 -17.11
CA ALA B 52 28.50 50.75 -16.66
C ALA B 52 28.78 51.31 -15.28
N VAL B 53 29.95 50.95 -14.74
CA VAL B 53 30.34 51.41 -13.41
C VAL B 53 30.67 52.89 -13.46
N GLY B 54 30.15 53.64 -12.49
CA GLY B 54 30.42 55.06 -12.38
C GLY B 54 29.44 55.97 -13.07
N ASP B 55 28.48 55.42 -13.81
CA ASP B 55 27.52 56.25 -14.52
C ASP B 55 26.56 56.93 -13.55
N LYS B 56 25.99 58.05 -13.99
CA LYS B 56 25.02 58.80 -13.22
C LYS B 56 23.62 58.50 -13.76
N VAL B 57 22.73 58.05 -12.88
CA VAL B 57 21.38 57.69 -13.27
C VAL B 57 20.39 58.52 -12.47
N LEU B 58 19.19 58.68 -13.04
CA LEU B 58 18.11 59.43 -12.41
C LEU B 58 17.01 58.47 -11.99
N LYS B 59 16.12 58.96 -11.12
CA LYS B 59 15.01 58.15 -10.62
C LYS B 59 14.07 57.83 -11.77
N GLY B 60 14.06 56.58 -12.21
CA GLY B 60 13.23 56.14 -13.32
C GLY B 60 13.99 55.68 -14.54
N GLN B 61 15.32 55.78 -14.54
CA GLN B 61 16.10 55.31 -15.67
C GLN B 61 16.02 53.80 -15.79
N LEU B 62 16.11 53.30 -17.02
CA LEU B 62 16.03 51.88 -17.32
C LEU B 62 17.43 51.29 -17.21
N LEU B 63 17.73 50.70 -16.05
CA LEU B 63 19.07 50.14 -15.82
C LEU B 63 19.29 48.89 -16.65
N ALA B 64 18.30 47.99 -16.69
CA ALA B 64 18.41 46.73 -17.42
C ALA B 64 17.18 46.53 -18.27
N PHE B 65 17.37 45.88 -19.42
CA PHE B 65 16.32 45.67 -20.39
C PHE B 65 16.10 44.18 -20.63
N PRO B 66 14.90 43.77 -21.00
CA PRO B 66 14.61 42.34 -21.15
C PRO B 66 15.24 41.77 -22.41
N PRO B 67 15.90 40.62 -22.30
CA PRO B 67 16.47 39.99 -23.50
C PRO B 67 15.44 39.28 -24.36
N THR B 68 14.29 38.89 -23.80
CA THR B 68 13.27 38.18 -24.56
C THR B 68 11.87 38.70 -24.24
N GLU B 69 10.84 37.99 -24.71
CA GLU B 69 9.47 38.43 -24.49
C GLU B 69 9.07 38.30 -23.03
N VAL B 70 9.39 37.18 -22.40
CA VAL B 70 8.94 36.90 -21.03
C VAL B 70 10.05 37.36 -20.10
N SER B 71 10.00 38.63 -19.72
CA SER B 71 10.94 39.22 -18.76
C SER B 71 10.40 40.60 -18.39
N ALA B 72 11.18 41.32 -17.56
CA ALA B 72 10.79 42.63 -17.12
C ALA B 72 12.03 43.47 -16.88
N PRO B 73 12.04 44.73 -17.30
CA PRO B 73 13.21 45.58 -17.07
C PRO B 73 13.34 45.95 -15.60
N VAL B 74 14.50 46.53 -15.27
CA VAL B 74 14.79 47.00 -13.93
C VAL B 74 15.05 48.49 -13.99
N HIS B 75 14.33 49.26 -13.17
CA HIS B 75 14.43 50.70 -13.15
C HIS B 75 15.15 51.17 -11.90
N ALA B 76 15.82 52.30 -12.00
CA ALA B 76 16.58 52.84 -10.88
C ALA B 76 15.63 53.46 -9.86
N PRO B 77 15.60 52.97 -8.62
CA PRO B 77 14.69 53.54 -7.63
C PRO B 77 14.95 55.01 -7.30
N THR B 78 16.22 55.44 -7.33
CA THR B 78 16.55 56.81 -6.98
C THR B 78 17.80 57.23 -7.72
N SER B 79 17.98 58.55 -7.83
CA SER B 79 19.14 59.10 -8.53
C SER B 79 20.42 58.81 -7.75
N GLY B 80 21.48 58.51 -8.48
CA GLY B 80 22.76 58.21 -7.85
C GLY B 80 23.77 57.74 -8.87
N ARG B 81 24.84 57.11 -8.36
CA ARG B 81 25.92 56.62 -9.19
C ARG B 81 26.04 55.11 -9.05
N ILE B 82 26.18 54.42 -10.18
CA ILE B 82 26.38 52.97 -10.16
C ILE B 82 27.80 52.67 -9.71
N VAL B 83 27.94 51.74 -8.78
CA VAL B 83 29.24 51.39 -8.23
C VAL B 83 29.61 49.92 -8.46
N ALA B 84 28.66 49.07 -8.81
CA ALA B 84 28.96 47.66 -9.03
C ALA B 84 27.86 47.03 -9.88
N ILE B 85 28.27 46.11 -10.77
CA ILE B 85 27.36 45.38 -11.64
C ILE B 85 27.53 43.89 -11.38
N GLY B 86 27.78 43.54 -10.12
CA GLY B 86 28.39 42.26 -9.82
C GLY B 86 27.51 41.32 -9.03
N PRO B 87 28.07 40.69 -7.99
CA PRO B 87 27.27 39.81 -7.15
C PRO B 87 26.66 40.53 -5.95
N VAL B 88 25.40 40.19 -5.67
CA VAL B 88 24.69 40.76 -4.51
C VAL B 88 23.94 39.66 -3.80
N PRO B 89 23.71 39.84 -2.50
CA PRO B 89 22.90 38.85 -1.76
C PRO B 89 21.48 38.79 -2.30
N ALA B 90 20.89 37.60 -2.21
CA ALA B 90 19.57 37.37 -2.76
C ALA B 90 18.57 36.97 -1.68
N PRO B 91 17.32 37.39 -1.81
CA PRO B 91 16.30 36.97 -0.84
C PRO B 91 15.88 35.53 -1.03
N HIS B 92 16.76 34.60 -0.68
CA HIS B 92 16.54 33.18 -0.89
C HIS B 92 16.87 32.43 0.39
N PRO B 93 16.22 31.29 0.65
CA PRO B 93 16.60 30.49 1.81
C PRO B 93 18.03 30.00 1.75
N SER B 94 18.56 29.74 0.56
CA SER B 94 19.93 29.25 0.45
C SER B 94 20.95 30.29 0.90
N GLY B 95 20.75 31.55 0.50
CA GLY B 95 21.70 32.59 0.80
C GLY B 95 22.75 32.85 -0.26
N LEU B 96 22.64 32.19 -1.42
CA LEU B 96 23.62 32.37 -2.48
C LEU B 96 23.46 33.75 -3.12
N THR B 97 24.50 34.16 -3.84
CA THR B 97 24.53 35.47 -4.48
C THR B 97 23.94 35.39 -5.89
N THR B 98 23.57 36.56 -6.42
CA THR B 98 23.00 36.64 -7.76
C THR B 98 23.52 37.90 -8.43
N THR B 99 23.48 37.90 -9.76
CA THR B 99 23.94 39.05 -10.52
C THR B 99 23.00 40.24 -10.28
N GLY B 100 23.59 41.38 -9.98
CA GLY B 100 22.80 42.55 -9.64
C GLY B 100 23.67 43.79 -9.55
N ILE B 101 22.97 44.92 -9.57
CA ILE B 101 23.60 46.24 -9.57
C ILE B 101 23.56 46.81 -8.16
N VAL B 102 24.52 47.69 -7.87
CA VAL B 102 24.58 48.41 -6.61
C VAL B 102 24.53 49.89 -6.92
N LEU B 103 23.52 50.58 -6.41
CA LEU B 103 23.29 51.98 -6.70
C LEU B 103 23.51 52.80 -5.43
N GLU B 104 24.42 53.77 -5.51
CA GLU B 104 24.71 54.64 -4.37
C GLU B 104 23.78 55.85 -4.42
N SER B 105 22.86 55.93 -3.47
CA SER B 105 21.84 56.97 -3.48
C SER B 105 22.47 58.34 -3.28
N ASP B 106 22.30 59.22 -4.28
CA ASP B 106 22.83 60.57 -4.18
C ASP B 106 22.11 61.38 -3.11
N GLY B 107 20.79 61.20 -2.97
CA GLY B 107 20.00 61.93 -2.02
C GLY B 107 19.18 63.07 -2.60
N GLU B 108 19.51 63.52 -3.81
CA GLU B 108 18.70 64.55 -4.46
C GLU B 108 17.31 64.02 -4.79
N ASP B 109 17.23 62.77 -5.26
CA ASP B 109 15.96 62.14 -5.62
C ASP B 109 15.21 62.95 -6.68
N ARG B 110 15.83 63.05 -7.85
CA ARG B 110 15.30 63.82 -8.96
C ARG B 110 14.71 62.90 -10.01
N TRP B 111 13.46 63.17 -10.38
CA TRP B 111 12.78 62.34 -11.37
C TRP B 111 13.34 62.56 -12.77
N ILE B 112 13.31 61.50 -13.58
CA ILE B 112 13.68 61.59 -14.98
C ILE B 112 12.51 62.16 -15.77
N ASP B 113 12.77 62.57 -17.01
CA ASP B 113 11.72 63.10 -17.87
C ASP B 113 10.83 61.95 -18.31
N LEU B 114 9.77 61.70 -17.54
CA LEU B 114 8.87 60.59 -17.83
C LEU B 114 8.09 60.84 -19.12
N ASP B 115 7.72 59.75 -19.79
CA ASP B 115 6.92 59.82 -21.02
C ASP B 115 5.47 59.53 -20.65
N VAL B 116 4.78 60.59 -20.21
CA VAL B 116 3.38 60.44 -19.82
C VAL B 116 2.51 60.22 -21.06
N SER B 117 1.35 59.61 -20.83
CA SER B 117 0.39 59.38 -21.88
C SER B 117 -0.60 60.54 -21.96
N THR B 118 -1.59 60.41 -22.85
CA THR B 118 -2.63 61.41 -23.01
C THR B 118 -3.94 60.70 -23.31
N ASP B 119 -4.92 60.88 -22.42
CA ASP B 119 -6.23 60.24 -22.53
C ASP B 119 -6.07 58.73 -22.69
N PRO B 120 -5.72 58.01 -21.62
CA PRO B 120 -5.51 56.56 -21.76
C PRO B 120 -6.71 55.81 -22.28
N PHE B 121 -7.93 56.30 -22.07
CA PHE B 121 -9.11 55.69 -22.67
C PHE B 121 -9.34 56.19 -24.09
N ALA B 122 -8.29 56.15 -24.91
CA ALA B 122 -8.40 56.51 -26.32
C ALA B 122 -7.64 55.58 -27.25
N GLU B 123 -6.61 54.89 -26.78
CA GLU B 123 -5.71 54.12 -27.63
C GLU B 123 -6.12 52.65 -27.66
N ASP B 124 -5.61 51.94 -28.67
CA ASP B 124 -5.87 50.52 -28.82
C ASP B 124 -5.21 49.74 -27.68
N PRO B 125 -5.74 48.57 -27.34
CA PRO B 125 -5.20 47.82 -26.19
C PRO B 125 -3.73 47.44 -26.32
N LEU B 126 -3.23 47.21 -27.54
CA LEU B 126 -1.84 46.81 -27.69
C LEU B 126 -0.88 47.90 -27.24
N VAL B 127 -1.22 49.16 -27.51
CA VAL B 127 -0.37 50.27 -27.09
C VAL B 127 -0.28 50.31 -25.57
N LEU B 128 -1.42 50.19 -24.89
CA LEU B 128 -1.40 50.18 -23.43
C LEU B 128 -0.65 48.97 -22.90
N ALA B 129 -0.77 47.83 -23.58
CA ALA B 129 -0.05 46.63 -23.17
C ALA B 129 1.46 46.84 -23.24
N ASP B 130 1.94 47.43 -24.34
CA ASP B 130 3.39 47.65 -24.42
C ASP B 130 3.84 48.79 -23.50
N ARG B 131 2.96 49.73 -23.19
CA ARG B 131 3.28 50.76 -22.21
C ARG B 131 3.48 50.13 -20.83
N VAL B 132 2.61 49.18 -20.46
CA VAL B 132 2.81 48.43 -19.23
C VAL B 132 4.07 47.57 -19.32
N ALA B 133 4.35 47.05 -20.51
CA ALA B 133 5.57 46.25 -20.70
C ALA B 133 6.82 47.06 -20.40
N LYS B 134 6.88 48.29 -20.90
CA LYS B 134 7.97 49.19 -20.58
C LYS B 134 7.70 49.98 -19.31
N ALA B 135 7.35 49.27 -18.23
CA ALA B 135 7.19 49.88 -16.92
C ALA B 135 7.71 49.02 -15.78
N GLY B 136 7.97 47.74 -16.02
CA GLY B 136 8.44 46.87 -14.96
C GLY B 136 7.37 46.23 -14.11
N ILE B 137 6.09 46.34 -14.50
CA ILE B 137 5.02 45.73 -13.72
C ILE B 137 5.20 44.23 -13.71
N VAL B 138 5.18 43.64 -12.53
CA VAL B 138 5.62 42.25 -12.38
C VAL B 138 4.61 41.42 -11.60
N GLY B 139 3.42 41.97 -11.35
CA GLY B 139 2.41 41.21 -10.65
C GLY B 139 2.75 40.98 -9.19
N LEU B 140 2.69 42.05 -8.38
CA LEU B 140 3.09 41.98 -6.97
C LEU B 140 2.06 41.19 -6.18
N GLY B 141 2.04 39.88 -6.45
CA GLY B 141 1.14 38.99 -5.74
C GLY B 141 1.85 37.76 -5.18
N GLY B 142 3.11 37.59 -5.56
CA GLY B 142 3.87 36.45 -5.11
C GLY B 142 4.37 35.58 -6.25
N ALA B 143 3.55 35.44 -7.29
CA ALA B 143 3.95 34.65 -8.45
C ALA B 143 4.96 35.37 -9.33
N ILE B 144 5.17 36.67 -9.09
CA ILE B 144 6.06 37.56 -9.85
C ILE B 144 6.09 37.20 -11.33
N PHE B 145 4.91 37.09 -11.94
CA PHE B 145 4.82 36.88 -13.38
C PHE B 145 4.58 38.21 -14.06
N PRO B 146 5.27 38.51 -15.15
CA PRO B 146 5.10 39.82 -15.80
C PRO B 146 3.66 40.07 -16.20
N ALA B 147 3.20 41.30 -15.94
CA ALA B 147 1.81 41.64 -16.24
C ALA B 147 1.57 41.84 -17.72
N ALA B 148 2.58 42.31 -18.45
CA ALA B 148 2.39 42.55 -19.88
C ALA B 148 2.09 41.27 -20.64
N VAL B 149 2.82 40.19 -20.33
CA VAL B 149 2.57 38.91 -20.98
C VAL B 149 1.18 38.40 -20.66
N LYS B 150 0.77 38.51 -19.39
CA LYS B 150 -0.56 38.06 -19.00
C LYS B 150 -1.64 38.84 -19.73
N LEU B 151 -1.49 40.16 -19.82
CA LEU B 151 -2.48 40.99 -20.52
C LEU B 151 -2.52 40.65 -22.01
N LYS B 152 -1.35 40.46 -22.63
CA LYS B 152 -1.31 40.12 -24.04
C LYS B 152 -1.99 38.78 -24.32
N GLN B 153 -1.75 37.79 -23.45
CA GLN B 153 -2.42 36.50 -23.62
C GLN B 153 -3.92 36.64 -23.37
N GLY B 154 -4.32 37.53 -22.46
CA GLY B 154 -5.74 37.75 -22.22
C GLY B 154 -6.43 38.39 -23.40
N THR B 155 -5.74 39.28 -24.11
CA THR B 155 -6.37 40.00 -25.22
C THR B 155 -6.78 39.05 -26.34
N ARG B 156 -5.97 38.03 -26.62
CA ARG B 156 -6.26 37.13 -27.73
C ARG B 156 -7.53 36.32 -27.49
N HIS B 157 -7.79 35.94 -26.25
CA HIS B 157 -8.99 35.19 -25.92
C HIS B 157 -10.14 36.16 -25.64
N GLU B 158 -11.29 35.64 -25.22
CA GLU B 158 -12.43 36.45 -24.83
C GLU B 158 -12.52 36.46 -23.31
N ILE B 159 -12.47 37.65 -22.73
CA ILE B 159 -12.54 37.81 -21.28
C ILE B 159 -13.92 38.34 -20.93
N LYS B 160 -14.61 37.63 -20.02
CA LYS B 160 -15.94 38.02 -19.59
C LYS B 160 -15.96 38.63 -18.20
N THR B 161 -14.81 38.67 -17.51
CA THR B 161 -14.75 39.21 -16.15
C THR B 161 -13.29 39.45 -15.79
N VAL B 162 -13.02 40.65 -15.26
CA VAL B 162 -11.70 40.99 -14.76
C VAL B 162 -11.78 40.95 -13.24
N LEU B 163 -11.02 40.05 -12.63
CA LEU B 163 -11.08 39.82 -11.19
C LEU B 163 -9.88 40.48 -10.52
N VAL B 164 -10.16 41.35 -9.55
CA VAL B 164 -9.12 41.99 -8.76
C VAL B 164 -8.94 41.19 -7.48
N ASN B 165 -7.75 40.64 -7.28
CA ASN B 165 -7.49 39.72 -6.17
C ASN B 165 -7.06 40.53 -4.95
N GLY B 166 -8.03 41.23 -4.37
CA GLY B 166 -7.81 41.99 -3.16
C GLY B 166 -8.02 41.21 -1.88
N SER B 167 -8.27 39.90 -1.96
CA SER B 167 -8.53 39.08 -0.78
C SER B 167 -7.20 38.62 -0.20
N GLU B 168 -6.54 39.53 0.52
CA GLU B 168 -5.31 39.20 1.22
C GLU B 168 -5.61 38.17 2.29
N CYS B 169 -4.94 37.01 2.23
CA CYS B 169 -5.30 35.88 3.06
C CYS B 169 -4.20 35.40 3.99
N GLU B 170 -2.94 35.74 3.72
CA GLU B 170 -1.86 35.28 4.57
C GLU B 170 -1.97 35.91 5.96
N PRO B 171 -1.69 35.16 7.01
CA PRO B 171 -1.64 35.76 8.35
C PRO B 171 -0.49 36.74 8.47
N TYR B 172 -0.67 37.72 9.36
CA TYR B 172 0.27 38.78 9.71
C TYR B 172 0.41 39.83 8.63
N LEU B 173 -0.20 39.67 7.45
CA LEU B 173 0.01 40.57 6.33
C LEU B 173 -1.20 41.50 6.18
N THR B 174 -0.91 42.81 6.06
CA THR B 174 -1.97 43.80 5.91
C THR B 174 -1.62 44.86 4.87
N CYS B 175 -0.71 44.57 3.94
CA CYS B 175 -0.35 45.56 2.93
C CYS B 175 -1.52 45.86 1.99
N ASP B 176 -2.23 44.82 1.55
CA ASP B 176 -3.38 45.04 0.68
C ASP B 176 -4.48 45.80 1.39
N ASP B 177 -4.65 45.55 2.69
CA ASP B 177 -5.68 46.24 3.45
C ASP B 177 -5.48 47.75 3.40
N ARG B 178 -4.26 48.21 3.70
CA ARG B 178 -4.01 49.64 3.68
C ARG B 178 -3.98 50.19 2.25
N ILE B 179 -3.45 49.41 1.30
CA ILE B 179 -3.38 49.89 -0.07
C ILE B 179 -4.78 50.05 -0.65
N MET B 180 -5.76 49.34 -0.11
CA MET B 180 -7.14 49.52 -0.52
C MET B 180 -7.87 50.55 0.33
N ARG B 181 -7.48 50.73 1.58
CA ARG B 181 -8.10 51.75 2.41
C ARG B 181 -7.75 53.15 1.93
N GLU B 182 -6.49 53.38 1.58
CA GLU B 182 -6.02 54.73 1.31
C GLU B 182 -6.06 55.12 -0.17
N ARG B 183 -5.96 54.15 -1.08
CA ARG B 183 -5.84 54.43 -2.51
C ARG B 183 -6.91 53.69 -3.30
N ALA B 184 -8.16 53.78 -2.85
CA ALA B 184 -9.26 53.09 -3.53
C ALA B 184 -9.50 53.66 -4.93
N GLU B 185 -9.43 54.99 -5.06
CA GLU B 185 -9.70 55.61 -6.35
C GLU B 185 -8.71 55.16 -7.41
N ALA B 186 -7.43 55.09 -7.06
CA ALA B 186 -6.41 54.64 -8.02
C ALA B 186 -6.65 53.19 -8.42
N ILE B 187 -7.02 52.34 -7.46
CA ILE B 187 -7.30 50.94 -7.77
C ILE B 187 -8.49 50.82 -8.70
N VAL B 188 -9.53 51.61 -8.46
CA VAL B 188 -10.71 51.58 -9.34
C VAL B 188 -10.34 52.05 -10.75
N ASP B 189 -9.54 53.11 -10.85
CA ASP B 189 -9.12 53.59 -12.15
C ASP B 189 -8.26 52.54 -12.88
N GLY B 190 -7.39 51.86 -12.14
CA GLY B 190 -6.60 50.80 -12.75
C GLY B 190 -7.45 49.63 -13.21
N ALA B 191 -8.48 49.28 -12.43
CA ALA B 191 -9.39 48.24 -12.86
C ALA B 191 -10.13 48.64 -14.13
N ARG B 192 -10.56 49.90 -14.23
CA ARG B 192 -11.20 50.37 -15.44
C ARG B 192 -10.25 50.33 -16.63
N LEU B 193 -8.98 50.72 -16.41
CA LEU B 193 -8.00 50.67 -17.49
C LEU B 193 -7.76 49.23 -17.96
N ILE B 194 -7.70 48.29 -17.02
CA ILE B 194 -7.56 46.88 -17.39
C ILE B 194 -8.78 46.40 -18.15
N GLN B 195 -9.97 46.83 -17.72
CA GLN B 195 -11.20 46.46 -18.43
C GLN B 195 -11.22 47.04 -19.84
N HIS B 196 -10.60 48.20 -20.04
CA HIS B 196 -10.49 48.74 -21.39
C HIS B 196 -9.47 47.98 -22.22
N ILE B 197 -8.36 47.59 -21.61
CA ILE B 197 -7.32 46.85 -22.33
C ILE B 197 -7.87 45.51 -22.79
N LEU B 198 -8.47 44.75 -21.88
CA LEU B 198 -9.10 43.48 -22.19
C LEU B 198 -10.60 43.72 -22.32
N ARG B 199 -11.12 43.66 -23.54
CA ARG B 199 -12.51 44.00 -23.78
C ARG B 199 -13.38 43.00 -23.03
N ALA B 200 -13.93 43.43 -21.90
CA ALA B 200 -14.63 42.55 -20.98
C ALA B 200 -16.00 43.11 -20.62
N TYR B 201 -16.66 42.50 -19.64
CA TYR B 201 -18.01 42.87 -19.24
C TYR B 201 -18.05 43.67 -17.94
N SER B 202 -17.41 43.17 -16.89
CA SER B 202 -17.44 43.84 -15.59
C SER B 202 -16.25 43.37 -14.77
N VAL B 203 -15.92 44.16 -13.74
CA VAL B 203 -14.89 43.81 -12.77
C VAL B 203 -15.56 43.48 -11.45
N VAL B 204 -15.01 42.51 -10.74
CA VAL B 204 -15.70 41.82 -9.64
C VAL B 204 -14.87 41.92 -8.36
N ILE B 205 -14.23 43.07 -8.13
CA ILE B 205 -13.21 43.25 -7.09
C ILE B 205 -13.63 42.57 -5.79
N ALA B 206 -12.78 41.70 -5.27
CA ALA B 206 -13.12 40.83 -4.15
C ALA B 206 -12.21 41.11 -2.96
N ILE B 207 -12.79 41.22 -1.78
CA ILE B 207 -12.06 41.40 -0.54
C ILE B 207 -12.63 40.42 0.49
N GLU B 208 -11.79 40.01 1.43
CA GLU B 208 -12.27 39.14 2.51
C GLU B 208 -13.14 39.93 3.48
N ASP B 209 -14.03 39.19 4.16
CA ASP B 209 -14.99 39.81 5.06
C ASP B 209 -14.38 40.30 6.37
N ASN B 210 -13.11 39.97 6.64
CA ASN B 210 -12.43 40.45 7.82
C ASN B 210 -11.78 41.82 7.60
N LYS B 211 -12.15 42.51 6.53
CA LYS B 211 -11.65 43.86 6.24
C LYS B 211 -12.84 44.77 5.96
N PRO B 212 -13.64 45.08 6.98
CA PRO B 212 -14.80 45.95 6.74
C PRO B 212 -14.43 47.34 6.26
N GLU B 213 -13.31 47.89 6.74
CA GLU B 213 -12.89 49.22 6.30
C GLU B 213 -12.55 49.24 4.82
N ALA B 214 -11.83 48.22 4.35
CA ALA B 214 -11.51 48.13 2.93
C ALA B 214 -12.76 47.98 2.08
N LEU B 215 -13.70 47.15 2.52
CA LEU B 215 -14.96 46.98 1.79
C LEU B 215 -15.71 48.30 1.71
N ALA B 216 -15.82 49.01 2.82
CA ALA B 216 -16.54 50.28 2.82
C ALA B 216 -15.87 51.30 1.92
N ALA B 217 -14.54 51.40 1.99
CA ALA B 217 -13.82 52.36 1.16
C ALA B 217 -13.97 52.03 -0.32
N MET B 218 -13.85 50.75 -0.68
CA MET B 218 -13.98 50.36 -2.08
C MET B 218 -15.39 50.60 -2.59
N ARG B 219 -16.40 50.29 -1.78
CA ARG B 219 -17.78 50.53 -2.20
C ARG B 219 -18.05 52.03 -2.36
N ALA B 220 -17.50 52.85 -1.47
CA ALA B 220 -17.66 54.30 -1.61
C ALA B 220 -16.97 54.81 -2.87
N ALA B 221 -15.78 54.29 -3.16
CA ALA B 221 -15.04 54.77 -4.32
C ALA B 221 -15.69 54.35 -5.63
N ALA B 222 -16.16 53.11 -5.71
CA ALA B 222 -16.72 52.57 -6.94
C ALA B 222 -18.23 52.37 -6.75
N GLU B 223 -18.99 53.44 -6.96
CA GLU B 223 -20.45 53.38 -6.84
C GLU B 223 -21.11 54.05 -8.03
N HIS B 224 -20.35 54.81 -8.81
CA HIS B 224 -20.89 55.56 -9.93
C HIS B 224 -20.54 54.99 -11.30
N PHE B 225 -19.62 54.02 -11.37
CA PHE B 225 -19.13 53.52 -12.65
C PHE B 225 -19.94 52.35 -13.18
N GLY B 226 -20.89 51.82 -12.42
CA GLY B 226 -21.79 50.81 -12.96
C GLY B 226 -21.29 49.39 -12.82
N ALA B 227 -20.65 48.88 -13.88
CA ALA B 227 -20.28 47.46 -13.94
C ALA B 227 -19.32 47.05 -12.83
N ILE B 228 -18.64 48.01 -12.19
CA ILE B 228 -17.76 47.67 -11.08
C ILE B 228 -18.56 47.04 -9.96
N GLU B 229 -18.04 45.96 -9.38
CA GLU B 229 -18.69 45.29 -8.26
C GLU B 229 -17.68 45.01 -7.17
N VAL B 230 -18.16 45.03 -5.93
CA VAL B 230 -17.36 44.72 -4.75
C VAL B 230 -17.99 43.51 -4.06
N MET B 231 -17.18 42.49 -3.81
CA MET B 231 -17.66 41.23 -3.25
C MET B 231 -16.89 40.90 -1.99
N ALA B 232 -17.55 40.23 -1.06
CA ALA B 232 -17.00 39.90 0.25
C ALA B 232 -16.87 38.37 0.34
N VAL B 233 -15.70 37.88 -0.03
CA VAL B 233 -15.41 36.45 0.01
C VAL B 233 -15.23 36.02 1.47
N PRO B 234 -15.41 34.73 1.80
CA PRO B 234 -15.28 34.30 3.20
C PRO B 234 -13.85 34.45 3.71
N ALA B 235 -13.69 34.21 5.01
CA ALA B 235 -12.40 34.32 5.67
C ALA B 235 -11.76 32.94 5.74
N LEU B 236 -11.23 32.50 4.59
CA LEU B 236 -10.56 31.22 4.47
C LEU B 236 -9.13 31.46 4.01
N TYR B 237 -8.21 30.60 4.47
CA TYR B 237 -6.80 30.83 4.15
C TYR B 237 -6.51 30.70 2.66
N PRO B 238 -6.77 29.54 2.00
CA PRO B 238 -6.44 29.41 0.58
C PRO B 238 -7.49 30.04 -0.33
N MET B 239 -7.95 31.24 0.04
CA MET B 239 -8.98 31.95 -0.71
C MET B 239 -8.40 32.97 -1.68
N GLY B 240 -7.24 33.52 -1.38
CA GLY B 240 -6.61 34.45 -2.29
C GLY B 240 -5.99 33.82 -3.51
N SER B 241 -5.88 32.50 -3.54
CA SER B 241 -5.33 31.82 -4.70
C SER B 241 -6.25 32.02 -5.89
N ALA B 242 -5.66 32.14 -7.09
CA ALA B 242 -6.44 32.37 -8.29
C ALA B 242 -7.38 31.20 -8.56
N LYS B 243 -6.88 29.98 -8.43
CA LYS B 243 -7.69 28.80 -8.75
C LYS B 243 -8.87 28.66 -7.79
N GLN B 244 -8.70 29.08 -6.53
CA GLN B 244 -9.80 29.02 -5.57
C GLN B 244 -10.71 30.23 -5.65
N LEU B 245 -10.15 31.42 -5.89
CA LEU B 245 -10.98 32.62 -5.99
C LEU B 245 -11.88 32.57 -7.22
N ILE B 246 -11.36 32.01 -8.32
CA ILE B 246 -12.18 31.86 -9.52
C ILE B 246 -13.35 30.94 -9.25
N GLN B 247 -13.11 29.83 -8.54
CA GLN B 247 -14.21 28.93 -8.19
C GLN B 247 -15.20 29.61 -7.25
N ALA B 248 -14.71 30.39 -6.29
CA ALA B 248 -15.59 31.04 -5.34
C ALA B 248 -16.47 32.09 -6.01
N VAL B 249 -15.91 32.84 -6.96
CA VAL B 249 -16.64 33.94 -7.58
C VAL B 249 -17.49 33.43 -8.74
N THR B 250 -16.85 32.87 -9.77
CA THR B 250 -17.57 32.47 -10.97
C THR B 250 -18.40 31.20 -10.73
N GLY B 251 -17.82 30.23 -10.04
CA GLY B 251 -18.44 28.94 -9.85
C GLY B 251 -17.86 27.82 -10.71
N ARG B 252 -17.02 28.17 -11.69
CA ARG B 252 -16.36 27.18 -12.52
C ARG B 252 -15.03 26.75 -11.89
N GLU B 253 -14.39 25.77 -12.49
CA GLU B 253 -13.07 25.31 -12.06
C GLU B 253 -12.11 25.42 -13.23
N VAL B 254 -10.94 26.00 -12.97
CA VAL B 254 -9.93 26.15 -14.03
C VAL B 254 -9.42 24.77 -14.43
N PRO B 255 -9.49 24.40 -15.70
CA PRO B 255 -9.06 23.06 -16.11
C PRO B 255 -7.59 22.82 -15.79
N ALA B 256 -7.28 21.57 -15.44
CA ALA B 256 -5.92 21.20 -15.10
C ALA B 256 -5.01 21.38 -16.31
N GLY B 257 -3.81 21.91 -16.05
CA GLY B 257 -2.89 22.21 -17.13
C GLY B 257 -3.40 23.28 -18.06
N GLY B 258 -4.17 24.24 -17.53
CA GLY B 258 -4.72 25.30 -18.33
C GLY B 258 -4.68 26.62 -17.59
N ARG B 259 -4.88 27.69 -18.35
CA ARG B 259 -4.80 29.04 -17.79
C ARG B 259 -6.18 29.54 -17.39
N SER B 260 -6.20 30.63 -16.63
CA SER B 260 -7.46 31.20 -16.16
C SER B 260 -8.27 31.85 -17.27
N THR B 261 -7.67 32.12 -18.43
CA THR B 261 -8.41 32.70 -19.54
C THR B 261 -9.36 31.70 -20.19
N ASP B 262 -9.21 30.40 -19.90
CA ASP B 262 -10.11 29.40 -20.44
C ASP B 262 -11.54 29.63 -19.96
N VAL B 263 -11.71 29.97 -18.69
CA VAL B 263 -13.03 30.24 -18.12
C VAL B 263 -13.34 31.73 -18.29
N GLY B 264 -12.48 32.43 -19.01
CA GLY B 264 -12.70 33.85 -19.30
C GLY B 264 -12.65 34.76 -18.10
N VAL B 265 -11.68 34.56 -17.21
CA VAL B 265 -11.49 35.42 -16.04
C VAL B 265 -10.00 35.67 -15.86
N LEU B 266 -9.64 36.94 -15.67
CA LEU B 266 -8.26 37.33 -15.42
C LEU B 266 -8.14 37.83 -13.98
N VAL B 267 -7.11 37.38 -13.28
CA VAL B 267 -6.90 37.68 -11.87
C VAL B 267 -5.69 38.60 -11.74
N HIS B 268 -5.87 39.70 -11.02
CA HIS B 268 -4.80 40.66 -10.76
C HIS B 268 -4.84 41.08 -9.31
N ASN B 269 -3.66 41.23 -8.71
CA ASN B 269 -3.57 41.63 -7.31
C ASN B 269 -3.90 43.11 -7.16
N ALA B 270 -4.29 43.49 -5.93
CA ALA B 270 -4.69 44.86 -5.66
C ALA B 270 -3.51 45.84 -5.74
N GLY B 271 -2.28 45.35 -5.61
CA GLY B 271 -1.13 46.21 -5.76
C GLY B 271 -0.70 46.30 -7.22
N THR B 272 -0.86 45.18 -7.94
CA THR B 272 -0.55 45.19 -9.36
C THR B 272 -1.48 46.12 -10.13
N VAL B 273 -2.76 46.16 -9.74
CA VAL B 273 -3.69 47.08 -10.38
C VAL B 273 -3.29 48.53 -10.13
N TYR B 274 -2.88 48.84 -8.91
CA TYR B 274 -2.43 50.20 -8.61
C TYR B 274 -1.17 50.55 -9.41
N ALA B 275 -0.24 49.61 -9.51
CA ALA B 275 0.97 49.85 -10.30
C ALA B 275 0.64 50.08 -11.77
N ILE B 276 -0.29 49.28 -12.31
CA ILE B 276 -0.72 49.46 -13.70
C ILE B 276 -1.37 50.81 -13.90
N GLN B 277 -2.21 51.23 -12.94
CA GLN B 277 -2.83 52.55 -13.03
C GLN B 277 -1.78 53.66 -13.03
N GLN B 278 -0.79 53.54 -12.14
CA GLN B 278 0.27 54.55 -12.09
C GLN B 278 1.04 54.59 -13.42
N ALA B 279 1.40 53.41 -13.94
CA ALA B 279 2.17 53.36 -15.17
C ALA B 279 1.40 53.94 -16.34
N LEU B 280 0.11 53.63 -16.45
CA LEU B 280 -0.68 54.11 -17.58
C LEU B 280 -0.97 55.61 -17.46
N ARG B 281 -1.39 56.06 -16.28
CA ARG B 281 -1.78 57.47 -16.12
C ARG B 281 -0.58 58.41 -16.13
N PHE B 282 0.47 58.08 -15.37
CA PHE B 282 1.57 59.02 -15.18
C PHE B 282 2.89 58.58 -15.79
N GLY B 283 2.99 57.34 -16.26
CA GLY B 283 4.23 56.87 -16.83
C GLY B 283 5.28 56.45 -15.82
N ARG B 284 4.94 56.45 -14.54
CA ARG B 284 5.91 56.06 -13.51
C ARG B 284 6.12 54.56 -13.55
N PRO B 285 7.36 54.09 -13.68
CA PRO B 285 7.61 52.64 -13.67
C PRO B 285 7.47 52.06 -12.28
N LEU B 286 7.56 50.74 -12.16
CA LEU B 286 7.46 50.07 -10.86
C LEU B 286 8.78 50.29 -10.13
N ILE B 287 8.76 51.14 -9.10
CA ILE B 287 9.95 51.53 -8.39
C ILE B 287 9.88 51.17 -6.91
N SER B 288 8.74 51.45 -6.27
CA SER B 288 8.55 51.17 -4.86
C SER B 288 7.24 50.43 -4.66
N ARG B 289 7.16 49.67 -3.57
CA ARG B 289 5.95 48.91 -3.26
C ARG B 289 5.64 49.11 -1.77
N VAL B 290 4.69 48.34 -1.26
CA VAL B 290 4.26 48.42 0.13
C VAL B 290 4.52 47.08 0.80
N VAL B 291 5.22 47.11 1.93
CA VAL B 291 5.53 45.90 2.67
C VAL B 291 4.98 46.04 4.08
N THR B 292 4.84 44.90 4.77
CA THR B 292 4.32 44.84 6.12
C THR B 292 5.39 44.27 7.05
N VAL B 293 5.72 45.03 8.09
CA VAL B 293 6.67 44.60 9.10
C VAL B 293 5.87 44.28 10.35
N SER B 294 5.87 43.01 10.77
CA SER B 294 5.07 42.58 11.90
C SER B 294 5.81 41.47 12.64
N GLY B 295 5.18 40.97 13.69
CA GLY B 295 5.80 39.97 14.55
C GLY B 295 5.92 40.47 15.97
N ALA B 296 6.14 39.54 16.91
CA ALA B 296 6.27 39.94 18.31
C ALA B 296 7.61 40.59 18.61
N CYS B 297 8.59 40.44 17.73
CA CYS B 297 9.93 40.96 17.95
C CYS B 297 10.11 42.39 17.45
N VAL B 298 9.10 42.97 16.82
CA VAL B 298 9.17 44.33 16.29
C VAL B 298 8.45 45.27 17.26
N LYS B 299 9.07 46.40 17.56
CA LYS B 299 8.47 47.35 18.50
C LYS B 299 7.13 47.86 18.00
N THR B 300 7.07 48.32 16.75
CA THR B 300 5.85 48.87 16.17
C THR B 300 5.62 48.26 14.80
N PRO B 301 4.81 47.21 14.70
CA PRO B 301 4.43 46.69 13.38
C PRO B 301 3.74 47.78 12.56
N GLN B 302 4.05 47.81 11.27
CA GLN B 302 3.58 48.90 10.42
C GLN B 302 3.60 48.43 8.97
N ASN B 303 3.13 49.30 8.08
CA ASN B 303 3.23 49.11 6.64
C ASN B 303 4.04 50.25 6.06
N LEU B 304 5.08 49.89 5.31
CA LEU B 304 6.06 50.85 4.83
C LEU B 304 6.08 50.89 3.31
N ASP B 305 6.19 52.09 2.75
CA ASP B 305 6.37 52.30 1.32
C ASP B 305 7.87 52.22 1.04
N VAL B 306 8.31 51.05 0.56
CA VAL B 306 9.72 50.71 0.46
C VAL B 306 10.15 50.72 -1.00
N LEU B 307 11.26 51.40 -1.27
CA LEU B 307 11.88 51.34 -2.58
C LEU B 307 12.48 49.96 -2.83
N ILE B 308 12.43 49.51 -4.08
CA ILE B 308 13.00 48.22 -4.44
C ILE B 308 14.51 48.26 -4.24
N GLY B 309 15.06 47.22 -3.63
CA GLY B 309 16.48 47.14 -3.35
C GLY B 309 16.89 47.64 -1.98
N THR B 310 15.96 48.15 -1.18
CA THR B 310 16.31 48.62 0.15
C THR B 310 16.64 47.42 1.05
N PRO B 311 17.77 47.45 1.75
CA PRO B 311 18.12 46.33 2.63
C PRO B 311 17.11 46.17 3.75
N VAL B 312 16.96 44.92 4.21
CA VAL B 312 15.99 44.58 5.24
C VAL B 312 16.29 45.31 6.55
N GLN B 313 17.58 45.48 6.87
CA GLN B 313 17.94 46.11 8.14
C GLN B 313 17.38 47.52 8.26
N ALA B 314 17.32 48.25 7.13
CA ALA B 314 16.72 49.58 7.16
C ALA B 314 15.24 49.51 7.53
N LEU B 315 14.52 48.55 6.96
CA LEU B 315 13.10 48.39 7.29
C LEU B 315 12.93 48.02 8.77
N ILE B 316 13.78 47.14 9.28
CA ILE B 316 13.68 46.75 10.69
C ILE B 316 13.97 47.93 11.60
N ASP B 317 14.98 48.74 11.26
CA ASP B 317 15.32 49.89 12.08
C ASP B 317 14.22 50.94 12.02
N ALA B 318 13.54 51.07 10.88
CA ALA B 318 12.50 52.08 10.75
C ALA B 318 11.35 51.83 11.71
N CYS B 319 10.92 50.57 11.86
CA CYS B 319 9.82 50.23 12.76
C CYS B 319 10.32 50.02 14.19
N GLY B 320 10.96 51.06 14.74
CA GLY B 320 11.46 50.99 16.10
C GLY B 320 12.72 50.16 16.23
N GLY B 321 12.58 48.85 16.03
CA GLY B 321 13.71 47.95 16.16
C GLY B 321 13.31 46.60 16.69
N LEU B 322 14.26 45.67 16.80
CA LEU B 322 13.98 44.33 17.28
C LEU B 322 13.84 44.38 18.80
N SER B 323 12.60 44.33 19.28
CA SER B 323 12.32 44.34 20.72
C SER B 323 12.41 42.91 21.26
N GLY B 324 13.65 42.43 21.31
CA GLY B 324 13.92 41.07 21.75
C GLY B 324 14.85 40.34 20.82
N ASP B 325 14.74 39.01 20.77
CA ASP B 325 15.57 38.21 19.89
C ASP B 325 14.69 37.35 18.99
N PRO B 326 14.86 37.46 17.67
CA PRO B 326 14.05 36.65 16.75
C PRO B 326 14.52 35.21 16.71
N GLN B 327 13.66 34.36 16.16
CA GLN B 327 14.00 32.96 15.93
C GLN B 327 14.04 32.63 14.45
N GLN B 328 13.10 33.15 13.66
CA GLN B 328 13.11 32.98 12.22
C GLN B 328 12.57 34.27 11.59
N LEU B 329 13.34 34.85 10.67
CA LEU B 329 12.90 36.02 9.93
C LEU B 329 12.31 35.56 8.60
N LEU B 330 11.04 35.88 8.38
CA LEU B 330 10.32 35.41 7.21
C LEU B 330 10.04 36.55 6.26
N LEU B 331 10.14 36.24 4.96
CA LEU B 331 9.89 37.19 3.88
C LEU B 331 8.58 36.77 3.23
N GLY B 332 7.48 37.25 3.81
CA GLY B 332 6.15 36.85 3.40
C GLY B 332 5.36 36.29 4.57
N GLY B 333 4.19 35.75 4.26
CA GLY B 333 3.35 35.15 5.26
C GLY B 333 3.98 33.91 5.85
N PRO B 334 3.55 33.54 7.06
CA PRO B 334 4.13 32.35 7.71
C PRO B 334 3.88 31.06 6.95
N MET B 335 2.79 30.97 6.20
CA MET B 335 2.45 29.74 5.49
C MET B 335 3.26 29.54 4.21
N MET B 336 3.85 30.60 3.67
CA MET B 336 4.65 30.47 2.45
C MET B 336 5.94 31.29 2.51
N GLY B 337 6.37 31.73 3.69
CA GLY B 337 7.55 32.56 3.77
C GLY B 337 8.84 31.77 3.61
N ALA B 338 9.93 32.50 3.44
CA ALA B 338 11.26 31.94 3.30
C ALA B 338 12.17 32.54 4.36
N VAL B 339 13.02 31.71 4.94
CA VAL B 339 13.90 32.16 6.01
C VAL B 339 14.99 33.04 5.42
N LEU B 340 15.07 34.28 5.90
CA LEU B 340 16.10 35.19 5.44
C LEU B 340 17.46 34.76 6.00
N PRO B 341 18.50 34.69 5.16
CA PRO B 341 19.83 34.33 5.66
C PRO B 341 20.39 35.35 6.63
N SER B 342 20.21 36.64 6.30
CA SER B 342 20.71 37.72 7.13
C SER B 342 19.83 38.95 6.92
N THR B 343 20.21 40.05 7.55
CA THR B 343 19.47 41.30 7.45
C THR B 343 20.00 42.21 6.35
N GLU B 344 20.99 41.77 5.58
CA GLU B 344 21.54 42.56 4.48
C GLU B 344 20.83 42.26 3.16
N VAL B 345 19.85 41.37 3.16
CA VAL B 345 19.14 40.99 1.93
C VAL B 345 18.27 42.16 1.49
N PRO B 346 18.22 42.48 0.18
CA PRO B 346 17.38 43.58 -0.29
C PRO B 346 15.91 43.23 -0.34
N VAL B 347 15.08 44.14 -0.86
CA VAL B 347 13.65 43.92 -1.00
C VAL B 347 13.33 43.88 -2.48
N ILE B 348 13.02 42.70 -3.00
CA ILE B 348 12.63 42.53 -4.39
C ILE B 348 11.17 42.89 -4.57
N LYS B 349 10.73 43.02 -5.82
CA LYS B 349 9.33 43.36 -6.09
C LYS B 349 8.36 42.34 -5.51
N GLY B 350 8.78 41.09 -5.39
CA GLY B 350 7.94 40.04 -4.87
C GLY B 350 7.89 39.92 -3.37
N ALA B 351 8.63 40.76 -2.65
CA ALA B 351 8.61 40.72 -1.19
C ALA B 351 7.29 41.26 -0.68
N THR B 352 6.62 40.49 0.18
CA THR B 352 5.31 40.85 0.70
C THR B 352 5.36 41.27 2.17
N GLY B 353 6.22 40.65 2.96
CA GLY B 353 6.32 40.97 4.37
C GLY B 353 7.71 40.75 4.90
N LEU B 354 7.92 41.21 6.12
CA LEU B 354 9.19 41.12 6.83
C LEU B 354 8.97 40.61 8.25
N LEU B 355 8.24 39.52 8.37
CA LEU B 355 7.81 39.04 9.68
C LEU B 355 9.00 38.63 10.54
N ALA B 356 8.96 39.02 11.81
CA ALA B 356 9.95 38.65 12.82
C ALA B 356 9.22 37.88 13.91
N LEU B 357 9.14 36.56 13.76
CA LEU B 357 8.37 35.72 14.66
C LEU B 357 9.19 35.37 15.89
N ALA B 358 8.57 35.46 17.07
CA ALA B 358 9.21 35.13 18.33
C ALA B 358 9.05 33.62 18.60
N ARG B 359 9.46 33.18 19.79
CA ARG B 359 9.39 31.76 20.11
C ARG B 359 7.97 31.32 20.43
N HIS B 360 7.16 32.18 21.04
CA HIS B 360 5.79 31.81 21.39
C HIS B 360 4.84 31.89 20.21
N GLU B 361 5.27 32.43 19.07
CA GLU B 361 4.47 32.44 17.86
C GLU B 361 4.81 31.31 16.91
N LEU B 362 6.01 30.74 16.99
CA LEU B 362 6.43 29.60 16.19
C LEU B 362 6.05 28.30 16.90
N PRO B 363 5.33 27.40 16.23
CA PRO B 363 4.99 26.13 16.87
C PRO B 363 6.23 25.27 17.06
N ASN B 364 6.20 24.47 18.12
CA ASN B 364 7.23 23.47 18.37
C ASN B 364 6.71 22.09 17.97
N LYS B 365 7.53 21.36 17.22
CA LYS B 365 7.08 20.16 16.56
C LYS B 365 7.98 18.99 16.94
N ASP B 366 7.48 17.78 16.72
CA ASP B 366 8.16 16.52 17.00
C ASP B 366 7.59 15.46 16.08
N PRO B 367 8.19 15.24 14.90
CA PRO B 367 7.61 14.33 13.91
C PRO B 367 7.34 12.93 14.43
N ALA B 368 6.19 12.39 14.06
CA ALA B 368 5.76 11.05 14.45
C ALA B 368 5.23 10.34 13.22
N PRO B 369 5.19 9.01 13.24
CA PRO B 369 4.68 8.28 12.08
C PRO B 369 3.23 8.63 11.77
N CYS B 370 2.90 8.64 10.49
CA CYS B 370 1.55 8.99 10.05
C CYS B 370 0.53 8.00 10.59
N ILE B 371 -0.57 8.52 11.13
CA ILE B 371 -1.64 7.69 11.66
C ILE B 371 -2.81 7.57 10.70
N ARG B 372 -2.69 8.12 9.49
CA ARG B 372 -3.73 8.02 8.46
C ARG B 372 -5.08 8.55 8.97
N CYS B 373 -5.03 9.67 9.70
CA CYS B 373 -6.26 10.29 10.20
C CYS B 373 -7.08 10.94 9.11
N ALA B 374 -6.54 11.10 7.91
CA ALA B 374 -7.22 11.68 6.75
C ALA B 374 -7.66 13.12 6.99
N SER B 375 -6.98 13.85 7.87
CA SER B 375 -7.26 15.27 8.03
C SER B 375 -6.58 16.12 6.96
N CYS B 376 -5.63 15.55 6.21
CA CYS B 376 -5.03 16.25 5.08
C CYS B 376 -5.99 16.30 3.90
N VAL B 377 -6.71 15.20 3.65
CA VAL B 377 -7.61 15.14 2.50
C VAL B 377 -8.78 16.11 2.70
N ASP B 378 -9.25 16.25 3.94
CA ASP B 378 -10.37 17.14 4.22
C ASP B 378 -9.99 18.61 4.19
N ALA B 379 -8.69 18.93 4.13
CA ALA B 379 -8.24 20.32 4.13
C ALA B 379 -7.54 20.75 2.86
N CYS B 380 -7.19 19.82 1.97
CA CYS B 380 -6.48 20.17 0.75
C CYS B 380 -7.43 20.89 -0.20
N PRO B 381 -7.14 22.13 -0.61
CA PRO B 381 -8.04 22.83 -1.54
C PRO B 381 -8.16 22.15 -2.89
N MET B 382 -7.12 21.47 -3.35
CA MET B 382 -7.13 20.83 -4.65
C MET B 382 -7.73 19.43 -4.63
N GLY B 383 -8.19 18.96 -3.47
CA GLY B 383 -8.77 17.64 -3.38
C GLY B 383 -7.82 16.50 -3.64
N LEU B 384 -6.59 16.59 -3.14
CA LEU B 384 -5.59 15.57 -3.32
C LEU B 384 -5.52 14.67 -2.09
N THR B 385 -4.58 13.73 -2.10
CA THR B 385 -4.32 12.84 -0.96
C THR B 385 -2.88 13.08 -0.53
N PRO B 386 -2.64 14.03 0.36
CA PRO B 386 -1.26 14.36 0.75
C PRO B 386 -0.49 13.21 1.37
N LEU B 387 -1.16 12.31 2.09
CA LEU B 387 -0.45 11.21 2.72
C LEU B 387 0.20 10.29 1.70
N ASP B 388 -0.53 9.97 0.62
CA ASP B 388 0.03 9.12 -0.42
C ASP B 388 1.18 9.80 -1.14
N MET B 389 1.03 11.10 -1.42
CA MET B 389 2.11 11.83 -2.08
C MET B 389 3.36 11.88 -1.21
N ALA B 390 3.19 12.09 0.10
CA ALA B 390 4.33 12.09 1.01
C ALA B 390 4.98 10.70 1.08
N LEU B 391 4.16 9.65 1.11
CA LEU B 391 4.70 8.29 1.14
C LEU B 391 5.52 7.99 -0.10
N TYR B 392 5.02 8.41 -1.27
CA TYR B 392 5.76 8.14 -2.51
C TYR B 392 6.98 9.04 -2.65
N ALA B 393 6.93 10.26 -2.10
CA ALA B 393 8.08 11.14 -2.18
C ALA B 393 9.18 10.73 -1.20
N ARG B 394 8.81 10.13 -0.07
CA ARG B 394 9.82 9.69 0.89
C ARG B 394 10.58 8.48 0.39
N ALA B 395 9.95 7.67 -0.46
CA ALA B 395 10.59 6.49 -1.05
C ALA B 395 11.27 6.79 -2.37
N ASP B 396 11.42 8.08 -2.73
CA ASP B 396 12.04 8.53 -3.97
C ASP B 396 11.29 8.04 -5.20
N ASP B 397 10.00 7.78 -5.09
CA ASP B 397 9.16 7.43 -6.24
C ASP B 397 8.39 8.67 -6.69
N TYR B 398 9.11 9.57 -7.36
CA TYR B 398 8.50 10.81 -7.84
C TYR B 398 7.47 10.54 -8.92
N ASP B 399 7.71 9.54 -9.78
CA ASP B 399 6.76 9.23 -10.83
C ASP B 399 5.44 8.76 -10.27
N GLY B 400 5.48 7.95 -9.20
CA GLY B 400 4.25 7.54 -8.55
C GLY B 400 3.63 8.65 -7.73
N ALA B 401 4.43 9.60 -7.25
CA ALA B 401 3.89 10.73 -6.51
C ALA B 401 3.13 11.67 -7.44
N SER B 402 3.61 11.82 -8.68
CA SER B 402 2.91 12.68 -9.64
C SER B 402 1.52 12.16 -9.96
N GLU B 403 1.31 10.85 -9.87
CA GLU B 403 0.00 10.29 -10.18
C GLU B 403 -1.04 10.68 -9.14
N TYR B 404 -0.63 10.85 -7.88
CA TYR B 404 -1.55 11.14 -6.79
C TYR B 404 -1.84 12.62 -6.63
N GLY B 405 -1.26 13.48 -7.46
CA GLY B 405 -1.61 14.88 -7.43
C GLY B 405 -0.45 15.83 -7.17
N LEU B 406 0.78 15.32 -7.26
CA LEU B 406 1.94 16.19 -7.08
C LEU B 406 2.03 17.23 -8.19
N ARG B 407 1.43 16.95 -9.34
CA ARG B 407 1.41 17.93 -10.43
C ARG B 407 0.58 19.15 -10.06
N ASP B 408 -0.57 18.94 -9.44
CA ASP B 408 -1.52 20.01 -9.17
C ASP B 408 -1.28 20.72 -7.85
N CYS B 409 -0.30 20.28 -7.06
CA CYS B 409 -0.06 20.91 -5.77
C CYS B 409 0.42 22.34 -5.94
N ILE B 410 -0.14 23.24 -5.13
CA ILE B 410 0.22 24.66 -5.16
C ILE B 410 1.07 25.06 -3.96
N LEU B 411 1.46 24.11 -3.12
CA LEU B 411 2.32 24.37 -1.96
C LEU B 411 1.72 25.42 -1.04
N CYS B 412 0.40 25.34 -0.83
CA CYS B 412 -0.29 26.33 0.00
C CYS B 412 -0.02 26.13 1.48
N GLY B 413 0.39 24.94 1.91
CA GLY B 413 0.71 24.69 3.30
C GLY B 413 -0.45 24.23 4.17
N CYS B 414 -1.61 23.94 3.58
CA CYS B 414 -2.71 23.42 4.37
C CYS B 414 -2.47 22.00 4.84
N CYS B 415 -1.49 21.30 4.26
CA CYS B 415 -1.14 19.96 4.71
C CYS B 415 -0.62 19.97 6.14
N SER B 416 0.53 20.62 6.34
CA SER B 416 1.20 20.56 7.64
C SER B 416 0.45 21.35 8.71
N TYR B 417 -0.54 22.16 8.34
CA TYR B 417 -1.24 22.95 9.34
C TYR B 417 -2.24 22.11 10.14
N VAL B 418 -2.73 21.01 9.58
CA VAL B 418 -3.74 20.20 10.24
C VAL B 418 -3.24 18.79 10.46
N CYS B 419 -1.93 18.63 10.64
CA CYS B 419 -1.35 17.31 10.81
C CYS B 419 -1.16 17.03 12.30
N PRO B 420 -1.87 16.04 12.87
CA PRO B 420 -1.67 15.71 14.29
C PRO B 420 -0.24 15.33 14.60
N SER B 421 0.28 14.34 13.88
CA SER B 421 1.70 13.99 13.97
C SER B 421 2.46 14.91 13.02
N HIS B 422 3.21 15.86 13.57
CA HIS B 422 3.74 16.96 12.77
C HIS B 422 4.72 16.46 11.72
N ILE B 423 4.29 16.46 10.46
CA ILE B 423 5.11 15.94 9.37
C ILE B 423 5.34 17.06 8.35
N PRO B 424 6.57 17.26 7.88
CA PRO B 424 6.83 18.28 6.84
C PRO B 424 6.39 17.82 5.46
N LEU B 425 5.07 17.75 5.28
CA LEU B 425 4.51 17.31 4.00
C LEU B 425 4.89 18.28 2.87
N VAL B 426 4.81 19.58 3.14
CA VAL B 426 5.17 20.57 2.13
C VAL B 426 6.65 20.47 1.79
N HIS B 427 7.50 20.16 2.78
CA HIS B 427 8.92 19.98 2.50
C HIS B 427 9.14 18.78 1.58
N TYR B 428 8.43 17.68 1.83
CA TYR B 428 8.54 16.52 0.95
C TYR B 428 8.09 16.87 -0.47
N PHE B 429 6.99 17.61 -0.60
CA PHE B 429 6.49 17.98 -1.92
C PHE B 429 7.48 18.88 -2.64
N GLN B 430 8.06 19.85 -1.93
CA GLN B 430 9.04 20.74 -2.56
C GLN B 430 10.29 19.96 -3.00
N TYR B 431 10.75 19.03 -2.16
CA TYR B 431 11.91 18.22 -2.53
C TYR B 431 11.62 17.38 -3.77
N ALA B 432 10.44 16.76 -3.82
CA ALA B 432 10.09 15.94 -4.98
C ALA B 432 9.98 16.78 -6.24
N LYS B 433 9.36 17.96 -6.14
CA LYS B 433 9.24 18.83 -7.30
C LYS B 433 10.61 19.32 -7.76
N GLY B 434 11.51 19.62 -6.82
CA GLY B 434 12.86 20.01 -7.20
C GLY B 434 13.61 18.90 -7.91
N GLN B 435 13.48 17.67 -7.43
CA GLN B 435 14.12 16.54 -8.11
C GLN B 435 13.55 16.34 -9.51
N GLN B 436 12.24 16.45 -9.65
CA GLN B 436 11.62 16.33 -10.97
C GLN B 436 12.11 17.43 -11.90
N ASP B 437 12.22 18.66 -11.39
CA ASP B 437 12.72 19.75 -12.21
C ASP B 437 14.17 19.53 -12.62
N GLU B 438 14.99 18.98 -11.71
CA GLU B 438 16.38 18.70 -12.06
C GLU B 438 16.46 17.65 -13.16
N ARG B 439 15.66 16.57 -13.04
CA ARG B 439 15.65 15.56 -14.09
C ARG B 439 15.19 16.14 -15.42
N ARG B 440 14.14 16.98 -15.39
CA ARG B 440 13.64 17.60 -16.60
C ARG B 440 14.69 18.50 -17.24
N SER B 441 15.42 19.27 -16.43
CA SER B 441 16.46 20.13 -16.95
C SER B 441 17.60 19.33 -17.56
N ALA B 442 17.97 18.22 -16.91
CA ALA B 442 19.01 17.37 -17.48
C ALA B 442 18.58 16.79 -18.82
N ALA B 443 17.33 16.33 -18.92
CA ALA B 443 16.84 15.80 -20.19
C ALA B 443 16.81 16.89 -21.26
N ARG B 444 16.38 18.10 -20.89
CA ARG B 444 16.36 19.21 -21.84
C ARG B 444 17.75 19.54 -22.35
N LYS B 445 18.73 19.59 -21.45
CA LYS B 445 20.10 19.87 -21.87
C LYS B 445 20.63 18.77 -22.78
N SER B 446 20.32 17.51 -22.46
CA SER B 446 20.77 16.41 -23.30
C SER B 446 20.16 16.51 -24.70
N ASP B 447 18.87 16.79 -24.80
CA ASP B 447 18.23 16.95 -26.10
C ASP B 447 18.85 18.10 -26.88
N TYR B 448 19.06 19.25 -26.21
CA TYR B 448 19.61 20.41 -26.88
C TYR B 448 21.02 20.14 -27.40
N ILE B 449 21.87 19.52 -26.57
CA ILE B 449 23.24 19.27 -26.99
C ILE B 449 23.28 18.24 -28.11
N LYS B 450 22.41 17.23 -28.06
CA LYS B 450 22.36 16.24 -29.14
C LYS B 450 21.94 16.90 -30.46
N ARG B 451 20.93 17.77 -30.41
CA ARG B 451 20.51 18.46 -31.63
C ARG B 451 21.62 19.36 -32.16
N GLN B 452 22.31 20.07 -31.27
CA GLN B 452 23.40 20.94 -31.70
C GLN B 452 24.52 20.14 -32.35
N THR B 453 24.88 19.00 -31.75
CA THR B 453 25.92 18.15 -32.34
C THR B 453 25.49 17.64 -33.71
N GLU B 454 24.24 17.21 -33.84
CA GLU B 454 23.76 16.72 -35.12
C GLU B 454 23.83 17.80 -36.19
N VAL B 455 23.35 19.02 -35.85
CA VAL B 455 23.35 20.10 -36.83
C VAL B 455 24.77 20.48 -37.22
N ARG B 456 25.66 20.61 -36.23
CA ARG B 456 27.04 21.00 -36.52
C ARG B 456 27.74 19.95 -37.37
N ALA B 457 27.56 18.67 -37.05
CA ALA B 457 28.16 17.61 -37.84
C ALA B 457 27.63 17.61 -39.27
N ALA B 458 26.31 17.77 -39.43
CA ALA B 458 25.73 17.77 -40.77
C ALA B 458 26.26 18.94 -41.60
N ARG B 459 26.30 20.14 -41.01
CA ARG B 459 26.77 21.29 -41.77
C ARG B 459 28.25 21.18 -42.10
N LEU B 460 29.06 20.69 -41.16
CA LEU B 460 30.49 20.51 -41.44
C LEU B 460 30.70 19.48 -42.54
N ALA B 461 29.94 18.36 -42.49
CA ALA B 461 30.08 17.33 -43.52
C ALA B 461 29.67 17.85 -44.89
N GLU B 462 28.56 18.59 -44.96
CA GLU B 462 28.12 19.09 -46.26
C GLU B 462 29.10 20.14 -46.80
N GLU B 463 29.64 20.98 -45.93
CA GLU B 463 30.64 21.96 -46.37
C GLU B 463 31.89 21.26 -46.90
N GLU B 464 32.36 20.24 -46.18
CA GLU B 464 33.54 19.51 -46.62
C GLU B 464 33.30 18.80 -47.94
N ALA B 465 32.12 18.18 -48.10
CA ALA B 465 31.80 17.51 -49.35
C ALA B 465 31.72 18.49 -50.51
N ALA B 466 31.09 19.65 -50.29
CA ALA B 466 31.01 20.65 -51.34
C ALA B 466 32.39 21.16 -51.73
N LYS B 467 33.25 21.42 -50.73
CA LYS B 467 34.60 21.89 -51.04
C LYS B 467 35.40 20.82 -51.80
N ALA B 468 35.27 19.55 -51.40
CA ALA B 468 35.97 18.49 -52.10
C ALA B 468 35.49 18.36 -53.54
N ALA B 469 34.17 18.46 -53.76
CA ALA B 469 33.64 18.39 -55.11
C ALA B 469 34.12 19.57 -55.95
N ALA B 470 34.15 20.77 -55.37
CA ALA B 470 34.63 21.93 -56.09
C ALA B 470 36.11 21.78 -56.46
N LYS B 471 36.92 21.26 -55.54
CA LYS B 471 38.34 21.06 -55.83
C LYS B 471 38.52 19.99 -56.90
N ALA B 472 37.72 18.93 -56.86
CA ALA B 472 37.81 17.90 -57.88
C ALA B 472 37.42 18.44 -59.26
N ALA B 473 36.41 19.31 -59.30
CA ALA B 473 36.02 19.93 -60.56
C ALA B 473 37.13 20.84 -61.08
N LYS B 474 37.79 21.58 -60.19
CA LYS B 474 38.85 22.50 -60.60
C LYS B 474 40.03 21.75 -61.21
N GLU B 475 40.45 20.65 -60.59
CA GLU B 475 41.63 19.93 -61.09
C GLU B 475 41.33 19.21 -62.40
N ALA B 476 40.07 18.87 -62.65
CA ALA B 476 39.71 18.23 -63.91
C ALA B 476 39.94 19.17 -65.09
N ALA B 477 39.58 20.44 -64.93
CA ALA B 477 39.78 21.41 -66.00
C ALA B 477 41.23 21.85 -66.12
N LYS B 478 42.08 21.49 -65.16
CA LYS B 478 43.49 21.86 -65.19
C LYS B 478 44.26 21.00 -66.20
N SER C 5 21.75 23.62 7.40
CA SER C 5 20.44 23.12 6.98
C SER C 5 19.37 24.18 7.16
N VAL C 6 18.65 24.47 6.08
CA VAL C 6 17.60 25.49 6.11
C VAL C 6 16.29 24.85 6.55
N ALA C 7 15.42 25.66 7.14
CA ALA C 7 14.12 25.21 7.61
C ALA C 7 13.06 25.49 6.55
N ALA C 8 12.10 24.57 6.42
CA ALA C 8 11.03 24.69 5.45
C ALA C 8 9.71 24.91 6.16
N GLY C 9 8.82 25.66 5.49
CA GLY C 9 7.54 26.00 6.07
C GLY C 9 6.56 24.85 5.96
N PRO C 10 5.30 25.14 6.35
CA PRO C 10 4.78 26.41 6.86
C PRO C 10 5.15 26.65 8.32
N PHE C 11 5.11 27.91 8.76
CA PHE C 11 5.48 28.27 10.13
C PHE C 11 4.27 28.54 11.00
N ALA C 12 3.19 27.80 10.78
CA ALA C 12 2.00 27.87 11.61
C ALA C 12 1.41 26.48 11.74
N HIS C 13 0.78 26.22 12.88
CA HIS C 13 0.23 24.90 13.14
C HIS C 13 -0.90 25.02 14.16
N ASP C 14 -1.93 24.20 14.00
CA ASP C 14 -3.04 24.18 14.95
C ASP C 14 -2.63 23.43 16.21
N ARG C 15 -3.57 23.36 17.15
CA ARG C 15 -3.33 22.68 18.43
C ARG C 15 -3.82 21.24 18.31
N SER C 16 -3.01 20.40 17.67
CA SER C 16 -3.36 18.99 17.46
C SER C 16 -2.14 18.15 17.78
N SER C 17 -2.38 16.88 18.09
CA SER C 17 -1.33 15.91 18.42
C SER C 17 -1.93 14.52 18.58
N VAL C 18 -1.11 13.49 18.36
CA VAL C 18 -1.58 12.12 18.54
C VAL C 18 -1.94 11.85 19.99
N ASN C 19 -1.17 12.44 20.93
CA ASN C 19 -1.43 12.24 22.34
C ASN C 19 -2.83 12.71 22.72
N ARG C 20 -3.23 13.89 22.23
CA ARG C 20 -4.55 14.41 22.54
C ARG C 20 -5.64 13.52 21.99
N ILE C 21 -5.47 13.02 20.76
CA ILE C 21 -6.49 12.16 20.15
C ILE C 21 -6.65 10.87 20.95
N MET C 22 -5.53 10.22 21.28
CA MET C 22 -5.60 8.95 22.01
C MET C 22 -6.18 9.16 23.41
N LEU C 23 -5.77 10.23 24.09
CA LEU C 23 -6.31 10.48 25.43
C LEU C 23 -7.79 10.82 25.38
N ASP C 24 -8.24 11.51 24.34
CA ASP C 24 -9.68 11.80 24.21
C ASP C 24 -10.46 10.53 23.93
N VAL C 25 -9.90 9.61 23.14
CA VAL C 25 -10.57 8.31 22.93
C VAL C 25 -10.67 7.55 24.25
N CYS C 26 -9.60 7.56 25.04
CA CYS C 26 -9.65 6.91 26.35
C CYS C 26 -10.67 7.57 27.26
N LEU C 27 -10.76 8.91 27.22
CA LEU C 27 -11.75 9.61 28.01
C LEU C 27 -13.17 9.24 27.60
N ALA C 28 -13.41 9.08 26.29
CA ALA C 28 -14.71 8.64 25.82
C ALA C 28 -15.02 7.22 26.27
N LEU C 29 -13.99 6.36 26.34
CA LEU C 29 -14.19 5.00 26.82
C LEU C 29 -14.35 4.93 28.34
N THR C 30 -13.94 5.97 29.06
CA THR C 30 -13.95 5.93 30.52
C THR C 30 -15.30 5.58 31.14
N PRO C 31 -16.43 6.19 30.77
CA PRO C 31 -17.67 5.91 31.51
C PRO C 31 -18.17 4.48 31.37
N ALA C 32 -18.12 3.92 30.16
CA ALA C 32 -18.55 2.53 29.99
C ALA C 32 -17.61 1.56 30.70
N THR C 33 -16.31 1.88 30.68
CA THR C 33 -15.36 1.05 31.41
C THR C 33 -15.64 1.08 32.91
N LEU C 34 -15.95 2.26 33.45
CA LEU C 34 -16.29 2.35 34.87
C LEU C 34 -17.57 1.56 35.18
N PHE C 35 -18.57 1.66 34.30
CA PHE C 35 -19.82 0.94 34.51
C PHE C 35 -19.57 -0.57 34.51
N GLY C 36 -18.73 -1.05 33.59
CA GLY C 36 -18.39 -2.46 33.56
C GLY C 36 -17.60 -2.90 34.77
N LEU C 37 -16.62 -2.10 35.20
CA LEU C 37 -15.78 -2.47 36.34
C LEU C 37 -16.58 -2.52 37.63
N VAL C 38 -17.49 -1.56 37.83
CA VAL C 38 -18.30 -1.56 39.05
C VAL C 38 -19.27 -2.74 39.06
N MET C 39 -19.81 -3.09 37.89
CA MET C 39 -20.82 -4.14 37.84
C MET C 39 -20.23 -5.52 38.14
N PHE C 40 -19.09 -5.85 37.54
CA PHE C 40 -18.54 -7.19 37.69
C PHE C 40 -17.65 -7.33 38.92
N GLY C 41 -17.13 -6.24 39.45
CA GLY C 41 -16.42 -6.26 40.72
C GLY C 41 -14.92 -6.22 40.57
N TRP C 42 -14.25 -6.75 41.59
CA TRP C 42 -12.79 -6.73 41.63
C TRP C 42 -12.11 -7.52 40.51
N PRO C 43 -12.56 -8.73 40.14
CA PRO C 43 -11.83 -9.46 39.09
C PRO C 43 -11.71 -8.70 37.78
N ALA C 44 -12.76 -7.95 37.40
CA ALA C 44 -12.67 -7.14 36.20
C ALA C 44 -11.60 -6.07 36.33
N ILE C 45 -11.51 -5.44 37.51
CA ILE C 45 -10.47 -4.44 37.76
C ILE C 45 -9.08 -5.07 37.64
N ASN C 46 -8.91 -6.24 38.23
CA ASN C 46 -7.62 -6.93 38.16
C ASN C 46 -7.24 -7.23 36.73
N LEU C 47 -8.18 -7.78 35.95
CA LEU C 47 -7.89 -8.12 34.57
C LEU C 47 -7.56 -6.87 33.75
N TRP C 48 -8.32 -5.79 33.94
CA TRP C 48 -8.08 -4.57 33.18
C TRP C 48 -6.71 -3.98 33.50
N LEU C 49 -6.36 -3.92 34.80
CA LEU C 49 -5.07 -3.39 35.18
C LEU C 49 -3.93 -4.25 34.63
N VAL C 50 -4.07 -5.58 34.72
CA VAL C 50 -3.01 -6.46 34.23
C VAL C 50 -2.84 -6.29 32.73
N THR C 51 -3.96 -6.23 31.98
CA THR C 51 -3.87 -6.07 30.53
C THR C 51 -3.19 -4.76 30.15
N CYS C 52 -3.61 -3.65 30.78
CA CYS C 52 -3.03 -2.36 30.43
C CYS C 52 -1.54 -2.30 30.76
N VAL C 53 -1.17 -2.78 31.96
CA VAL C 53 0.24 -2.72 32.36
C VAL C 53 1.09 -3.61 31.47
N SER C 54 0.60 -4.80 31.14
CA SER C 54 1.35 -5.70 30.26
C SER C 54 1.50 -5.10 28.87
N ALA C 55 0.45 -4.45 28.36
CA ALA C 55 0.55 -3.81 27.06
C ALA C 55 1.61 -2.71 27.07
N LEU C 56 1.62 -1.88 28.11
CA LEU C 56 2.62 -0.81 28.18
C LEU C 56 4.03 -1.38 28.28
N ALA C 57 4.22 -2.40 29.12
CA ALA C 57 5.55 -2.97 29.29
C ALA C 57 6.05 -3.62 28.01
N ILE C 58 5.19 -4.37 27.31
CA ILE C 58 5.61 -5.01 26.07
C ILE C 58 5.89 -3.97 25.00
N GLU C 59 5.11 -2.90 24.96
CA GLU C 59 5.39 -1.82 24.00
C GLU C 59 6.75 -1.20 24.29
N ALA C 60 7.07 -0.98 25.58
CA ALA C 60 8.38 -0.42 25.92
C ALA C 60 9.49 -1.36 25.50
N ALA C 61 9.33 -2.66 25.75
CA ALA C 61 10.36 -3.62 25.37
C ALA C 61 10.56 -3.66 23.86
N CYS C 62 9.46 -3.65 23.10
CA CYS C 62 9.56 -3.68 21.64
C CYS C 62 10.21 -2.40 21.11
N LEU C 63 9.89 -1.25 21.71
CA LEU C 63 10.55 -0.01 21.31
C LEU C 63 12.04 -0.06 21.60
N ARG C 64 12.42 -0.63 22.74
CA ARG C 64 13.84 -0.77 23.06
C ARG C 64 14.53 -1.68 22.05
N LEU C 65 13.88 -2.77 21.65
CA LEU C 65 14.52 -3.71 20.71
C LEU C 65 14.74 -3.06 19.35
N LEU C 66 13.75 -2.33 18.85
CA LEU C 66 13.84 -1.75 17.51
C LEU C 66 14.66 -0.46 17.47
N GLY C 67 15.04 0.09 18.62
CA GLY C 67 15.79 1.32 18.65
C GLY C 67 14.99 2.59 18.47
N GLN C 68 13.66 2.49 18.37
CA GLN C 68 12.82 3.67 18.23
C GLN C 68 12.85 4.49 19.52
N PRO C 69 12.63 5.80 19.41
CA PRO C 69 12.63 6.65 20.61
C PRO C 69 11.57 6.21 21.59
N MET C 70 11.91 6.31 22.89
CA MET C 70 10.97 5.91 23.94
C MET C 70 9.78 6.86 24.03
N ARG C 71 9.88 8.06 23.45
CA ARG C 71 8.77 9.00 23.48
C ARG C 71 7.52 8.43 22.81
N ARG C 72 7.68 7.48 21.90
CA ARG C 72 6.55 6.84 21.26
C ARG C 72 5.66 6.13 22.27
N LEU C 73 6.18 5.81 23.46
CA LEU C 73 5.36 5.21 24.50
C LEU C 73 4.38 6.20 25.11
N LEU C 74 4.61 7.51 24.95
CA LEU C 74 3.80 8.52 25.61
C LEU C 74 2.66 9.05 24.74
N ASP C 75 2.46 8.51 23.54
CA ASP C 75 1.37 8.97 22.69
C ASP C 75 0.06 8.25 22.97
N GLY C 76 0.06 7.23 23.81
CA GLY C 76 -1.15 6.52 24.17
C GLY C 76 -1.62 5.49 23.17
N SER C 77 -0.83 5.17 22.14
CA SER C 77 -1.26 4.19 21.15
C SER C 77 -1.27 2.78 21.72
N ALA C 78 -0.47 2.52 22.76
CA ALA C 78 -0.43 1.20 23.38
C ALA C 78 -1.46 1.06 24.50
N LEU C 79 -1.64 2.13 25.28
CA LEU C 79 -2.64 2.10 26.33
C LEU C 79 -4.04 1.92 25.77
N LEU C 80 -4.32 2.54 24.62
CA LEU C 80 -5.63 2.39 24.00
C LEU C 80 -5.86 0.96 23.54
N THR C 81 -4.86 0.33 22.93
CA THR C 81 -4.98 -1.07 22.53
C THR C 81 -5.21 -1.97 23.74
N GLY C 82 -4.44 -1.75 24.81
CA GLY C 82 -4.66 -2.52 26.03
C GLY C 82 -6.04 -2.31 26.61
N TRP C 83 -6.53 -1.08 26.60
CA TRP C 83 -7.84 -0.76 27.12
C TRP C 83 -8.93 -1.48 26.33
N LEU C 84 -8.87 -1.40 25.00
CA LEU C 84 -9.88 -2.04 24.17
C LEU C 84 -9.84 -3.56 24.31
N LEU C 85 -8.64 -4.14 24.36
CA LEU C 85 -8.56 -5.58 24.56
C LEU C 85 -9.10 -5.99 25.92
N ALA C 86 -8.80 -5.22 26.97
CA ALA C 86 -9.30 -5.55 28.30
C ALA C 86 -10.81 -5.46 28.37
N ILE C 87 -11.40 -4.42 27.78
CA ILE C 87 -12.85 -4.30 27.78
C ILE C 87 -13.52 -5.26 26.79
N SER C 88 -12.74 -5.90 25.93
CA SER C 88 -13.27 -6.92 25.04
C SER C 88 -13.28 -8.32 25.64
N LEU C 89 -12.52 -8.56 26.71
CA LEU C 89 -12.36 -9.88 27.30
C LEU C 89 -13.51 -10.20 28.24
N PRO C 90 -13.71 -11.48 28.55
CA PRO C 90 -14.67 -11.84 29.59
C PRO C 90 -14.26 -11.25 30.93
N PRO C 91 -15.23 -10.94 31.79
CA PRO C 91 -14.88 -10.23 33.04
C PRO C 91 -14.02 -11.05 33.98
N TRP C 92 -14.47 -12.23 34.38
CA TRP C 92 -13.77 -13.05 35.37
C TRP C 92 -12.80 -14.02 34.67
N ALA C 93 -11.92 -13.45 33.86
CA ALA C 93 -10.94 -14.21 33.12
C ALA C 93 -9.60 -14.23 33.84
N PRO C 94 -8.80 -15.27 33.66
CA PRO C 94 -7.49 -15.33 34.31
C PRO C 94 -6.53 -14.31 33.72
N TRP C 95 -5.45 -14.06 34.47
CA TRP C 95 -4.48 -13.04 34.08
C TRP C 95 -3.77 -13.41 32.79
N TRP C 96 -3.45 -14.70 32.62
CA TRP C 96 -2.64 -15.10 31.47
C TRP C 96 -3.37 -14.87 30.15
N ILE C 97 -4.71 -14.91 30.17
CA ILE C 97 -5.47 -14.58 28.95
C ILE C 97 -5.17 -13.15 28.52
N GLY C 98 -5.26 -12.20 29.46
CA GLY C 98 -4.99 -10.81 29.13
C GLY C 98 -3.54 -10.57 28.74
N VAL C 99 -2.62 -11.19 29.47
CA VAL C 99 -1.19 -11.01 29.17
C VAL C 99 -0.86 -11.56 27.79
N GLY C 100 -1.38 -12.75 27.47
CA GLY C 100 -1.12 -13.32 26.16
C GLY C 100 -1.77 -12.53 25.04
N GLY C 101 -2.97 -12.00 25.27
CA GLY C 101 -3.59 -11.15 24.28
C GLY C 101 -2.80 -9.88 24.03
N SER C 102 -2.32 -9.25 25.09
CA SER C 102 -1.49 -8.06 24.93
C SER C 102 -0.19 -8.39 24.19
N LEU C 103 0.42 -9.53 24.51
CA LEU C 103 1.64 -9.93 23.83
C LEU C 103 1.39 -10.18 22.34
N PHE C 104 0.27 -10.83 22.03
CA PHE C 104 -0.02 -11.14 20.62
C PHE C 104 -0.39 -9.89 19.84
N ALA C 105 -1.03 -8.91 20.48
CA ALA C 105 -1.35 -7.69 19.75
C ALA C 105 -0.13 -6.78 19.66
N ILE C 106 0.28 -6.22 20.80
CA ILE C 106 1.47 -5.38 20.83
C ILE C 106 2.67 -6.31 20.75
N GLY C 107 3.34 -6.30 19.60
CA GLY C 107 4.17 -7.42 19.20
C GLY C 107 3.82 -7.74 17.77
N ILE C 108 3.28 -8.93 17.54
CA ILE C 108 3.01 -9.38 16.17
C ILE C 108 2.14 -8.39 15.41
N GLY C 109 1.03 -7.96 16.02
CA GLY C 109 0.07 -7.18 15.25
C GLY C 109 0.53 -5.77 14.93
N LYS C 110 1.28 -5.15 15.83
CA LYS C 110 1.64 -3.75 15.68
C LYS C 110 3.14 -3.52 15.54
N GLN C 111 3.95 -4.02 16.46
CA GLN C 111 5.37 -3.66 16.48
C GLN C 111 6.19 -4.48 15.50
N LEU C 112 5.70 -5.65 15.12
CA LEU C 112 6.40 -6.47 14.14
C LEU C 112 6.29 -5.89 12.74
N TYR C 113 5.34 -5.00 12.50
CA TYR C 113 5.18 -4.33 11.21
C TYR C 113 5.89 -2.98 11.14
N GLY C 114 6.56 -2.57 12.22
CA GLY C 114 7.27 -1.31 12.21
C GLY C 114 6.93 -0.40 13.36
N GLY C 115 5.67 -0.40 13.77
CA GLY C 115 5.22 0.42 14.88
C GLY C 115 3.86 1.01 14.58
N ILE C 116 3.60 2.17 15.17
CA ILE C 116 2.34 2.86 14.96
C ILE C 116 2.27 3.40 13.54
N GLY C 117 1.12 3.23 12.90
CA GLY C 117 0.90 3.73 11.56
C GLY C 117 1.34 2.81 10.44
N GLN C 118 1.90 1.64 10.76
CA GLN C 118 2.38 0.72 9.75
C GLN C 118 1.59 -0.59 9.67
N ASN C 119 0.92 -1.00 10.75
CA ASN C 119 0.22 -2.27 10.76
C ASN C 119 -1.00 -2.24 9.84
N PRO C 120 -1.28 -3.32 9.13
CA PRO C 120 -2.47 -3.37 8.27
C PRO C 120 -3.70 -3.99 8.93
N PHE C 121 -3.57 -4.55 10.13
CA PHE C 121 -4.69 -5.22 10.79
C PHE C 121 -4.91 -4.58 12.16
N ASN C 122 -6.14 -4.71 12.64
CA ASN C 122 -6.51 -4.16 13.94
C ASN C 122 -5.85 -4.97 15.04
N PRO C 123 -5.02 -4.37 15.90
CA PRO C 123 -4.31 -5.17 16.92
C PRO C 123 -5.24 -5.79 17.96
N ALA C 124 -6.17 -5.02 18.51
CA ALA C 124 -7.04 -5.54 19.55
C ALA C 124 -7.91 -6.68 19.03
N MET C 125 -8.48 -6.52 17.83
CA MET C 125 -9.30 -7.58 17.27
C MET C 125 -8.46 -8.78 16.88
N LEU C 126 -7.22 -8.55 16.44
CA LEU C 126 -6.32 -9.67 16.15
C LEU C 126 -6.07 -10.49 17.41
N ALA C 127 -5.80 -9.80 18.53
CA ALA C 127 -5.60 -10.51 19.79
C ALA C 127 -6.86 -11.22 20.24
N ARG C 128 -8.02 -10.58 20.07
CA ARG C 128 -9.27 -11.23 20.46
C ARG C 128 -9.52 -12.50 19.67
N VAL C 129 -9.30 -12.45 18.35
CA VAL C 129 -9.48 -13.63 17.52
C VAL C 129 -8.50 -14.72 17.90
N ALA C 130 -7.23 -14.35 18.12
CA ALA C 130 -6.24 -15.35 18.50
C ALA C 130 -6.58 -16.01 19.83
N LEU C 131 -7.02 -15.21 20.81
CA LEU C 131 -7.39 -15.78 22.10
C LEU C 131 -8.61 -16.68 22.00
N LEU C 132 -9.61 -16.27 21.21
CA LEU C 132 -10.80 -17.09 21.04
C LEU C 132 -10.46 -18.41 20.36
N ILE C 133 -9.58 -18.39 19.36
CA ILE C 133 -9.22 -19.62 18.68
C ILE C 133 -8.38 -20.53 19.57
N ALA C 134 -7.40 -19.94 20.28
CA ALA C 134 -6.46 -20.75 21.04
C ALA C 134 -7.09 -21.31 22.32
N PHE C 135 -7.86 -20.49 23.04
CA PHE C 135 -8.41 -20.85 24.34
C PHE C 135 -9.92 -20.64 24.32
N PRO C 136 -10.68 -21.57 23.75
CA PRO C 136 -12.13 -21.36 23.63
C PRO C 136 -12.86 -21.53 24.95
N LEU C 137 -12.30 -22.33 25.88
CA LEU C 137 -12.99 -22.56 27.15
C LEU C 137 -12.96 -21.32 28.03
N GLN C 138 -11.80 -20.68 28.18
CA GLN C 138 -11.68 -19.50 29.01
C GLN C 138 -12.33 -18.28 28.39
N MET C 139 -12.54 -18.27 27.08
CA MET C 139 -13.16 -17.14 26.38
C MET C 139 -14.65 -17.33 26.17
N THR C 140 -15.24 -18.38 26.73
CA THR C 140 -16.68 -18.61 26.66
C THR C 140 -17.26 -18.87 28.05
N THR C 141 -16.65 -18.28 29.08
CA THR C 141 -17.13 -18.39 30.46
C THR C 141 -17.47 -16.97 30.93
N TRP C 142 -18.76 -16.68 31.01
CA TRP C 142 -19.24 -15.34 31.34
C TRP C 142 -19.81 -15.34 32.75
N ALA C 143 -19.37 -14.38 33.56
CA ALA C 143 -19.81 -14.26 34.94
C ALA C 143 -21.04 -13.37 35.02
N LEU C 144 -22.01 -13.79 35.84
CA LEU C 144 -23.20 -12.99 36.05
C LEU C 144 -22.85 -11.71 36.80
N PRO C 145 -23.63 -10.65 36.60
CA PRO C 145 -23.33 -9.37 37.28
C PRO C 145 -23.34 -9.51 38.79
N HIS C 146 -22.18 -9.30 39.41
CA HIS C 146 -22.02 -9.31 40.86
C HIS C 146 -21.52 -7.93 41.26
N PRO C 147 -22.42 -7.00 41.59
CA PRO C 147 -22.02 -5.61 41.79
C PRO C 147 -21.02 -5.45 42.93
N LEU C 148 -20.13 -4.48 42.77
CA LEU C 148 -19.17 -4.16 43.81
C LEU C 148 -19.90 -3.70 45.06
N PHE C 149 -19.52 -4.25 46.21
CA PHE C 149 -20.17 -3.96 47.49
C PHE C 149 -21.67 -4.26 47.42
N SER C 150 -21.99 -5.54 47.20
CA SER C 150 -23.37 -5.98 47.11
C SER C 150 -23.68 -7.17 48.01
N SER C 151 -22.76 -7.56 48.89
CA SER C 151 -22.89 -8.65 49.86
C SER C 151 -22.94 -10.03 49.20
N SER C 152 -22.93 -10.11 47.88
CA SER C 152 -22.88 -11.39 47.17
C SER C 152 -21.65 -11.55 46.30
N ALA C 153 -21.06 -10.45 45.83
CA ALA C 153 -19.84 -10.52 45.05
C ALA C 153 -18.67 -10.95 45.93
N PRO C 154 -17.66 -11.60 45.36
CA PRO C 154 -16.51 -12.01 46.16
C PRO C 154 -15.72 -10.80 46.66
N GLY C 155 -15.02 -11.01 47.77
CA GLY C 155 -14.20 -9.98 48.37
C GLY C 155 -12.97 -9.66 47.54
N PHE C 156 -11.99 -9.02 48.19
CA PHE C 156 -10.78 -8.64 47.47
C PHE C 156 -9.86 -9.83 47.25
N PHE C 157 -9.55 -10.56 48.33
CA PHE C 157 -8.64 -11.70 48.19
C PHE C 157 -9.30 -12.88 47.52
N ASP C 158 -10.62 -13.05 47.71
CA ASP C 158 -11.34 -14.06 46.94
C ASP C 158 -11.28 -13.75 45.44
N SER C 159 -11.42 -12.48 45.08
CA SER C 159 -11.31 -12.10 43.69
C SER C 159 -9.88 -12.27 43.17
N LEU C 160 -8.89 -12.04 44.03
CA LEU C 160 -7.51 -12.32 43.65
C LEU C 160 -7.32 -13.80 43.34
N ALA C 161 -7.86 -14.67 44.20
CA ALA C 161 -7.78 -16.10 43.95
C ALA C 161 -8.56 -16.49 42.69
N ILE C 162 -9.62 -15.74 42.37
CA ILE C 162 -10.38 -16.01 41.15
C ILE C 162 -9.57 -15.65 39.92
N THR C 163 -8.95 -14.46 39.92
CA THR C 163 -8.26 -13.99 38.73
C THR C 163 -6.87 -14.61 38.61
N PHE C 164 -5.99 -14.34 39.56
CA PHE C 164 -4.72 -15.05 39.61
C PHE C 164 -4.93 -16.41 40.25
N ALA C 165 -4.00 -17.32 39.99
CA ALA C 165 -4.16 -18.73 40.34
C ALA C 165 -5.40 -19.30 39.64
N GLY C 166 -5.94 -20.39 40.16
CA GLY C 166 -7.01 -21.09 39.45
C GLY C 166 -8.20 -21.51 40.29
N ALA C 167 -8.57 -20.70 41.28
CA ALA C 167 -9.68 -21.05 42.14
C ALA C 167 -10.97 -21.16 41.33
N PRO C 168 -11.73 -22.25 41.45
CA PRO C 168 -12.97 -22.39 40.69
C PRO C 168 -13.99 -21.32 41.07
N LEU C 169 -14.81 -20.94 40.10
CA LEU C 169 -15.81 -19.88 40.27
C LEU C 169 -17.07 -20.38 40.96
N ALA C 170 -17.03 -21.57 41.56
CA ALA C 170 -18.18 -22.18 42.23
C ALA C 170 -19.31 -22.41 41.25
N ASP C 171 -20.54 -22.41 41.74
CA ASP C 171 -21.71 -22.61 40.90
C ASP C 171 -22.71 -21.48 41.13
N GLY C 172 -23.52 -21.22 40.11
CA GLY C 172 -24.49 -20.14 40.17
C GLY C 172 -23.94 -18.77 39.87
N MET C 173 -22.65 -18.68 39.53
CA MET C 173 -22.04 -17.41 39.16
C MET C 173 -21.71 -17.33 37.67
N THR C 174 -22.17 -18.29 36.88
CA THR C 174 -21.89 -18.32 35.45
C THR C 174 -23.15 -18.72 34.71
N GLY C 175 -23.52 -17.94 33.69
CA GLY C 175 -24.70 -18.21 32.89
C GLY C 175 -24.45 -17.92 31.42
N ALA C 176 -25.51 -18.12 30.64
CA ALA C 176 -25.46 -17.84 29.21
C ALA C 176 -25.94 -16.42 28.92
N THR C 177 -25.53 -15.87 27.79
CA THR C 177 -25.87 -14.46 27.44
C THR C 177 -27.14 -14.46 26.57
N ALA C 178 -27.14 -13.72 25.46
CA ALA C 178 -28.34 -13.57 24.65
C ALA C 178 -28.22 -14.30 23.31
N LEU C 179 -27.16 -13.98 22.56
CA LEU C 179 -27.00 -14.54 21.22
C LEU C 179 -26.77 -16.04 21.28
N GLY C 180 -25.82 -16.48 22.12
CA GLY C 180 -25.56 -17.91 22.25
C GLY C 180 -26.75 -18.66 22.79
N ASN C 181 -27.46 -18.07 23.76
CA ASN C 181 -28.66 -18.71 24.28
C ASN C 181 -29.73 -18.84 23.21
N LEU C 182 -29.93 -17.80 22.40
CA LEU C 182 -30.91 -17.88 21.31
C LEU C 182 -30.54 -18.97 20.32
N LYS C 183 -29.26 -19.05 19.94
CA LYS C 183 -28.86 -20.07 18.97
C LYS C 183 -29.02 -21.47 19.55
N THR C 184 -28.67 -21.66 20.83
CA THR C 184 -28.82 -22.97 21.45
C THR C 184 -30.29 -23.38 21.54
N GLU C 185 -31.15 -22.46 21.98
CA GLU C 185 -32.57 -22.78 22.08
C GLU C 185 -33.20 -22.98 20.72
N LEU C 186 -32.67 -22.34 19.68
CA LEU C 186 -33.09 -22.65 18.32
C LEU C 186 -32.69 -24.07 17.94
N THR C 187 -31.48 -24.49 18.34
CA THR C 187 -31.08 -25.88 18.16
C THR C 187 -31.94 -26.83 18.99
N LEU C 188 -32.63 -26.32 20.01
CA LEU C 188 -33.56 -27.10 20.80
C LEU C 188 -35.00 -27.04 20.26
N ASN C 189 -35.16 -26.88 18.95
CA ASN C 189 -36.45 -26.88 18.26
C ASN C 189 -37.47 -25.95 18.91
N ARG C 190 -37.02 -24.83 19.45
CA ARG C 190 -37.89 -23.79 19.97
C ARG C 190 -37.85 -22.60 19.01
N THR C 191 -39.02 -22.09 18.65
CA THR C 191 -39.09 -21.00 17.69
C THR C 191 -38.50 -19.72 18.28
N ALA C 192 -38.16 -18.78 17.39
CA ALA C 192 -37.44 -17.58 17.80
C ALA C 192 -38.28 -16.62 18.63
N GLN C 193 -39.59 -16.85 18.75
CA GLN C 193 -40.44 -15.94 19.52
C GLN C 193 -40.47 -16.30 21.00
N GLU C 194 -40.73 -17.56 21.33
CA GLU C 194 -40.79 -17.96 22.73
C GLU C 194 -39.46 -17.74 23.45
N ILE C 195 -38.35 -17.88 22.74
CA ILE C 195 -37.04 -17.66 23.34
C ILE C 195 -36.90 -16.23 23.81
N LEU C 196 -37.31 -15.27 22.97
CA LEU C 196 -37.15 -13.87 23.31
C LEU C 196 -38.24 -13.35 24.25
N GLU C 197 -39.44 -13.96 24.25
CA GLU C 197 -40.50 -13.46 25.11
C GLU C 197 -40.17 -13.70 26.59
N GLY C 198 -39.66 -14.89 26.91
CA GLY C 198 -39.35 -15.26 28.27
C GLY C 198 -37.90 -15.26 28.66
N GLY C 199 -37.00 -14.77 27.80
CA GLY C 199 -35.59 -14.80 28.12
C GLY C 199 -34.81 -13.58 27.65
N PHE C 200 -35.51 -12.49 27.37
CA PHE C 200 -34.85 -11.29 26.86
C PHE C 200 -35.70 -10.05 27.07
N SER C 201 -35.15 -9.05 27.74
CA SER C 201 -35.81 -7.77 27.97
C SER C 201 -34.98 -6.67 27.35
N THR C 202 -35.59 -5.92 26.43
CA THR C 202 -34.84 -4.89 25.70
C THR C 202 -34.41 -3.75 26.63
N ILE C 203 -35.27 -3.36 27.56
CA ILE C 203 -34.97 -2.24 28.45
C ILE C 203 -33.75 -2.54 29.31
N SER C 204 -33.71 -3.75 29.89
CA SER C 204 -32.58 -4.13 30.72
C SER C 204 -31.31 -4.38 29.90
N ALA C 205 -31.45 -4.91 28.69
CA ALA C 205 -30.27 -5.15 27.85
C ALA C 205 -29.67 -3.85 27.33
N LEU C 206 -30.50 -2.83 27.11
CA LEU C 206 -29.99 -1.55 26.63
C LEU C 206 -29.16 -0.84 27.70
N PHE C 207 -29.62 -0.88 28.95
CA PHE C 207 -28.87 -0.25 30.04
C PHE C 207 -27.53 -0.94 30.24
N GLY C 208 -27.50 -2.26 30.17
CA GLY C 208 -26.27 -3.01 30.36
C GLY C 208 -26.35 -3.97 31.53
N SER C 209 -27.55 -4.45 31.83
CA SER C 209 -27.79 -5.33 32.97
C SER C 209 -27.74 -6.81 32.58
N THR C 210 -26.97 -7.18 31.57
CA THR C 210 -26.89 -8.54 31.07
C THR C 210 -25.45 -9.00 31.05
N PRO C 211 -25.21 -10.31 31.15
CA PRO C 211 -23.83 -10.80 31.10
C PRO C 211 -23.20 -10.56 29.73
N GLY C 212 -21.88 -10.48 29.71
CA GLY C 212 -21.17 -10.24 28.47
C GLY C 212 -19.71 -9.93 28.73
N SER C 213 -19.13 -9.11 27.86
CA SER C 213 -17.75 -8.67 28.03
C SER C 213 -17.69 -7.60 29.12
N LEU C 214 -16.49 -7.06 29.32
CA LEU C 214 -16.29 -6.10 30.41
C LEU C 214 -17.02 -4.79 30.13
N GLY C 215 -16.85 -4.23 28.94
CA GLY C 215 -17.46 -2.96 28.60
C GLY C 215 -18.53 -3.04 27.53
N GLU C 216 -18.71 -4.24 26.97
CA GLU C 216 -19.69 -4.44 25.92
C GLU C 216 -21.12 -4.41 26.46
N THR C 217 -21.29 -4.60 27.76
CA THR C 217 -22.63 -4.80 28.33
C THR C 217 -23.54 -3.60 28.08
N SER C 218 -23.03 -2.38 28.29
CA SER C 218 -23.85 -1.18 28.21
C SER C 218 -23.83 -0.63 26.79
N GLU C 219 -25.01 -0.51 26.18
CA GLU C 219 -25.15 0.04 24.84
C GLU C 219 -25.60 1.49 24.84
N LEU C 220 -25.56 2.16 25.99
CA LEU C 220 -25.96 3.56 26.11
C LEU C 220 -24.80 4.48 26.41
N LEU C 221 -23.96 4.13 27.39
CA LEU C 221 -22.76 4.92 27.65
C LEU C 221 -21.79 4.86 26.49
N LEU C 222 -21.67 3.71 25.84
CA LEU C 222 -20.86 3.61 24.63
C LEU C 222 -21.40 4.52 23.53
N LEU C 223 -22.73 4.58 23.39
CA LEU C 223 -23.33 5.48 22.41
C LEU C 223 -23.03 6.94 22.74
N VAL C 224 -23.11 7.29 24.03
CA VAL C 224 -22.82 8.66 24.45
C VAL C 224 -21.37 9.01 24.13
N GLY C 225 -20.45 8.10 24.44
CA GLY C 225 -19.05 8.34 24.14
C GLY C 225 -18.79 8.47 22.65
N GLY C 226 -19.44 7.62 21.85
CA GLY C 226 -19.29 7.72 20.41
C GLY C 226 -19.82 9.02 19.85
N VAL C 227 -20.97 9.47 20.36
CA VAL C 227 -21.52 10.75 19.92
C VAL C 227 -20.57 11.89 20.29
N TRP C 228 -20.03 11.85 21.50
CA TRP C 228 -19.08 12.88 21.91
C TRP C 228 -17.83 12.88 21.04
N LEU C 229 -17.35 11.69 20.66
CA LEU C 229 -16.22 11.62 19.74
C LEU C 229 -16.57 12.20 18.39
N VAL C 230 -17.77 11.91 17.88
CA VAL C 230 -18.19 12.43 16.58
C VAL C 230 -18.24 13.96 16.61
N LEU C 231 -18.78 14.53 17.69
CA LEU C 231 -18.85 15.99 17.79
C LEU C 231 -17.47 16.62 17.88
N ARG C 232 -16.46 15.86 18.29
CA ARG C 232 -15.10 16.38 18.46
C ARG C 232 -14.24 16.24 17.21
N ARG C 233 -14.80 15.80 16.09
CA ARG C 233 -14.08 15.59 14.83
C ARG C 233 -12.97 14.55 14.95
N ILE C 234 -13.04 13.67 15.95
CA ILE C 234 -12.01 12.64 16.08
C ILE C 234 -12.31 11.45 15.17
N ILE C 235 -13.58 11.07 15.04
CA ILE C 235 -13.99 10.01 14.13
C ILE C 235 -15.01 10.58 13.15
N HIS C 236 -15.30 9.81 12.11
CA HIS C 236 -16.25 10.20 11.09
C HIS C 236 -17.50 9.34 11.21
N TRP C 237 -18.67 10.00 11.08
CA TRP C 237 -19.94 9.33 11.32
C TRP C 237 -20.26 8.26 10.29
N GLU C 238 -19.56 8.24 9.16
CA GLU C 238 -19.93 7.35 8.06
C GLU C 238 -19.88 5.90 8.49
N ILE C 239 -18.77 5.48 9.10
CA ILE C 239 -18.62 4.07 9.48
C ILE C 239 -19.65 3.63 10.52
N PRO C 240 -19.83 4.32 11.65
CA PRO C 240 -20.86 3.87 12.60
C PRO C 240 -22.27 3.91 12.03
N VAL C 241 -22.61 4.98 11.30
CA VAL C 241 -23.95 5.07 10.73
C VAL C 241 -24.19 3.93 9.76
N ALA C 242 -23.22 3.66 8.89
CA ALA C 242 -23.38 2.60 7.90
C ALA C 242 -23.50 1.24 8.57
N ILE C 243 -22.66 0.96 9.57
CA ILE C 243 -22.71 -0.35 10.23
C ILE C 243 -24.06 -0.55 10.91
N LEU C 244 -24.49 0.43 11.71
CA LEU C 244 -25.74 0.29 12.43
C LEU C 244 -26.93 0.19 11.47
N ALA C 245 -26.93 1.03 10.42
CA ALA C 245 -28.04 1.00 9.46
C ALA C 245 -28.11 -0.32 8.73
N SER C 246 -26.96 -0.84 8.28
CA SER C 246 -26.97 -2.11 7.57
C SER C 246 -27.46 -3.24 8.46
N VAL C 247 -26.96 -3.30 9.69
CA VAL C 247 -27.39 -4.36 10.60
C VAL C 247 -28.88 -4.26 10.87
N PHE C 248 -29.37 -3.04 11.14
CA PHE C 248 -30.78 -2.87 11.45
C PHE C 248 -31.67 -3.23 10.26
N VAL C 249 -31.28 -2.80 9.06
CA VAL C 249 -32.10 -3.07 7.88
C VAL C 249 -32.16 -4.57 7.60
N MET C 250 -31.01 -5.24 7.60
CA MET C 250 -31.01 -6.67 7.34
C MET C 250 -31.79 -7.43 8.41
N ALA C 251 -31.60 -7.06 9.68
CA ALA C 251 -32.31 -7.74 10.76
C ALA C 251 -33.81 -7.53 10.67
N THR C 252 -34.25 -6.31 10.35
CA THR C 252 -35.68 -6.04 10.23
C THR C 252 -36.28 -6.79 9.05
N LEU C 253 -35.56 -6.85 7.93
CA LEU C 253 -36.05 -7.61 6.79
C LEU C 253 -36.19 -9.09 7.14
N ALA C 254 -35.20 -9.65 7.82
CA ALA C 254 -35.28 -11.06 8.20
C ALA C 254 -36.42 -11.32 9.18
N TYR C 255 -36.63 -10.39 10.13
CA TYR C 255 -37.74 -10.54 11.07
C TYR C 255 -39.08 -10.48 10.35
N LEU C 256 -39.22 -9.58 9.37
CA LEU C 256 -40.48 -9.47 8.64
C LEU C 256 -40.73 -10.69 7.76
N ILE C 257 -39.68 -11.26 7.17
CA ILE C 257 -39.87 -12.39 6.26
C ILE C 257 -40.30 -13.63 7.03
N ASN C 258 -39.48 -14.06 7.99
CA ASN C 258 -39.74 -15.27 8.77
C ASN C 258 -39.60 -14.94 10.25
N PRO C 259 -40.65 -14.41 10.88
CA PRO C 259 -40.54 -14.03 12.29
C PRO C 259 -40.34 -15.21 13.24
N GLU C 260 -40.66 -16.43 12.83
CA GLU C 260 -40.54 -17.58 13.71
C GLU C 260 -39.13 -18.17 13.75
N ARG C 261 -38.21 -17.66 12.93
CA ARG C 261 -36.83 -18.14 12.93
C ARG C 261 -35.80 -17.03 13.08
N TYR C 262 -36.09 -15.81 12.66
CA TYR C 262 -35.15 -14.70 12.73
C TYR C 262 -35.62 -13.69 13.77
N ALA C 263 -34.67 -13.17 14.55
CA ALA C 263 -34.91 -12.08 15.48
C ALA C 263 -34.08 -10.89 15.04
N GLY C 264 -34.72 -9.73 14.91
CA GLY C 264 -34.03 -8.60 14.32
C GLY C 264 -34.44 -7.27 14.92
N GLY C 265 -33.61 -6.27 14.63
CA GLY C 265 -33.87 -4.89 15.04
C GLY C 265 -33.26 -4.58 16.41
N LEU C 266 -34.13 -4.38 17.41
CA LEU C 266 -33.66 -4.03 18.74
C LEU C 266 -32.84 -5.16 19.34
N TYR C 267 -33.22 -6.41 19.09
CA TYR C 267 -32.47 -7.54 19.63
C TYR C 267 -31.05 -7.55 19.07
N GLN C 268 -30.90 -7.31 17.76
CA GLN C 268 -29.57 -7.31 17.17
C GLN C 268 -28.76 -6.11 17.64
N LEU C 269 -29.39 -4.95 17.77
CA LEU C 269 -28.64 -3.75 18.16
C LEU C 269 -28.18 -3.84 19.62
N THR C 270 -29.07 -4.27 20.51
CA THR C 270 -28.74 -4.34 21.94
C THR C 270 -28.29 -5.75 22.32
N SER C 271 -27.25 -6.21 21.64
CA SER C 271 -26.65 -7.51 21.94
C SER C 271 -25.31 -7.58 21.24
N GLY C 272 -24.33 -8.21 21.90
CA GLY C 272 -22.99 -8.30 21.36
C GLY C 272 -22.27 -6.97 21.42
N GLY C 273 -21.06 -6.97 20.88
CA GLY C 273 -20.26 -5.76 20.84
C GLY C 273 -20.46 -4.96 19.57
N LEU C 274 -21.72 -4.83 19.15
CA LEU C 274 -22.01 -4.14 17.89
C LEU C 274 -21.75 -2.65 17.99
N ILE C 275 -22.23 -2.01 19.07
CA ILE C 275 -22.07 -0.58 19.21
C ILE C 275 -20.62 -0.22 19.50
N LEU C 276 -19.96 -0.98 20.39
CA LEU C 276 -18.56 -0.71 20.69
C LEU C 276 -17.69 -0.86 19.45
N CYS C 277 -17.91 -1.93 18.68
CA CYS C 277 -17.15 -2.11 17.45
C CYS C 277 -17.46 -1.02 16.43
N ALA C 278 -18.74 -0.63 16.33
CA ALA C 278 -19.12 0.36 15.34
C ALA C 278 -18.51 1.72 15.65
N PHE C 279 -18.42 2.09 16.93
CA PHE C 279 -17.96 3.43 17.26
C PHE C 279 -16.46 3.51 17.54
N PHE C 280 -15.92 2.61 18.36
CA PHE C 280 -14.56 2.75 18.84
C PHE C 280 -13.55 1.85 18.16
N ILE C 281 -13.99 0.78 17.50
CA ILE C 281 -13.08 -0.24 16.99
C ILE C 281 -13.05 -0.28 15.46
N ALA C 282 -14.21 -0.15 14.82
CA ALA C 282 -14.21 -0.09 13.36
C ALA C 282 -13.74 1.25 12.84
N THR C 283 -13.61 2.26 13.71
CA THR C 283 -13.14 3.59 13.32
C THR C 283 -11.65 3.75 13.55
N ASP C 284 -10.89 2.66 13.48
CA ASP C 284 -9.44 2.73 13.60
C ASP C 284 -8.88 3.49 12.40
N PRO C 285 -8.16 4.60 12.60
CA PRO C 285 -7.72 5.38 11.44
C PRO C 285 -6.69 4.67 10.59
N VAL C 286 -5.73 3.97 11.19
CA VAL C 286 -4.67 3.34 10.43
C VAL C 286 -5.18 2.19 9.56
N THR C 287 -6.31 1.59 9.93
CA THR C 287 -6.83 0.43 9.21
C THR C 287 -8.25 0.68 8.69
N SER C 288 -8.51 1.88 8.21
CA SER C 288 -9.80 2.23 7.61
C SER C 288 -9.54 3.11 6.40
N PRO C 289 -10.48 3.16 5.46
CA PRO C 289 -10.29 4.01 4.27
C PRO C 289 -10.22 5.47 4.64
N ILE C 290 -9.45 6.23 3.85
CA ILE C 290 -9.27 7.65 4.06
C ILE C 290 -10.26 8.50 3.29
N SER C 291 -11.11 7.88 2.48
CA SER C 291 -12.09 8.59 1.68
C SER C 291 -13.45 8.57 2.36
N ARG C 292 -14.46 9.07 1.66
CA ARG C 292 -15.84 9.05 2.15
C ARG C 292 -16.59 7.84 1.63
N VAL C 293 -16.56 7.62 0.31
CA VAL C 293 -17.18 6.42 -0.26
C VAL C 293 -16.48 5.18 0.26
N GLY C 294 -15.17 5.27 0.47
CA GLY C 294 -14.44 4.16 1.07
C GLY C 294 -14.92 3.84 2.47
N ARG C 295 -15.17 4.87 3.28
CA ARG C 295 -15.68 4.63 4.63
C ARG C 295 -17.08 4.06 4.59
N LEU C 296 -17.93 4.52 3.66
CA LEU C 296 -19.26 3.96 3.53
C LEU C 296 -19.21 2.48 3.14
N ILE C 297 -18.33 2.13 2.20
CA ILE C 297 -18.18 0.73 1.80
C ILE C 297 -17.68 -0.10 2.97
N PHE C 298 -16.71 0.43 3.72
CA PHE C 298 -16.19 -0.26 4.89
C PHE C 298 -17.30 -0.54 5.88
N GLY C 299 -18.12 0.46 6.18
CA GLY C 299 -19.20 0.27 7.13
C GLY C 299 -20.24 -0.72 6.67
N VAL C 300 -20.63 -0.63 5.39
CA VAL C 300 -21.63 -1.55 4.86
C VAL C 300 -21.12 -2.98 4.90
N GLY C 301 -19.86 -3.19 4.50
CA GLY C 301 -19.29 -4.52 4.56
C GLY C 301 -19.20 -5.06 5.97
N CYS C 302 -18.79 -4.20 6.92
CA CYS C 302 -18.72 -4.63 8.31
C CYS C 302 -20.09 -5.05 8.81
N GLY C 303 -21.12 -4.25 8.54
CA GLY C 303 -22.45 -4.59 9.00
C GLY C 303 -22.97 -5.88 8.39
N VAL C 304 -22.80 -6.04 7.07
CA VAL C 304 -23.31 -7.23 6.40
C VAL C 304 -22.61 -8.47 6.92
N LEU C 305 -21.28 -8.41 7.04
CA LEU C 305 -20.55 -9.58 7.53
C LEU C 305 -20.92 -9.89 8.98
N ILE C 306 -21.05 -8.87 9.82
CA ILE C 306 -21.42 -9.10 11.22
C ILE C 306 -22.76 -9.82 11.29
N TYR C 307 -23.76 -9.31 10.56
CA TYR C 307 -25.08 -9.94 10.63
C TYR C 307 -25.06 -11.35 10.06
N VAL C 308 -24.37 -11.55 8.92
CA VAL C 308 -24.38 -12.86 8.28
C VAL C 308 -23.73 -13.91 9.17
N ILE C 309 -22.59 -13.59 9.77
CA ILE C 309 -21.95 -14.57 10.63
C ILE C 309 -22.67 -14.69 11.97
N ARG C 310 -23.40 -13.65 12.39
CA ARG C 310 -24.20 -13.76 13.59
C ARG C 310 -25.33 -14.76 13.40
N THR C 311 -26.06 -14.67 12.29
CA THR C 311 -27.27 -15.46 12.13
C THR C 311 -26.98 -16.87 11.63
N TRP C 312 -26.32 -16.98 10.49
CA TRP C 312 -26.10 -18.27 9.85
C TRP C 312 -24.71 -18.85 10.11
N GLY C 313 -23.86 -18.16 10.85
CA GLY C 313 -22.53 -18.65 11.12
C GLY C 313 -22.48 -19.54 12.35
N SER C 314 -21.25 -19.93 12.70
CA SER C 314 -21.01 -20.78 13.86
C SER C 314 -20.53 -20.01 15.08
N PHE C 315 -20.64 -18.68 15.04
CA PHE C 315 -20.22 -17.84 16.16
C PHE C 315 -21.37 -16.97 16.62
N PRO C 316 -21.49 -16.72 17.93
CA PRO C 316 -22.54 -15.82 18.42
C PRO C 316 -22.29 -14.35 18.12
N GLU C 317 -21.07 -13.99 17.72
CA GLU C 317 -20.71 -12.61 17.40
C GLU C 317 -19.44 -12.66 16.57
N ALA C 318 -19.39 -11.84 15.53
CA ALA C 318 -18.24 -11.85 14.61
C ALA C 318 -17.81 -10.43 14.27
N ALA C 319 -17.89 -9.53 15.23
CA ALA C 319 -17.40 -8.18 15.00
C ALA C 319 -15.92 -8.17 14.69
N ALA C 320 -15.13 -8.95 15.44
CA ALA C 320 -13.70 -9.03 15.20
C ALA C 320 -13.39 -9.59 13.81
N PHE C 321 -14.09 -10.66 13.42
CA PHE C 321 -13.84 -11.25 12.11
C PHE C 321 -14.20 -10.30 10.98
N ALA C 322 -15.35 -9.60 11.11
CA ALA C 322 -15.74 -8.64 10.09
C ALA C 322 -14.73 -7.50 10.01
N VAL C 323 -14.27 -7.00 11.16
CA VAL C 323 -13.30 -5.92 11.16
C VAL C 323 -11.99 -6.36 10.50
N LEU C 324 -11.54 -7.57 10.80
CA LEU C 324 -10.31 -8.07 10.19
C LEU C 324 -10.46 -8.23 8.68
N PHE C 325 -11.60 -8.76 8.23
CA PHE C 325 -11.83 -8.92 6.80
C PHE C 325 -11.84 -7.58 6.08
N MET C 326 -12.51 -6.58 6.68
CA MET C 326 -12.55 -5.27 6.04
C MET C 326 -11.21 -4.55 6.11
N ASN C 327 -10.42 -4.79 7.16
CA ASN C 327 -9.05 -4.28 7.19
C ASN C 327 -8.22 -4.89 6.07
N ALA C 328 -8.43 -6.18 5.79
CA ALA C 328 -7.76 -6.81 4.66
C ALA C 328 -8.19 -6.18 3.34
N LEU C 329 -9.49 -5.88 3.20
CA LEU C 329 -10.00 -5.30 1.97
C LEU C 329 -9.71 -3.81 1.81
N THR C 330 -9.26 -3.15 2.88
CA THR C 330 -9.09 -1.69 2.83
C THR C 330 -8.17 -1.19 1.71
N PRO C 331 -6.97 -1.75 1.48
CA PRO C 331 -6.08 -1.14 0.47
C PRO C 331 -6.67 -1.02 -0.92
N LEU C 332 -7.43 -2.02 -1.37
CA LEU C 332 -8.08 -1.92 -2.67
C LEU C 332 -9.09 -0.78 -2.69
N ILE C 333 -9.85 -0.63 -1.61
CA ILE C 333 -10.82 0.47 -1.51
C ILE C 333 -10.10 1.81 -1.57
N ASP C 334 -8.97 1.93 -0.89
CA ASP C 334 -8.20 3.17 -0.93
C ASP C 334 -7.67 3.46 -2.33
N ARG C 335 -7.19 2.43 -3.03
CA ARG C 335 -6.58 2.65 -4.33
C ARG C 335 -7.59 2.75 -5.46
N TYR C 336 -8.86 2.43 -5.22
CA TYR C 336 -9.87 2.47 -6.28
C TYR C 336 -10.97 3.48 -6.04
N TRP C 337 -10.94 4.24 -4.94
CA TRP C 337 -11.96 5.25 -4.65
C TRP C 337 -11.31 6.53 -4.16
N ARG C 338 -10.28 6.98 -4.88
CA ARG C 338 -9.60 8.22 -4.51
C ARG C 338 -10.50 9.43 -4.80
N PRO C 339 -10.39 10.48 -4.00
CA PRO C 339 -11.22 11.67 -4.23
C PRO C 339 -10.86 12.38 -5.52
N ARG C 340 -11.87 13.05 -6.10
CA ARG C 340 -11.65 13.80 -7.33
C ARG C 340 -10.76 15.00 -7.08
N ALA C 341 -9.85 15.26 -8.02
CA ALA C 341 -8.92 16.39 -7.90
C ALA C 341 -9.62 17.68 -8.33
N TYR C 342 -8.85 18.74 -8.49
CA TYR C 342 -9.38 20.04 -8.89
C TYR C 342 -9.11 20.23 -10.38
N GLY C 343 -10.17 20.55 -11.13
CA GLY C 343 -10.03 20.73 -12.57
C GLY C 343 -9.87 19.44 -13.34
N ARG C 344 -10.26 18.31 -12.75
CA ARG C 344 -10.18 17.01 -13.41
C ARG C 344 -11.46 16.24 -13.14
N ASN C 345 -11.78 15.31 -14.04
CA ASN C 345 -12.92 14.45 -13.87
C ASN C 345 -12.58 13.30 -12.93
N VAL C 346 -13.53 12.37 -12.76
CA VAL C 346 -13.30 11.24 -11.88
C VAL C 346 -12.20 10.34 -12.42
N ARG C 347 -12.12 10.21 -13.76
CA ARG C 347 -11.09 9.37 -14.36
C ARG C 347 -9.70 10.01 -14.28
N GLY C 348 -9.61 11.28 -13.91
CA GLY C 348 -8.34 11.96 -13.79
C GLY C 348 -7.94 12.79 -14.97
N LYS C 349 -8.67 12.71 -16.08
CA LYS C 349 -8.35 13.51 -17.25
C LYS C 349 -8.71 14.97 -16.99
N PRO C 350 -7.97 15.90 -17.57
CA PRO C 350 -8.27 17.33 -17.36
C PRO C 350 -9.66 17.69 -17.86
N LEU C 351 -10.30 18.63 -17.15
CA LEU C 351 -11.61 19.11 -17.57
C LEU C 351 -11.50 19.89 -18.87
N VAL C 352 -12.61 19.95 -19.60
CA VAL C 352 -12.69 20.68 -20.86
C VAL C 352 -13.72 21.78 -20.70
N ALA C 353 -13.33 23.01 -21.06
CA ALA C 353 -14.22 24.15 -20.95
C ALA C 353 -13.89 25.20 -22.01
N VAL D 16 35.22 -30.58 -7.07
CA VAL D 16 34.89 -31.76 -6.29
C VAL D 16 33.38 -32.00 -6.31
N PRO D 17 32.97 -33.24 -6.58
CA PRO D 17 31.53 -33.54 -6.57
C PRO D 17 30.84 -33.27 -5.25
N TRP D 18 31.57 -33.40 -4.13
CA TRP D 18 30.97 -33.15 -2.82
C TRP D 18 30.65 -31.69 -2.58
N GLN D 19 31.10 -30.78 -3.45
CA GLN D 19 30.77 -29.38 -3.28
C GLN D 19 29.28 -29.12 -3.41
N TYR D 20 28.61 -29.78 -4.36
CA TYR D 20 27.18 -29.57 -4.56
C TYR D 20 26.38 -29.99 -3.33
N PHE D 21 26.74 -31.13 -2.72
CA PHE D 21 25.98 -31.64 -1.58
C PHE D 21 26.02 -30.68 -0.41
N THR D 22 27.19 -30.09 -0.14
CA THR D 22 27.29 -29.15 0.97
C THR D 22 26.68 -27.80 0.60
N SER D 23 26.83 -27.38 -0.67
CA SER D 23 26.32 -26.08 -1.08
C SER D 23 24.80 -26.04 -1.07
N ALA D 24 24.14 -27.14 -1.45
CA ALA D 24 22.68 -27.13 -1.51
C ALA D 24 22.02 -27.13 -0.14
N LEU D 25 22.79 -27.38 0.93
CA LEU D 25 22.19 -27.47 2.25
C LEU D 25 21.70 -26.10 2.74
N TRP D 26 22.53 -25.08 2.64
CA TRP D 26 22.22 -23.77 3.19
C TRP D 26 22.34 -22.63 2.19
N GLN D 27 23.32 -22.69 1.29
CA GLN D 27 23.51 -21.61 0.34
C GLN D 27 22.31 -21.46 -0.59
N TYR D 28 21.78 -22.57 -1.09
CA TYR D 28 20.60 -22.58 -1.96
C TYR D 28 19.62 -23.62 -1.40
N ASN D 29 18.81 -23.19 -0.44
CA ASN D 29 17.81 -24.06 0.16
C ASN D 29 16.52 -23.99 -0.65
N VAL D 30 15.87 -25.14 -0.83
CA VAL D 30 14.68 -25.20 -1.68
C VAL D 30 13.54 -24.38 -1.08
N ALA D 31 13.33 -24.48 0.22
CA ALA D 31 12.22 -23.82 0.88
C ALA D 31 12.63 -22.57 1.64
N LEU D 32 13.92 -22.28 1.74
CA LEU D 32 14.40 -21.15 2.52
C LEU D 32 15.13 -20.09 1.72
N VAL D 33 15.57 -20.40 0.50
CA VAL D 33 16.28 -19.47 -0.36
C VAL D 33 15.57 -19.27 -1.70
N GLN D 34 15.21 -20.37 -2.36
CA GLN D 34 14.60 -20.31 -3.68
C GLN D 34 13.10 -20.06 -3.64
N MET D 35 12.48 -20.11 -2.46
CA MET D 35 11.04 -19.95 -2.29
C MET D 35 10.27 -20.97 -3.13
N LEU D 36 10.62 -22.24 -2.92
CA LEU D 36 9.98 -23.35 -3.61
C LEU D 36 9.61 -24.43 -2.59
N ALA D 37 8.69 -25.30 -3.00
CA ALA D 37 8.22 -26.41 -2.17
C ALA D 37 7.62 -25.88 -0.85
N LEU D 38 6.74 -24.89 -0.99
CA LEU D 38 6.08 -24.30 0.18
C LEU D 38 4.82 -25.04 0.58
N CYS D 39 4.13 -25.68 -0.36
CA CYS D 39 2.91 -26.41 -0.02
C CYS D 39 3.16 -27.54 0.97
N PRO D 40 4.10 -28.46 0.73
CA PRO D 40 4.36 -29.48 1.77
C PRO D 40 5.07 -28.92 2.98
N THR D 41 5.80 -27.81 2.81
CA THR D 41 6.45 -27.18 3.97
C THR D 41 5.43 -26.68 4.97
N LEU D 42 4.34 -26.09 4.49
CA LEU D 42 3.34 -25.52 5.37
C LEU D 42 2.22 -26.49 5.73
N ALA D 43 1.94 -27.47 4.87
CA ALA D 43 0.80 -28.36 5.14
C ALA D 43 1.17 -29.49 6.11
N VAL D 44 2.05 -30.39 5.68
CA VAL D 44 2.42 -31.55 6.52
C VAL D 44 3.61 -31.09 7.36
N THR D 45 3.30 -30.38 8.44
CA THR D 45 4.32 -29.96 9.39
C THR D 45 3.85 -29.97 10.83
N THR D 46 2.64 -30.44 11.12
CA THR D 46 2.11 -30.38 12.48
C THR D 46 2.87 -31.28 13.43
N THR D 47 3.67 -32.21 12.92
CA THR D 47 4.47 -33.11 13.74
C THR D 47 5.84 -33.27 13.10
N ALA D 48 6.86 -33.46 13.94
CA ALA D 48 8.22 -33.63 13.42
C ALA D 48 8.35 -34.92 12.62
N THR D 49 7.64 -35.98 13.03
CA THR D 49 7.70 -37.23 12.29
C THR D 49 7.11 -37.08 10.89
N ASN D 50 6.02 -36.32 10.76
CA ASN D 50 5.44 -36.08 9.44
C ASN D 50 6.42 -35.36 8.54
N GLY D 51 7.08 -34.33 9.07
CA GLY D 51 8.07 -33.61 8.29
C GLY D 51 9.24 -34.49 7.89
N LEU D 52 9.73 -35.32 8.82
CA LEU D 52 10.84 -36.20 8.50
C LEU D 52 10.47 -37.21 7.42
N GLY D 53 9.28 -37.80 7.52
CA GLY D 53 8.85 -38.74 6.51
C GLY D 53 8.67 -38.11 5.15
N MET D 54 8.05 -36.92 5.12
CA MET D 54 7.87 -36.22 3.85
C MET D 54 9.22 -35.84 3.24
N GLY D 55 10.16 -35.40 4.08
CA GLY D 55 11.48 -35.07 3.57
C GLY D 55 12.22 -36.28 3.01
N LEU D 56 12.12 -37.42 3.69
CA LEU D 56 12.77 -38.63 3.20
C LEU D 56 12.17 -39.08 1.88
N ALA D 57 10.84 -39.05 1.78
CA ALA D 57 10.19 -39.43 0.52
C ALA D 57 10.58 -38.48 -0.60
N THR D 58 10.60 -37.18 -0.33
CA THR D 58 10.98 -36.21 -1.34
C THR D 58 12.44 -36.41 -1.77
N THR D 59 13.32 -36.70 -0.82
CA THR D 59 14.72 -36.94 -1.15
C THR D 59 14.87 -38.17 -2.05
N LEU D 60 14.17 -39.24 -1.71
CA LEU D 60 14.24 -40.44 -2.55
C LEU D 60 13.74 -40.17 -3.96
N VAL D 61 12.59 -39.48 -4.07
CA VAL D 61 12.04 -39.16 -5.38
C VAL D 61 12.98 -38.27 -6.16
N LEU D 62 13.57 -37.27 -5.50
CA LEU D 62 14.51 -36.38 -6.17
C LEU D 62 15.72 -37.13 -6.69
N VAL D 63 16.30 -38.02 -5.88
CA VAL D 63 17.47 -38.76 -6.31
C VAL D 63 17.13 -39.62 -7.52
N MET D 64 16.04 -40.37 -7.44
CA MET D 64 15.69 -41.26 -8.55
C MET D 64 15.37 -40.49 -9.82
N THR D 65 14.60 -39.40 -9.72
CA THR D 65 14.25 -38.63 -10.90
C THR D 65 15.48 -37.94 -11.50
N ASN D 66 16.37 -37.42 -10.66
CA ASN D 66 17.58 -36.79 -11.19
C ASN D 66 18.44 -37.81 -11.92
N ALA D 67 18.61 -39.00 -11.34
CA ALA D 67 19.39 -40.03 -12.01
C ALA D 67 18.77 -40.41 -13.35
N LEU D 68 17.45 -40.60 -13.38
CA LEU D 68 16.78 -40.99 -14.61
C LEU D 68 16.90 -39.91 -15.67
N ILE D 69 16.70 -38.64 -15.28
CA ILE D 69 16.77 -37.55 -16.24
C ILE D 69 18.18 -37.41 -16.79
N SER D 70 19.19 -37.47 -15.92
CA SER D 70 20.56 -37.34 -16.40
C SER D 70 20.96 -38.49 -17.31
N SER D 71 20.53 -39.73 -16.98
CA SER D 71 20.78 -40.84 -17.89
C SER D 71 20.00 -40.69 -19.19
N MET D 72 18.89 -39.97 -19.18
CA MET D 72 18.07 -39.73 -20.36
C MET D 72 18.25 -38.32 -20.91
N ARG D 73 19.39 -37.68 -20.60
CA ARG D 73 19.57 -36.27 -20.91
C ARG D 73 19.58 -36.01 -22.42
N HIS D 74 20.40 -36.76 -23.16
CA HIS D 74 20.50 -36.53 -24.61
C HIS D 74 19.45 -37.31 -25.38
N THR D 75 18.20 -37.21 -24.94
CA THR D 75 17.08 -37.77 -25.68
C THR D 75 15.84 -36.89 -25.63
N ILE D 76 15.87 -35.78 -24.91
CA ILE D 76 14.67 -34.97 -24.68
C ILE D 76 14.59 -33.91 -25.77
N SER D 77 13.46 -33.88 -26.47
CA SER D 77 13.23 -32.84 -27.47
C SER D 77 13.07 -31.48 -26.79
N PRO D 78 13.67 -30.42 -27.33
CA PRO D 78 13.63 -29.12 -26.63
C PRO D 78 12.23 -28.56 -26.41
N GLU D 79 11.30 -28.79 -27.33
CA GLU D 79 10.01 -28.12 -27.26
C GLU D 79 8.96 -28.90 -26.46
N VAL D 80 9.17 -30.19 -26.23
CA VAL D 80 8.23 -30.98 -25.44
C VAL D 80 8.95 -31.49 -24.19
N ARG D 81 9.89 -30.69 -23.68
CA ARG D 81 10.72 -31.14 -22.56
C ARG D 81 9.89 -31.40 -21.32
N ASN D 82 8.90 -30.55 -21.02
CA ASN D 82 8.12 -30.74 -19.80
C ASN D 82 7.31 -32.03 -19.84
N PRO D 83 6.39 -32.24 -20.78
CA PRO D 83 5.53 -33.44 -20.69
C PRO D 83 6.30 -34.74 -20.69
N VAL D 84 7.51 -34.76 -21.24
CA VAL D 84 8.37 -35.92 -21.09
C VAL D 84 8.83 -36.05 -19.65
N MET D 85 9.57 -35.05 -19.16
CA MET D 85 10.21 -35.18 -17.85
C MET D 85 9.17 -35.30 -16.75
N ILE D 86 8.06 -34.58 -16.87
CA ILE D 86 6.96 -34.72 -15.90
C ILE D 86 6.54 -36.18 -15.80
N GLY D 87 6.37 -36.84 -16.95
CA GLY D 87 6.05 -38.26 -16.93
C GLY D 87 7.13 -39.05 -16.20
N VAL D 88 8.39 -38.77 -16.51
CA VAL D 88 9.50 -39.47 -15.85
C VAL D 88 9.44 -39.24 -14.36
N ILE D 89 8.90 -38.10 -13.93
CA ILE D 89 8.66 -37.90 -12.51
C ILE D 89 7.39 -38.60 -12.07
N ALA D 90 6.29 -38.37 -12.81
CA ALA D 90 4.97 -38.73 -12.31
C ALA D 90 4.88 -40.22 -11.99
N GLY D 91 5.24 -41.07 -12.94
CA GLY D 91 5.21 -42.49 -12.70
C GLY D 91 6.03 -42.89 -11.49
N VAL D 92 7.23 -42.34 -11.37
CA VAL D 92 8.06 -42.63 -10.21
C VAL D 92 7.32 -42.27 -8.93
N VAL D 93 6.73 -41.08 -8.90
CA VAL D 93 5.95 -40.67 -7.74
C VAL D 93 4.85 -41.68 -7.47
N THR D 94 4.15 -42.11 -8.54
CA THR D 94 3.11 -43.12 -8.38
C THR D 94 3.67 -44.35 -7.70
N LEU D 95 4.81 -44.85 -8.18
CA LEU D 95 5.43 -46.01 -7.55
C LEU D 95 5.67 -45.75 -6.08
N THR D 96 6.21 -44.57 -5.75
CA THR D 96 6.45 -44.24 -4.35
C THR D 96 5.17 -44.38 -3.54
N ASP D 97 4.06 -43.81 -4.06
CA ASP D 97 2.78 -43.98 -3.39
C ASP D 97 2.48 -45.47 -3.23
N MET D 98 2.53 -46.21 -4.34
CA MET D 98 2.21 -47.62 -4.30
C MET D 98 3.21 -48.41 -3.46
N ALA D 99 4.34 -47.81 -3.11
CA ALA D 99 5.19 -48.41 -2.09
C ALA D 99 4.68 -48.09 -0.70
N MET D 100 4.55 -46.81 -0.36
CA MET D 100 4.29 -46.45 1.03
C MET D 100 2.82 -46.59 1.39
N ASN D 101 1.95 -46.85 0.42
CA ASN D 101 0.58 -47.26 0.74
C ASN D 101 0.50 -48.73 1.10
N ALA D 102 1.52 -49.52 0.77
CA ALA D 102 1.49 -50.95 1.01
C ALA D 102 2.33 -51.39 2.20
N TRP D 103 3.46 -50.74 2.47
CA TRP D 103 4.36 -51.14 3.53
C TRP D 103 4.61 -50.07 4.57
N MET D 104 4.12 -48.84 4.38
CA MET D 104 4.18 -47.77 5.36
C MET D 104 2.82 -47.10 5.46
N HIS D 105 1.77 -47.92 5.58
CA HIS D 105 0.40 -47.43 5.50
C HIS D 105 0.11 -46.39 6.58
N GLU D 106 0.70 -46.54 7.77
CA GLU D 106 0.45 -45.58 8.84
C GLU D 106 0.92 -44.18 8.46
N LEU D 107 2.10 -44.09 7.83
CA LEU D 107 2.58 -42.79 7.39
C LEU D 107 1.79 -42.29 6.18
N TYR D 108 1.37 -43.20 5.31
CA TYR D 108 0.61 -42.79 4.12
C TYR D 108 -0.73 -42.18 4.51
N LYS D 109 -1.39 -42.76 5.52
CA LYS D 109 -2.66 -42.19 5.98
C LYS D 109 -2.49 -40.78 6.55
N VAL D 110 -1.31 -40.47 7.08
CA VAL D 110 -1.08 -39.16 7.68
C VAL D 110 -0.81 -38.12 6.60
N LEU D 111 0.15 -38.39 5.71
CA LEU D 111 0.47 -37.44 4.65
C LEU D 111 -0.71 -37.24 3.71
N GLY D 112 -1.37 -38.33 3.32
CA GLY D 112 -2.58 -38.23 2.52
C GLY D 112 -2.35 -37.81 1.08
N LEU D 113 -2.75 -36.58 0.76
CA LEU D 113 -2.66 -36.09 -0.62
C LEU D 113 -1.27 -35.65 -1.00
N PHE D 114 -0.47 -35.18 -0.05
CA PHE D 114 0.79 -34.53 -0.40
C PHE D 114 1.90 -35.52 -0.76
N ILE D 115 1.73 -36.80 -0.46
CA ILE D 115 2.64 -37.80 -1.01
C ILE D 115 2.39 -37.94 -2.51
N ALA D 116 1.14 -37.87 -2.93
CA ALA D 116 0.83 -37.89 -4.36
C ALA D 116 1.15 -36.55 -5.01
N LEU D 117 1.14 -35.46 -4.25
CA LEU D 117 1.46 -34.14 -4.79
C LEU D 117 2.96 -33.84 -4.70
N ILE D 118 3.77 -34.75 -5.26
CA ILE D 118 5.19 -34.50 -5.44
C ILE D 118 5.53 -34.27 -6.92
N VAL D 119 4.65 -34.67 -7.84
CA VAL D 119 4.87 -34.41 -9.26
C VAL D 119 4.93 -32.91 -9.52
N THR D 120 4.04 -32.16 -8.90
CA THR D 120 3.97 -30.71 -9.09
C THR D 120 4.88 -29.94 -8.14
N ASN D 121 5.62 -30.63 -7.29
CA ASN D 121 6.56 -29.96 -6.39
C ASN D 121 7.54 -29.13 -7.19
N CYS D 122 7.51 -27.81 -6.98
CA CYS D 122 8.33 -26.90 -7.79
C CYS D 122 9.81 -27.21 -7.65
N ALA D 123 10.26 -27.65 -6.47
CA ALA D 123 11.67 -27.98 -6.29
C ALA D 123 12.09 -29.14 -7.17
N VAL D 124 11.24 -30.18 -7.26
CA VAL D 124 11.61 -31.37 -8.03
C VAL D 124 11.78 -31.03 -9.50
N LEU D 125 10.79 -30.35 -10.09
CA LEU D 125 10.87 -30.01 -11.51
C LEU D 125 11.97 -28.98 -11.76
N GLY D 126 12.13 -28.03 -10.84
CA GLY D 126 13.19 -27.04 -11.00
C GLY D 126 14.57 -27.66 -11.02
N ARG D 127 14.83 -28.61 -10.12
CA ARG D 127 16.13 -29.27 -10.11
C ARG D 127 16.27 -30.21 -11.31
N ALA D 128 15.17 -30.83 -11.75
CA ALA D 128 15.24 -31.72 -12.90
C ALA D 128 15.52 -30.95 -14.18
N GLU D 129 15.06 -29.70 -14.27
CA GLU D 129 15.23 -28.93 -15.50
C GLU D 129 16.54 -28.15 -15.48
N SER D 130 16.83 -27.45 -14.37
CA SER D 130 17.96 -26.53 -14.35
C SER D 130 19.29 -27.28 -14.32
N PHE D 131 19.41 -28.30 -13.48
CA PHE D 131 20.70 -28.94 -13.24
C PHE D 131 20.85 -30.29 -13.91
N CYS D 132 19.76 -31.05 -14.08
CA CYS D 132 19.88 -32.41 -14.59
C CYS D 132 20.01 -32.48 -16.11
N LEU D 133 19.78 -31.38 -16.81
CA LEU D 133 19.89 -31.37 -18.27
C LEU D 133 21.25 -30.88 -18.76
N ARG D 134 22.17 -30.52 -17.86
CA ARG D 134 23.47 -30.03 -18.27
C ARG D 134 24.59 -30.53 -17.35
N ASN D 135 24.37 -31.65 -16.67
CA ASN D 135 25.35 -32.21 -15.76
C ASN D 135 25.35 -33.73 -15.88
N PRO D 136 26.46 -34.38 -15.54
CA PRO D 136 26.50 -35.85 -15.57
C PRO D 136 25.62 -36.49 -14.50
N VAL D 137 25.59 -37.81 -14.46
CA VAL D 137 24.67 -38.51 -13.55
C VAL D 137 25.09 -38.33 -12.10
N ILE D 138 26.38 -38.48 -11.81
CA ILE D 138 26.85 -38.38 -10.41
C ILE D 138 26.62 -36.98 -9.84
N PRO D 139 27.00 -35.89 -10.51
CA PRO D 139 26.69 -34.57 -9.94
C PRO D 139 25.20 -34.33 -9.76
N SER D 140 24.37 -34.83 -10.68
CA SER D 140 22.92 -34.68 -10.52
C SER D 140 22.42 -35.44 -9.30
N ILE D 141 22.92 -36.66 -9.09
CA ILE D 141 22.52 -37.43 -7.91
C ILE D 141 22.92 -36.71 -6.64
N LEU D 142 24.15 -36.18 -6.60
CA LEU D 142 24.60 -35.46 -5.41
C LEU D 142 23.78 -34.19 -5.18
N ASP D 143 23.45 -33.47 -6.26
CA ASP D 143 22.62 -32.27 -6.12
C ASP D 143 21.24 -32.61 -5.59
N GLY D 144 20.64 -33.68 -6.11
CA GLY D 144 19.33 -34.09 -5.60
C GLY D 144 19.39 -34.50 -4.15
N ALA D 145 20.44 -35.23 -3.76
CA ALA D 145 20.59 -35.61 -2.36
C ALA D 145 20.75 -34.39 -1.47
N GLY D 146 21.52 -33.40 -1.90
CA GLY D 146 21.69 -32.20 -1.11
C GLY D 146 20.39 -31.41 -0.97
N MET D 147 19.65 -31.27 -2.07
CA MET D 147 18.36 -30.57 -2.00
C MET D 147 17.39 -31.29 -1.08
N GLY D 148 17.33 -32.63 -1.19
CA GLY D 148 16.48 -33.39 -0.31
C GLY D 148 16.86 -33.27 1.15
N ALA D 149 18.17 -33.27 1.43
CA ALA D 149 18.63 -33.12 2.81
C ALA D 149 18.26 -31.75 3.36
N GLY D 150 18.44 -30.69 2.56
CA GLY D 150 18.04 -29.37 3.01
C GLY D 150 16.55 -29.26 3.27
N PHE D 151 15.74 -29.82 2.36
CA PHE D 151 14.30 -29.81 2.55
C PHE D 151 13.91 -30.59 3.81
N THR D 152 14.53 -31.73 4.04
CA THR D 152 14.25 -32.51 5.23
C THR D 152 14.63 -31.75 6.49
N ALA D 153 15.76 -31.06 6.47
CA ALA D 153 16.17 -30.28 7.65
C ALA D 153 15.18 -29.17 7.94
N VAL D 154 14.74 -28.45 6.90
CA VAL D 154 13.77 -27.38 7.10
C VAL D 154 12.46 -27.94 7.64
N LEU D 155 11.99 -29.05 7.06
CA LEU D 155 10.76 -29.66 7.53
C LEU D 155 10.87 -30.10 8.98
N VAL D 156 12.00 -30.71 9.35
CA VAL D 156 12.18 -31.15 10.73
C VAL D 156 12.17 -29.97 11.68
N VAL D 157 12.85 -28.88 11.32
CA VAL D 157 12.91 -27.72 12.21
C VAL D 157 11.52 -27.12 12.40
N ILE D 158 10.79 -26.90 11.30
CA ILE D 158 9.47 -26.28 11.41
C ILE D 158 8.51 -27.20 12.16
N GLY D 159 8.53 -28.50 11.86
CA GLY D 159 7.66 -29.42 12.56
C GLY D 159 7.96 -29.49 14.04
N GLY D 160 9.25 -29.49 14.41
CA GLY D 160 9.59 -29.51 15.81
C GLY D 160 9.13 -28.27 16.53
N ILE D 161 9.32 -27.10 15.92
CA ILE D 161 8.89 -25.86 16.57
C ILE D 161 7.38 -25.85 16.76
N ARG D 162 6.63 -26.21 15.71
CA ARG D 162 5.17 -26.20 15.81
C ARG D 162 4.69 -27.24 16.82
N GLU D 163 5.30 -28.44 16.82
CA GLU D 163 4.90 -29.48 17.75
C GLU D 163 5.19 -29.09 19.20
N ILE D 164 6.32 -28.45 19.45
CA ILE D 164 6.63 -28.00 20.81
C ILE D 164 5.66 -26.92 21.24
N LEU D 165 5.35 -25.97 20.35
CA LEU D 165 4.41 -24.91 20.71
C LEU D 165 2.99 -25.44 20.91
N GLY D 166 2.63 -26.53 20.24
CA GLY D 166 1.27 -27.02 20.31
C GLY D 166 0.99 -28.09 21.35
N SER D 167 1.97 -28.96 21.60
CA SER D 167 1.79 -30.07 22.54
C SER D 167 2.94 -30.27 23.50
N GLY D 168 4.10 -29.65 23.25
CA GLY D 168 5.27 -29.80 24.09
C GLY D 168 6.19 -30.93 23.68
N THR D 169 5.65 -32.09 23.29
CA THR D 169 6.47 -33.22 22.91
C THR D 169 7.23 -32.93 21.61
N LEU D 170 8.45 -33.43 21.54
CA LEU D 170 9.28 -33.33 20.34
C LEU D 170 9.43 -34.73 19.76
N PHE D 171 8.91 -34.92 18.54
CA PHE D 171 8.78 -36.22 17.90
C PHE D 171 7.80 -37.10 18.67
N SER D 172 6.73 -37.52 18.03
CA SER D 172 5.72 -38.33 18.69
C SER D 172 5.21 -39.38 17.73
N GLN D 173 4.68 -40.47 18.30
CA GLN D 173 4.28 -41.69 17.60
C GLN D 173 5.24 -42.04 16.46
N ALA D 174 6.54 -41.96 16.73
CA ALA D 174 7.52 -42.35 15.73
C ALA D 174 7.59 -43.87 15.57
N SER D 175 7.31 -44.61 16.64
CA SER D 175 7.32 -46.06 16.56
C SER D 175 6.22 -46.58 15.63
N SER D 176 5.03 -45.98 15.73
CA SER D 176 3.93 -46.43 14.89
C SER D 176 4.07 -45.95 13.43
N LEU D 177 4.73 -44.83 13.21
CA LEU D 177 4.86 -44.27 11.86
C LEU D 177 6.14 -44.73 11.18
N LEU D 178 7.29 -44.45 11.78
CA LEU D 178 8.59 -44.74 11.19
C LEU D 178 9.19 -46.05 11.66
N GLY D 179 8.45 -46.83 12.44
CA GLY D 179 8.95 -48.09 12.93
C GLY D 179 9.43 -48.00 14.37
N SER D 180 9.34 -49.12 15.08
CA SER D 180 9.75 -49.13 16.49
C SER D 180 11.24 -48.87 16.64
N HIS D 181 12.02 -49.11 15.59
CA HIS D 181 13.47 -48.87 15.64
C HIS D 181 13.80 -47.43 15.97
N PHE D 182 12.94 -46.48 15.61
CA PHE D 182 13.15 -45.07 15.91
C PHE D 182 12.57 -44.66 17.25
N LYS D 183 12.21 -45.62 18.10
CA LYS D 183 11.58 -45.32 19.38
C LYS D 183 12.45 -44.41 20.24
N TRP D 184 13.76 -44.42 20.01
CA TRP D 184 14.66 -43.58 20.80
C TRP D 184 14.43 -42.08 20.57
N MET D 185 13.76 -41.71 19.48
CA MET D 185 13.59 -40.29 19.16
C MET D 185 12.44 -39.64 19.91
N GLU D 186 11.58 -40.41 20.58
CA GLU D 186 10.43 -39.86 21.28
C GLU D 186 10.90 -39.22 22.59
N ILE D 187 11.12 -37.91 22.54
CA ILE D 187 11.49 -37.13 23.72
C ILE D 187 10.36 -36.16 24.04
N THR D 188 10.29 -35.75 25.30
CA THR D 188 9.25 -34.86 25.78
C THR D 188 9.87 -33.57 26.31
N VAL D 189 9.34 -32.44 25.86
CA VAL D 189 9.78 -31.13 26.30
C VAL D 189 8.60 -30.43 26.95
N ILE D 190 8.86 -29.71 28.04
CA ILE D 190 7.83 -29.00 28.80
C ILE D 190 6.77 -29.99 29.27
N PRO D 191 7.09 -30.85 30.23
CA PRO D 191 6.07 -31.81 30.70
C PRO D 191 4.91 -31.10 31.37
N ASP D 192 3.75 -31.75 31.31
CA ASP D 192 2.50 -31.21 31.87
C ASP D 192 2.16 -29.86 31.22
N PHE D 193 1.95 -29.93 29.91
CA PHE D 193 1.68 -28.75 29.09
C PHE D 193 0.49 -29.04 28.20
N GLN D 194 -0.55 -28.19 28.28
CA GLN D 194 -1.68 -28.36 27.39
C GLN D 194 -1.38 -27.86 25.98
N GLY D 195 -0.51 -26.85 25.86
CA GLY D 195 -0.06 -26.37 24.57
C GLY D 195 -0.93 -25.29 23.96
N ILE D 196 -0.35 -24.50 23.07
CA ILE D 196 -1.09 -23.47 22.33
C ILE D 196 -1.67 -24.12 21.08
N LEU D 197 -2.98 -24.07 20.94
CA LEU D 197 -3.65 -24.75 19.84
C LEU D 197 -3.43 -24.05 18.50
N LEU D 198 -3.07 -22.76 18.52
CA LEU D 198 -2.95 -22.02 17.27
C LEU D 198 -1.78 -22.49 16.42
N ALA D 199 -0.74 -23.06 17.05
CA ALA D 199 0.43 -23.50 16.29
C ALA D 199 0.08 -24.63 15.34
N ILE D 200 -0.76 -25.57 15.77
CA ILE D 200 -1.18 -26.67 14.90
C ILE D 200 -2.00 -26.14 13.73
N LEU D 201 -2.82 -25.13 13.97
CA LEU D 201 -3.75 -24.65 12.96
C LEU D 201 -3.01 -23.94 11.83
N PRO D 202 -3.66 -23.76 10.67
CA PRO D 202 -3.01 -23.13 9.52
C PRO D 202 -2.41 -21.77 9.82
N PRO D 203 -3.05 -20.92 10.64
CA PRO D 203 -2.40 -19.63 10.96
C PRO D 203 -1.05 -19.77 11.62
N GLY D 204 -0.75 -20.90 12.25
CA GLY D 204 0.52 -21.09 12.93
C GLY D 204 1.68 -21.43 12.03
N ALA D 205 1.41 -21.82 10.78
CA ALA D 205 2.50 -22.25 9.89
C ALA D 205 3.17 -21.05 9.22
N PHE D 206 2.38 -20.11 8.71
CA PHE D 206 2.95 -18.96 8.02
C PHE D 206 3.80 -18.11 8.96
N ILE D 207 3.32 -17.91 10.19
CA ILE D 207 4.07 -17.10 11.16
C ILE D 207 5.40 -17.76 11.48
N VAL D 208 5.39 -19.07 11.71
CA VAL D 208 6.63 -19.78 12.03
C VAL D 208 7.60 -19.72 10.86
N LEU D 209 7.09 -19.88 9.64
CA LEU D 209 7.97 -19.80 8.47
C LEU D 209 8.57 -18.41 8.32
N GLY D 210 7.77 -17.37 8.54
CA GLY D 210 8.29 -16.01 8.48
C GLY D 210 9.35 -15.75 9.53
N PHE D 211 9.13 -16.25 10.76
CA PHE D 211 10.12 -16.09 11.80
C PHE D 211 11.41 -16.84 11.47
N LEU D 212 11.28 -18.03 10.87
CA LEU D 212 12.47 -18.76 10.44
C LEU D 212 13.23 -18.00 9.36
N LEU D 213 12.51 -17.40 8.41
CA LEU D 213 13.18 -16.61 7.38
C LEU D 213 13.91 -15.40 7.99
N ALA D 214 13.26 -14.72 8.93
CA ALA D 214 13.90 -13.59 9.60
C ALA D 214 15.15 -14.04 10.38
N ALA D 215 15.06 -15.18 11.06
CA ALA D 215 16.22 -15.71 11.79
C ALA D 215 17.34 -16.07 10.83
N LYS D 216 17.01 -16.65 9.68
CA LYS D 216 18.02 -16.95 8.68
C LYS D 216 18.70 -15.68 8.19
N ARG D 217 17.94 -14.64 7.93
CA ARG D 217 18.53 -13.37 7.50
C ARG D 217 19.44 -12.80 8.57
N VAL D 218 19.00 -12.83 9.83
CA VAL D 218 19.81 -12.28 10.91
C VAL D 218 21.11 -13.05 11.08
N ILE D 219 21.04 -14.39 11.05
CA ILE D 219 22.26 -15.17 11.24
C ILE D 219 23.18 -15.03 10.03
N ASP D 220 22.62 -14.88 8.83
CA ASP D 220 23.46 -14.64 7.66
C ASP D 220 24.20 -13.31 7.78
N ARG D 221 23.51 -12.26 8.22
CA ARG D 221 24.17 -10.98 8.40
C ARG D 221 25.25 -11.06 9.47
N LYS D 222 24.96 -11.73 10.60
CA LYS D 222 25.95 -11.83 11.66
C LYS D 222 27.15 -12.65 11.23
N ARG D 223 26.92 -13.73 10.48
CA ARG D 223 28.02 -14.53 9.97
C ARG D 223 28.88 -13.75 8.97
N ALA D 224 28.23 -12.94 8.13
CA ALA D 224 28.97 -12.08 7.22
C ALA D 224 29.83 -11.08 7.98
N GLU D 225 29.27 -10.50 9.05
CA GLU D 225 30.04 -9.57 9.86
C GLU D 225 31.22 -10.26 10.53
N ARG D 226 31.02 -11.48 11.03
CA ARG D 226 32.11 -12.23 11.65
C ARG D 226 33.20 -12.54 10.64
N ARG D 227 32.81 -12.93 9.42
CA ARG D 227 33.79 -13.20 8.37
C ARG D 227 34.55 -11.95 7.99
N GLN D 228 33.87 -10.80 7.96
CA GLN D 228 34.52 -9.52 7.70
C GLN D 228 35.56 -9.21 8.77
N MET E 35 11.85 -34.21 -37.48
CA MET E 35 10.44 -34.39 -37.85
C MET E 35 9.58 -34.57 -36.60
N VAL E 36 8.30 -34.23 -36.73
CA VAL E 36 7.35 -34.30 -35.61
C VAL E 36 7.21 -35.73 -35.10
N ALA E 37 7.52 -36.71 -35.96
CA ALA E 37 7.42 -38.11 -35.55
C ALA E 37 8.28 -38.43 -34.34
N TYR E 38 9.47 -37.82 -34.24
CA TYR E 38 10.36 -38.11 -33.13
C TYR E 38 9.75 -37.69 -31.80
N GLN E 39 9.14 -36.49 -31.75
CA GLN E 39 8.55 -36.03 -30.50
C GLN E 39 7.40 -36.92 -30.06
N GLY E 40 6.50 -37.25 -30.98
CA GLY E 40 5.40 -38.14 -30.64
C GLY E 40 5.87 -39.52 -30.21
N LEU E 41 6.85 -40.07 -30.92
CA LEU E 41 7.39 -41.37 -30.56
C LEU E 41 8.05 -41.35 -29.19
N SER E 42 8.77 -40.26 -28.87
CA SER E 42 9.41 -40.14 -27.56
C SER E 42 8.37 -40.09 -26.46
N LEU E 43 7.36 -39.22 -26.61
CA LEU E 43 6.31 -39.12 -25.61
C LEU E 43 5.59 -40.44 -25.43
N GLY E 44 5.27 -41.11 -26.53
CA GLY E 44 4.61 -42.40 -26.50
C GLY E 44 5.43 -43.47 -25.81
N LEU E 45 6.72 -43.55 -26.12
CA LEU E 45 7.62 -44.52 -25.50
C LEU E 45 7.71 -44.27 -24.00
N VAL E 46 7.85 -43.01 -23.59
CA VAL E 46 7.92 -42.68 -22.16
C VAL E 46 6.64 -43.12 -21.47
N CYS E 47 5.50 -42.78 -22.05
CA CYS E 47 4.21 -43.12 -21.47
C CYS E 47 4.04 -44.64 -21.38
N ALA E 48 4.43 -45.36 -22.42
CA ALA E 48 4.29 -46.81 -22.45
C ALA E 48 5.16 -47.48 -21.40
N VAL E 49 6.42 -47.07 -21.29
CA VAL E 49 7.33 -47.64 -20.30
C VAL E 49 6.80 -47.36 -18.90
N VAL E 50 6.36 -46.12 -18.66
CA VAL E 50 5.84 -45.78 -17.33
C VAL E 50 4.59 -46.58 -17.02
N ALA E 51 3.70 -46.75 -18.01
CA ALA E 51 2.48 -47.52 -17.78
C ALA E 51 2.80 -48.97 -17.47
N LEU E 52 3.78 -49.55 -18.17
CA LEU E 52 4.16 -50.93 -17.90
C LEU E 52 4.71 -51.08 -16.49
N LEU E 53 5.59 -50.15 -16.09
CA LEU E 53 6.14 -50.22 -14.75
C LEU E 53 5.05 -50.04 -13.69
N LEU E 54 4.11 -49.12 -13.92
CA LEU E 54 3.05 -48.90 -12.96
C LEU E 54 2.13 -50.11 -12.85
N LEU E 55 1.82 -50.76 -13.97
CA LEU E 55 0.97 -51.95 -13.89
C LEU E 55 1.68 -53.08 -13.16
N THR E 56 2.99 -53.23 -13.39
CA THR E 56 3.73 -54.24 -12.63
C THR E 56 3.72 -53.93 -11.14
N GLY E 57 3.93 -52.66 -10.77
CA GLY E 57 3.87 -52.30 -9.37
C GLY E 57 2.51 -52.53 -8.75
N ASN E 58 1.45 -52.23 -9.50
CA ASN E 58 0.10 -52.43 -8.98
C ASN E 58 -0.19 -53.91 -8.78
N ILE E 59 0.14 -54.75 -9.76
CA ILE E 59 -0.09 -56.18 -9.59
C ILE E 59 0.79 -56.73 -8.46
N MET E 60 1.90 -56.06 -8.14
CA MET E 60 2.70 -56.49 -7.01
C MET E 60 2.05 -56.12 -5.68
N THR E 61 1.50 -54.90 -5.58
CA THR E 61 1.19 -54.32 -4.28
C THR E 61 -0.29 -54.19 -3.95
N HIS E 62 -1.20 -54.49 -4.89
CA HIS E 62 -2.61 -54.26 -4.61
C HIS E 62 -3.14 -55.20 -3.55
N GLY E 63 -2.70 -56.47 -3.55
CA GLY E 63 -3.13 -57.39 -2.51
C GLY E 63 -2.69 -56.96 -1.13
N THR E 64 -1.44 -56.48 -1.02
CA THR E 64 -0.94 -55.99 0.26
C THR E 64 -1.71 -54.76 0.71
N ILE E 65 -2.05 -53.87 -0.23
CA ILE E 65 -2.83 -52.68 0.11
C ILE E 65 -4.21 -53.08 0.64
N ALA E 66 -4.85 -54.03 -0.03
CA ALA E 66 -6.16 -54.49 0.42
C ALA E 66 -6.07 -55.15 1.79
N GLU E 67 -5.02 -55.94 2.02
CA GLU E 67 -4.82 -56.56 3.33
C GLU E 67 -4.62 -55.50 4.41
N GLN E 68 -3.86 -54.45 4.11
CA GLN E 68 -3.64 -53.38 5.06
C GLN E 68 -4.96 -52.68 5.39
N GLN E 69 -5.79 -52.41 4.38
CA GLN E 69 -7.07 -51.77 4.63
C GLN E 69 -7.98 -52.65 5.48
N MET E 70 -8.02 -53.95 5.19
CA MET E 70 -8.81 -54.86 5.99
C MET E 70 -8.31 -54.92 7.43
N GLN E 71 -6.99 -54.91 7.61
CA GLN E 71 -6.42 -54.94 8.96
C GLN E 71 -6.75 -53.66 9.71
N ASP E 72 -6.74 -52.52 9.02
CA ASP E 72 -7.13 -51.26 9.66
C ASP E 72 -8.60 -51.29 10.08
N ARG E 73 -9.48 -51.84 9.23
CA ARG E 73 -10.88 -51.98 9.60
C ARG E 73 -11.04 -52.87 10.81
N LEU E 74 -10.31 -53.99 10.86
CA LEU E 74 -10.38 -54.89 12.00
C LEU E 74 -9.86 -54.22 13.27
N ALA E 75 -8.79 -53.43 13.15
CA ALA E 75 -8.26 -52.71 14.31
C ALA E 75 -9.26 -51.69 14.83
N THR E 76 -9.95 -50.99 13.92
CA THR E 76 -10.99 -50.06 14.35
C THR E 76 -12.12 -50.81 15.05
N LEU E 77 -12.52 -51.96 14.52
CA LEU E 77 -13.60 -52.73 15.13
C LEU E 77 -13.21 -53.28 16.49
N ARG E 78 -11.96 -53.71 16.67
CA ARG E 78 -11.52 -54.40 17.86
C ARG E 78 -11.57 -53.53 19.11
N GLU E 79 -11.58 -52.21 18.97
CA GLU E 79 -11.56 -51.33 20.13
C GLU E 79 -12.87 -51.31 20.89
N VAL E 80 -13.96 -51.79 20.28
CA VAL E 80 -15.26 -51.84 20.95
C VAL E 80 -15.75 -53.27 21.19
N LEU E 81 -15.17 -54.26 20.52
CA LEU E 81 -15.63 -55.65 20.63
C LEU E 81 -14.49 -56.54 21.09
N PRO E 82 -14.52 -57.06 22.32
CA PRO E 82 -13.44 -57.93 22.78
C PRO E 82 -13.39 -59.23 21.99
N GLN E 83 -12.18 -59.81 21.94
CA GLN E 83 -11.95 -60.97 21.10
C GLN E 83 -12.76 -62.19 21.55
N SER E 84 -12.88 -62.38 22.87
CA SER E 84 -13.49 -63.60 23.39
C SER E 84 -14.95 -63.73 23.00
N LEU E 85 -15.65 -62.62 22.81
CA LEU E 85 -17.10 -62.69 22.56
C LEU E 85 -17.40 -63.31 21.20
N TYR E 86 -16.61 -63.00 20.18
CA TYR E 86 -16.89 -63.43 18.82
C TYR E 86 -15.88 -64.48 18.37
N ASP E 87 -16.35 -65.43 17.56
CA ASP E 87 -15.51 -66.46 16.97
C ASP E 87 -15.40 -66.32 15.46
N ASN E 88 -16.51 -66.13 14.76
CA ASN E 88 -16.48 -65.96 13.32
C ASN E 88 -15.92 -64.59 12.96
N ASN E 89 -15.71 -64.38 11.66
CA ASN E 89 -15.18 -63.10 11.20
C ASN E 89 -16.30 -62.06 11.16
N PRO E 90 -16.22 -61.01 11.97
CA PRO E 90 -17.31 -60.02 11.98
C PRO E 90 -17.51 -59.31 10.65
N LEU E 91 -16.44 -59.03 9.92
CA LEU E 91 -16.56 -58.36 8.63
C LEU E 91 -16.69 -59.39 7.49
N ALA E 92 -17.60 -60.34 7.68
CA ALA E 92 -17.98 -61.28 6.63
C ALA E 92 -19.48 -61.54 6.56
N ASP E 93 -20.22 -61.31 7.65
CA ASP E 93 -21.64 -61.61 7.72
C ASP E 93 -22.49 -60.35 7.88
N SER E 94 -21.97 -59.19 7.47
CA SER E 94 -22.69 -57.94 7.53
C SER E 94 -24.05 -58.05 6.85
N PHE E 95 -25.12 -57.87 7.62
CA PHE E 95 -26.47 -57.93 7.06
C PHE E 95 -27.11 -56.55 7.19
N LYS E 96 -27.26 -55.87 6.06
CA LYS E 96 -27.93 -54.57 6.05
C LYS E 96 -29.40 -54.73 6.39
N VAL E 97 -29.87 -53.93 7.35
CA VAL E 97 -31.26 -53.91 7.77
C VAL E 97 -31.81 -52.52 7.51
N GLN E 98 -33.13 -52.43 7.44
CA GLN E 98 -33.80 -51.17 7.15
C GLN E 98 -34.88 -50.90 8.19
N ASP E 99 -34.90 -49.68 8.70
CA ASP E 99 -35.87 -49.28 9.71
C ASP E 99 -36.66 -48.06 9.26
N ALA E 100 -37.44 -47.47 10.17
CA ALA E 100 -38.28 -46.34 9.83
C ALA E 100 -37.65 -44.99 10.14
N GLU E 101 -36.62 -44.93 10.99
CA GLU E 101 -36.00 -43.69 11.38
C GLU E 101 -34.57 -43.57 10.86
N LEU E 102 -33.70 -44.52 11.21
CA LEU E 102 -32.31 -44.43 10.80
C LEU E 102 -32.14 -44.62 9.29
N GLY E 103 -33.00 -45.42 8.67
CA GLY E 103 -32.87 -45.71 7.26
C GLY E 103 -32.30 -47.08 7.01
N GLU E 104 -31.04 -47.15 6.58
CA GLU E 104 -30.37 -48.40 6.31
C GLU E 104 -29.11 -48.50 7.17
N VAL E 105 -28.87 -49.68 7.75
CA VAL E 105 -27.75 -49.88 8.66
C VAL E 105 -26.76 -50.89 8.09
N GLU E 106 -25.67 -51.11 8.81
CA GLU E 106 -24.56 -51.97 8.41
C GLU E 106 -24.19 -52.91 9.56
N VAL E 107 -25.19 -53.63 10.07
CA VAL E 107 -24.98 -54.44 11.26
C VAL E 107 -24.02 -55.58 10.97
N LEU E 108 -22.99 -55.69 11.81
CA LEU E 108 -22.04 -56.80 11.77
C LEU E 108 -22.28 -57.68 12.99
N PRO E 109 -22.54 -58.98 12.82
CA PRO E 109 -22.74 -59.86 13.97
C PRO E 109 -21.42 -60.29 14.58
N ALA E 110 -21.52 -60.86 15.78
CA ALA E 110 -20.37 -61.39 16.50
C ALA E 110 -20.71 -62.77 17.07
N ARG E 111 -21.28 -63.63 16.22
CA ARG E 111 -21.72 -64.95 16.65
C ARG E 111 -20.53 -65.80 17.08
N LEU E 112 -20.74 -66.62 18.11
CA LEU E 112 -19.69 -67.51 18.62
C LEU E 112 -19.78 -68.89 17.97
N GLN E 113 -20.93 -69.55 18.12
CA GLN E 113 -21.18 -70.85 17.52
C GLN E 113 -22.53 -70.90 16.82
N GLY E 114 -23.02 -69.75 16.38
CA GLY E 114 -24.36 -69.63 15.83
C GLY E 114 -25.33 -68.88 16.72
N LYS E 115 -24.99 -68.67 17.99
CA LYS E 115 -25.82 -67.90 18.93
C LYS E 115 -25.25 -66.49 18.95
N LEU E 116 -26.01 -65.53 18.44
CA LEU E 116 -25.59 -64.14 18.40
C LEU E 116 -25.27 -63.61 19.80
N THR E 117 -24.10 -62.98 19.94
CA THR E 117 -23.70 -62.40 21.22
C THR E 117 -23.54 -60.90 21.19
N ALA E 118 -23.24 -60.31 20.04
CA ALA E 118 -23.06 -58.86 19.94
C ALA E 118 -23.30 -58.44 18.50
N VAL E 119 -23.74 -57.19 18.33
CA VAL E 119 -23.93 -56.58 17.03
C VAL E 119 -23.28 -55.20 17.04
N VAL E 120 -22.52 -54.93 15.98
CA VAL E 120 -21.80 -53.66 15.86
C VAL E 120 -22.40 -52.91 14.67
N PHE E 121 -22.82 -51.67 14.90
CA PHE E 121 -23.32 -50.81 13.85
C PHE E 121 -22.84 -49.39 14.09
N GLN E 122 -23.31 -48.46 13.27
CA GLN E 122 -22.87 -47.08 13.32
C GLN E 122 -24.06 -46.14 13.33
N GLY E 123 -23.86 -44.97 13.94
CA GLY E 123 -24.89 -43.96 14.00
C GLY E 123 -24.33 -42.59 13.65
N ARG E 124 -25.22 -41.73 13.16
CA ARG E 124 -24.87 -40.38 12.73
C ARG E 124 -25.86 -39.42 13.33
N ASN E 125 -25.38 -38.28 13.85
CA ASN E 125 -26.29 -37.28 14.38
C ASN E 125 -25.63 -35.91 14.36
N ILE E 126 -26.45 -34.87 14.18
CA ILE E 126 -25.92 -33.52 14.04
C ILE E 126 -25.38 -33.02 15.37
N GLY E 127 -24.15 -32.53 15.36
CA GLY E 127 -23.54 -31.95 16.54
C GLY E 127 -23.48 -30.44 16.45
N TYR E 128 -22.31 -29.86 16.68
CA TYR E 128 -22.15 -28.42 16.53
C TYR E 128 -21.48 -28.04 15.21
N GLY E 129 -20.29 -28.60 14.95
CA GLY E 129 -19.57 -28.32 13.73
C GLY E 129 -19.91 -29.22 12.57
N GLY E 130 -20.89 -30.10 12.71
CA GLY E 130 -21.27 -31.00 11.65
C GLY E 130 -21.72 -32.34 12.19
N PRO E 131 -22.14 -33.24 11.30
CA PRO E 131 -22.57 -34.56 11.74
C PRO E 131 -21.45 -35.34 12.40
N ILE E 132 -21.82 -36.09 13.45
CA ILE E 132 -20.91 -36.95 14.19
C ILE E 132 -21.27 -38.39 13.84
N GLU E 133 -20.26 -39.15 13.43
CA GLU E 133 -20.39 -40.56 13.10
C GLU E 133 -19.68 -41.37 14.15
N GLN E 134 -20.42 -42.27 14.82
CA GLN E 134 -19.88 -43.07 15.92
C GLN E 134 -20.28 -44.52 15.73
N MET E 135 -19.63 -45.40 16.49
CA MET E 135 -19.81 -46.84 16.38
C MET E 135 -20.31 -47.40 17.71
N MET E 136 -21.26 -48.33 17.63
CA MET E 136 -21.82 -48.97 18.81
C MET E 136 -21.70 -50.49 18.67
N SER E 137 -21.55 -51.15 19.82
CA SER E 137 -21.20 -52.58 19.90
C SER E 137 -22.14 -53.30 20.85
N VAL E 138 -23.45 -53.13 20.63
CA VAL E 138 -24.44 -53.55 21.61
C VAL E 138 -24.49 -55.07 21.67
N ASP E 139 -24.46 -55.63 22.89
CA ASP E 139 -24.44 -57.07 23.05
C ASP E 139 -25.82 -57.66 22.74
N ALA E 140 -25.95 -58.97 22.95
CA ALA E 140 -27.19 -59.66 22.64
C ALA E 140 -28.30 -59.40 23.67
N GLN E 141 -27.96 -58.85 24.83
CA GLN E 141 -28.94 -58.60 25.88
C GLN E 141 -29.24 -57.13 26.08
N GLY E 142 -28.66 -56.25 25.28
CA GLY E 142 -28.91 -54.82 25.39
C GLY E 142 -27.85 -54.02 26.11
N LYS E 143 -26.87 -54.69 26.72
CA LYS E 143 -25.80 -53.98 27.42
C LYS E 143 -24.77 -53.47 26.41
N ILE E 144 -24.40 -52.20 26.55
CA ILE E 144 -23.44 -51.60 25.64
C ILE E 144 -22.04 -52.05 26.01
N LEU E 145 -21.31 -52.59 25.04
CA LEU E 145 -19.95 -53.06 25.25
C LEU E 145 -18.89 -52.00 24.95
N GLY E 146 -19.30 -50.81 24.51
CA GLY E 146 -18.35 -49.76 24.21
C GLY E 146 -18.76 -48.90 23.03
N VAL E 147 -18.59 -47.59 23.16
CA VAL E 147 -18.93 -46.64 22.11
C VAL E 147 -17.70 -45.80 21.81
N ARG E 148 -17.39 -45.64 20.53
CA ARG E 148 -16.27 -44.81 20.09
C ARG E 148 -16.76 -43.86 19.00
N VAL E 149 -16.22 -42.64 19.01
CA VAL E 149 -16.58 -41.63 18.02
C VAL E 149 -15.59 -41.73 16.86
N LEU E 150 -16.11 -42.02 15.66
CA LEU E 150 -15.25 -42.20 14.49
C LEU E 150 -14.90 -40.86 13.85
N THR E 151 -15.92 -40.10 13.46
CA THR E 151 -15.71 -38.85 12.73
C THR E 151 -16.48 -37.72 13.42
N HIS E 152 -15.79 -36.61 13.68
CA HIS E 152 -16.41 -35.44 14.26
C HIS E 152 -15.61 -34.20 13.86
N LYS E 153 -16.26 -33.05 13.94
CA LYS E 153 -15.61 -31.77 13.66
C LYS E 153 -15.98 -30.75 14.72
N GLU E 154 -15.91 -31.17 15.99
CA GLU E 154 -16.18 -30.28 17.10
C GLU E 154 -14.98 -29.38 17.36
N THR E 155 -15.19 -28.35 18.17
CA THR E 155 -14.13 -27.38 18.43
C THR E 155 -13.05 -28.00 19.30
N PRO E 156 -11.79 -28.05 18.85
CA PRO E 156 -10.74 -28.62 19.69
C PRO E 156 -10.51 -27.79 20.94
N GLY E 157 -10.18 -28.48 22.02
CA GLY E 157 -9.93 -27.83 23.30
C GLY E 157 -11.18 -27.47 24.08
N LEU E 158 -12.35 -27.64 23.51
CA LEU E 158 -13.61 -27.32 24.16
C LEU E 158 -14.58 -28.48 24.18
N ALA E 159 -14.63 -29.28 23.12
CA ALA E 159 -15.51 -30.44 23.06
C ALA E 159 -14.81 -31.64 22.44
N ASP E 160 -13.50 -31.76 22.63
CA ASP E 160 -12.74 -32.88 22.09
C ASP E 160 -12.61 -34.03 23.07
N LYS E 161 -13.30 -33.97 24.20
CA LYS E 161 -13.23 -35.03 25.21
C LYS E 161 -14.05 -36.26 24.83
N ILE E 162 -14.83 -36.19 23.73
CA ILE E 162 -15.56 -37.37 23.28
C ILE E 162 -14.61 -38.47 22.85
N GLU E 163 -13.44 -38.11 22.33
CA GLU E 163 -12.48 -39.11 21.90
C GLU E 163 -11.96 -39.89 23.10
N ALA E 164 -11.74 -41.18 22.91
CA ALA E 164 -11.33 -42.06 23.99
C ALA E 164 -9.85 -41.92 24.34
N SER E 165 -9.07 -41.21 23.53
CA SER E 165 -7.65 -41.04 23.78
C SER E 165 -7.34 -39.83 24.66
N ARG E 166 -8.36 -39.08 25.08
CA ARG E 166 -8.13 -37.87 25.87
C ARG E 166 -8.95 -37.89 27.15
N SER E 167 -10.08 -38.59 27.14
CA SER E 167 -10.97 -38.60 28.30
C SER E 167 -11.67 -39.95 28.39
N ASP E 168 -12.16 -40.27 29.58
CA ASP E 168 -12.92 -41.48 29.83
C ASP E 168 -14.42 -41.26 29.74
N TRP E 169 -14.86 -40.07 29.31
CA TRP E 169 -16.29 -39.78 29.23
C TRP E 169 -17.00 -40.75 28.30
N ILE E 170 -16.42 -41.01 27.14
CA ILE E 170 -17.02 -41.94 26.18
C ILE E 170 -17.08 -43.35 26.74
N LYS E 171 -16.38 -43.61 27.84
CA LYS E 171 -16.44 -44.91 28.51
C LYS E 171 -17.55 -44.99 29.55
N VAL E 172 -18.42 -43.99 29.63
CA VAL E 172 -19.56 -44.09 30.54
C VAL E 172 -20.51 -45.19 30.10
N PHE E 173 -20.76 -45.29 28.80
CA PHE E 173 -21.66 -46.31 28.25
C PHE E 173 -20.90 -47.62 28.18
N ASP E 174 -20.87 -48.35 29.30
CA ASP E 174 -20.22 -49.65 29.34
C ASP E 174 -21.02 -50.75 30.01
N GLY E 175 -22.09 -50.43 30.73
CA GLY E 175 -22.93 -51.44 31.33
C GLY E 175 -24.40 -51.09 31.25
N LEU E 176 -24.70 -49.96 30.59
CA LEU E 176 -26.06 -49.47 30.52
C LEU E 176 -26.87 -50.28 29.50
N SER E 177 -28.19 -50.16 29.60
CA SER E 177 -29.12 -50.82 28.70
C SER E 177 -30.45 -50.08 28.77
N LEU E 178 -31.46 -50.60 28.08
CA LEU E 178 -32.81 -50.05 28.14
C LEU E 178 -33.63 -50.60 29.28
N GLU E 179 -33.05 -51.49 30.09
CA GLU E 179 -33.74 -52.07 31.24
C GLU E 179 -33.44 -51.33 32.54
N ASN E 180 -32.17 -51.07 32.83
CA ASN E 180 -31.77 -50.39 34.05
C ASN E 180 -31.72 -48.87 33.89
N THR E 181 -32.04 -48.34 32.71
CA THR E 181 -32.04 -46.90 32.48
C THR E 181 -33.26 -46.58 31.62
N ALA E 182 -34.30 -46.03 32.26
CA ALA E 182 -35.54 -45.71 31.56
C ALA E 182 -35.33 -44.53 30.62
N LEU E 183 -36.42 -44.14 29.94
CA LEU E 183 -36.35 -43.02 29.02
C LEU E 183 -36.47 -41.69 29.76
N ASP E 184 -35.68 -41.55 30.83
CA ASP E 184 -35.57 -40.29 31.55
C ASP E 184 -34.13 -39.93 31.89
N LYS E 185 -33.23 -40.89 31.98
CA LYS E 185 -31.82 -40.64 32.27
C LYS E 185 -30.95 -40.67 31.02
N TRP E 186 -31.54 -40.92 29.84
CA TRP E 186 -30.79 -40.88 28.59
C TRP E 186 -30.72 -39.47 28.02
N LYS E 187 -30.31 -38.52 28.86
CA LYS E 187 -30.14 -37.14 28.46
C LYS E 187 -29.00 -36.54 29.28
N VAL E 188 -28.48 -35.40 28.81
CA VAL E 188 -27.47 -34.70 29.58
C VAL E 188 -28.09 -34.09 30.83
N LYS E 189 -27.24 -33.76 31.79
CA LYS E 189 -27.73 -33.21 33.06
C LYS E 189 -28.42 -31.87 32.87
N LYS E 190 -28.14 -31.17 31.77
CA LYS E 190 -28.85 -29.94 31.48
C LYS E 190 -30.32 -30.19 31.21
N ASP E 191 -30.65 -31.32 30.57
CA ASP E 191 -32.02 -31.66 30.23
C ASP E 191 -32.66 -32.59 31.25
N GLY E 192 -31.98 -32.87 32.36
CA GLY E 192 -32.54 -33.72 33.39
C GLY E 192 -32.26 -35.19 33.19
N GLY E 193 -30.98 -35.55 33.05
CA GLY E 193 -30.55 -36.91 32.86
C GLY E 193 -29.48 -37.29 33.87
N GLN E 194 -28.66 -38.26 33.48
CA GLN E 194 -27.59 -38.75 34.33
C GLN E 194 -26.21 -38.68 33.69
N PHE E 195 -26.10 -38.17 32.46
CA PHE E 195 -24.83 -38.12 31.76
C PHE E 195 -24.22 -36.72 31.89
N ASP E 196 -22.95 -36.67 32.28
CA ASP E 196 -22.26 -35.39 32.44
C ASP E 196 -22.08 -34.70 31.10
N GLN E 197 -22.00 -33.37 31.15
CA GLN E 197 -21.76 -32.54 29.99
C GLN E 197 -20.44 -31.82 30.13
N PHE E 198 -19.80 -31.55 29.00
CA PHE E 198 -18.52 -30.85 29.03
C PHE E 198 -18.69 -29.43 29.55
N ALA E 199 -17.67 -28.95 30.26
CA ALA E 199 -17.66 -27.59 30.75
C ALA E 199 -17.58 -26.65 29.56
N GLY E 200 -18.66 -25.92 29.30
CA GLY E 200 -18.73 -25.04 28.16
C GLY E 200 -19.17 -25.69 26.87
N ALA E 201 -19.58 -26.95 26.89
CA ALA E 201 -20.07 -27.64 25.70
C ALA E 201 -21.13 -28.67 26.08
N THR E 202 -22.32 -28.53 25.51
CA THR E 202 -23.48 -29.40 25.87
C THR E 202 -24.09 -29.99 24.60
N ILE E 203 -24.01 -29.30 23.47
CA ILE E 203 -24.58 -29.79 22.22
C ILE E 203 -23.96 -31.11 21.78
N THR E 204 -22.63 -31.21 21.88
CA THR E 204 -21.96 -32.46 21.53
C THR E 204 -22.36 -33.63 22.44
N PRO E 205 -22.36 -33.49 23.78
CA PRO E 205 -22.91 -34.58 24.60
C PRO E 205 -24.35 -34.91 24.28
N ARG E 206 -25.17 -33.90 23.98
CA ARG E 206 -26.55 -34.17 23.59
C ARG E 206 -26.61 -35.04 22.35
N ALA E 207 -25.80 -34.70 21.34
CA ALA E 207 -25.79 -35.48 20.11
C ALA E 207 -25.32 -36.91 20.35
N VAL E 208 -24.27 -37.07 21.16
CA VAL E 208 -23.74 -38.41 21.42
C VAL E 208 -24.77 -39.26 22.16
N VAL E 209 -25.40 -38.69 23.19
CA VAL E 209 -26.39 -39.44 23.96
C VAL E 209 -27.60 -39.78 23.10
N LYS E 210 -28.03 -38.85 22.25
CA LYS E 210 -29.15 -39.13 21.35
C LYS E 210 -28.79 -40.26 20.38
N THR E 211 -27.57 -40.26 19.85
CA THR E 211 -27.16 -41.34 18.96
C THR E 211 -27.17 -42.68 19.70
N VAL E 212 -26.67 -42.71 20.92
CA VAL E 212 -26.64 -43.96 21.68
C VAL E 212 -28.06 -44.46 21.95
N LEU E 213 -28.95 -43.54 22.36
CA LEU E 213 -30.33 -43.93 22.63
C LEU E 213 -31.02 -44.43 21.38
N GLN E 214 -30.80 -43.75 20.25
CA GLN E 214 -31.42 -44.19 19.00
C GLN E 214 -30.90 -45.55 18.57
N GLY E 215 -29.61 -45.81 18.78
CA GLY E 215 -29.08 -47.13 18.47
C GLY E 215 -29.70 -48.22 19.33
N LEU E 216 -29.83 -47.96 20.63
CA LEU E 216 -30.45 -48.95 21.51
C LEU E 216 -31.91 -49.18 21.13
N GLN E 217 -32.65 -48.12 20.83
CA GLN E 217 -34.05 -48.28 20.43
C GLN E 217 -34.16 -49.02 19.11
N PHE E 218 -33.26 -48.75 18.17
CA PHE E 218 -33.26 -49.48 16.90
C PHE E 218 -32.99 -50.97 17.12
N GLN E 219 -32.06 -51.30 18.00
CA GLN E 219 -31.84 -52.70 18.32
C GLN E 219 -33.07 -53.33 18.95
N ALA E 220 -33.74 -52.59 19.84
CA ALA E 220 -34.94 -53.10 20.47
C ALA E 220 -36.06 -53.35 19.45
N ARG E 221 -36.23 -52.45 18.50
CA ARG E 221 -37.30 -52.60 17.50
C ARG E 221 -37.10 -53.85 16.65
N HIS E 222 -35.89 -54.02 16.11
CA HIS E 222 -35.58 -55.18 15.28
C HIS E 222 -35.11 -56.32 16.18
N ALA E 223 -36.03 -57.22 16.52
CA ALA E 223 -35.74 -58.36 17.39
C ALA E 223 -35.20 -59.51 16.56
N GLU E 224 -35.15 -60.70 17.17
CA GLU E 224 -34.63 -61.89 16.52
C GLU E 224 -33.23 -61.68 15.95
N GLN E 225 -33.17 -61.30 14.66
CA GLN E 225 -31.90 -61.20 13.94
C GLN E 225 -30.86 -60.37 14.68
N LEU E 226 -31.25 -59.24 15.26
CA LEU E 226 -30.31 -58.34 15.93
C LEU E 226 -30.30 -58.49 17.45
N LYS E 227 -31.21 -59.28 18.01
CA LYS E 227 -31.33 -59.39 19.47
C LYS E 227 -30.96 -60.78 19.97
N ALA E 228 -31.59 -61.83 19.44
CA ALA E 228 -31.37 -63.21 19.88
C ALA E 228 -31.58 -63.36 21.39
N ARG F 2 15.74 34.62 -37.61
CA ARG F 2 16.04 33.85 -36.41
C ARG F 2 17.50 33.40 -36.42
N VAL F 3 18.35 34.15 -35.71
CA VAL F 3 19.77 33.87 -35.58
C VAL F 3 20.20 34.21 -34.16
N SER F 4 21.48 34.01 -33.87
CA SER F 4 22.04 34.30 -32.56
C SER F 4 23.29 35.17 -32.72
N VAL F 5 23.55 35.97 -31.69
CA VAL F 5 24.75 36.80 -31.62
C VAL F 5 25.49 36.45 -30.34
N VAL F 6 26.79 36.23 -30.45
CA VAL F 6 27.62 35.80 -29.33
C VAL F 6 28.76 36.78 -29.14
N TYR F 7 28.99 37.16 -27.89
CA TYR F 7 30.18 37.90 -27.49
C TYR F 7 31.08 36.92 -26.73
N ALA F 8 32.27 36.67 -27.27
CA ALA F 8 33.20 35.69 -26.75
C ALA F 8 34.11 36.26 -25.66
N ASP F 9 33.67 37.30 -24.98
CA ASP F 9 34.45 37.88 -23.89
C ASP F 9 34.72 36.84 -22.82
N PRO F 10 35.99 36.53 -22.52
CA PRO F 10 36.26 35.51 -21.49
C PRO F 10 35.72 35.88 -20.12
N ALA F 11 35.64 37.17 -19.80
CA ALA F 11 35.07 37.59 -18.52
C ALA F 11 33.59 37.22 -18.42
N LYS F 12 32.85 37.43 -19.51
CA LYS F 12 31.41 37.17 -19.53
C LYS F 12 30.99 36.77 -20.94
N PRO F 13 30.91 35.47 -21.23
CA PRO F 13 30.47 35.04 -22.56
C PRO F 13 28.97 35.24 -22.76
N LEU F 14 28.60 36.20 -23.61
CA LEU F 14 27.19 36.54 -23.81
C LEU F 14 26.66 35.86 -25.05
N GLN F 15 25.39 35.45 -25.01
CA GLN F 15 24.71 34.87 -26.16
C GLN F 15 23.26 35.32 -26.16
N LEU F 16 22.83 35.91 -27.27
CA LEU F 16 21.47 36.40 -27.43
C LEU F 16 20.88 35.83 -28.71
N SER F 17 19.55 35.71 -28.73
CA SER F 17 18.83 35.21 -29.90
C SER F 17 17.89 36.29 -30.39
N CYS F 18 17.95 36.59 -31.69
CA CYS F 18 17.15 37.64 -32.29
C CYS F 18 16.56 37.18 -33.61
N LYS F 19 15.32 37.57 -33.87
CA LYS F 19 14.66 37.29 -35.14
C LYS F 19 14.89 38.46 -36.08
N VAL F 20 15.45 38.19 -37.25
CA VAL F 20 15.78 39.21 -38.23
C VAL F 20 15.07 38.90 -39.54
N GLU F 21 14.83 39.95 -40.32
CA GLU F 21 14.21 39.79 -41.63
C GLU F 21 15.14 38.98 -42.55
N ASP F 22 14.53 38.11 -43.36
CA ASP F 22 15.31 37.31 -44.29
C ASP F 22 16.03 38.21 -45.29
N GLY F 23 17.26 37.84 -45.65
CA GLY F 23 18.07 38.68 -46.51
C GLY F 23 18.76 39.82 -45.81
N CYS F 24 18.84 39.78 -44.48
CA CYS F 24 19.45 40.87 -43.72
C CYS F 24 20.97 40.82 -43.83
N SER F 25 21.63 41.70 -43.09
CA SER F 25 23.09 41.75 -43.04
C SER F 25 23.55 41.61 -41.59
N VAL F 26 24.83 41.32 -41.43
CA VAL F 26 25.39 41.17 -40.08
C VAL F 26 25.30 42.48 -39.31
N GLU F 27 25.53 43.61 -40.00
CA GLU F 27 25.46 44.90 -39.33
C GLU F 27 24.07 45.16 -38.76
N GLN F 28 23.04 45.03 -39.60
CA GLN F 28 21.67 45.27 -39.13
C GLN F 28 21.24 44.22 -38.11
N ALA F 29 21.68 42.96 -38.27
CA ALA F 29 21.34 41.94 -37.29
C ALA F 29 21.93 42.28 -35.92
N ILE F 30 23.18 42.74 -35.89
CA ILE F 30 23.81 43.12 -34.63
C ILE F 30 23.13 44.36 -34.05
N GLN F 31 22.75 45.31 -34.90
CA GLN F 31 22.06 46.50 -34.41
C GLN F 31 20.71 46.15 -33.79
N GLN F 32 19.97 45.23 -34.43
CA GLN F 32 18.68 44.80 -33.89
C GLN F 32 18.84 43.96 -32.63
N SER F 33 19.90 43.17 -32.54
CA SER F 33 20.08 42.27 -31.41
C SER F 33 20.29 43.01 -30.10
N GLY F 34 20.77 44.25 -30.15
CA GLY F 34 20.96 45.04 -28.95
C GLY F 34 22.20 44.68 -28.14
N VAL F 35 23.16 43.97 -28.73
CA VAL F 35 24.39 43.66 -28.01
C VAL F 35 25.24 44.90 -27.78
N LEU F 36 25.03 45.96 -28.58
CA LEU F 36 25.78 47.19 -28.40
C LEU F 36 25.48 47.84 -27.06
N ARG F 37 24.20 47.88 -26.67
CA ARG F 37 23.85 48.53 -25.41
C ARG F 37 24.28 47.70 -24.21
N CYS F 38 24.37 46.37 -24.36
CA CYS F 38 24.86 45.54 -23.27
C CYS F 38 26.33 45.83 -22.97
N CYS F 39 27.13 46.00 -24.01
CA CYS F 39 28.56 46.28 -23.86
C CYS F 39 28.92 47.49 -24.73
N PRO F 40 29.03 48.68 -24.14
CA PRO F 40 29.40 49.86 -24.93
C PRO F 40 30.80 49.82 -25.51
N ASP F 41 31.66 48.93 -25.01
CA ASP F 41 33.04 48.82 -25.48
C ASP F 41 33.19 47.96 -26.72
N ILE F 42 32.11 47.76 -27.48
CA ILE F 42 32.15 46.96 -28.70
C ILE F 42 32.39 47.89 -29.87
N ASP F 43 33.47 47.64 -30.61
CA ASP F 43 33.79 48.37 -31.83
C ASP F 43 33.48 47.46 -33.02
N LEU F 44 32.44 47.81 -33.77
CA LEU F 44 32.01 46.96 -34.88
C LEU F 44 32.91 47.11 -36.11
N LYS F 45 33.74 48.16 -36.14
CA LYS F 45 34.69 48.34 -37.24
C LYS F 45 36.07 47.78 -36.92
N LYS F 46 36.37 47.54 -35.65
CA LYS F 46 37.69 47.08 -35.23
C LYS F 46 37.73 45.59 -34.89
N GLN F 47 36.85 45.14 -34.01
CA GLN F 47 36.88 43.75 -33.58
C GLN F 47 36.40 42.82 -34.70
N LYS F 48 36.82 41.56 -34.61
CA LYS F 48 36.52 40.59 -35.65
C LYS F 48 35.09 40.06 -35.52
N VAL F 49 34.41 39.95 -36.66
CA VAL F 49 33.05 39.43 -36.73
C VAL F 49 33.07 38.20 -37.63
N GLY F 50 32.55 37.09 -37.10
CA GLY F 50 32.59 35.83 -37.82
C GLY F 50 31.25 35.13 -37.79
N VAL F 51 31.11 34.15 -38.68
CA VAL F 51 29.97 33.25 -38.72
C VAL F 51 30.51 31.84 -38.51
N PHE F 52 30.06 31.19 -37.44
CA PHE F 52 30.44 29.81 -37.10
C PHE F 52 31.96 29.63 -37.13
N GLY F 53 32.70 30.69 -36.81
CA GLY F 53 34.14 30.62 -36.74
C GLY F 53 34.90 31.07 -37.97
N LYS F 54 34.24 31.68 -38.95
CA LYS F 54 34.89 32.17 -40.15
C LYS F 54 34.68 33.68 -40.24
N PHE F 55 35.78 34.42 -40.39
CA PHE F 55 35.70 35.87 -40.52
C PHE F 55 34.82 36.25 -41.71
N VAL F 56 33.90 37.18 -41.49
CA VAL F 56 32.93 37.57 -42.50
C VAL F 56 32.90 39.10 -42.61
N LYS F 57 32.01 39.58 -43.47
CA LYS F 57 31.85 41.00 -43.75
C LYS F 57 30.52 41.49 -43.17
N LEU F 58 30.48 42.79 -42.86
CA LEU F 58 29.33 43.36 -42.15
C LEU F 58 28.04 43.23 -42.95
N ASP F 59 28.10 43.52 -44.25
CA ASP F 59 26.92 43.46 -45.10
C ASP F 59 26.74 42.13 -45.81
N SER F 60 27.46 41.10 -45.38
CA SER F 60 27.27 39.77 -45.95
C SER F 60 25.89 39.23 -45.57
N PRO F 61 25.13 38.68 -46.51
CA PRO F 61 23.83 38.11 -46.16
C PRO F 61 23.97 36.90 -45.25
N LEU F 62 22.96 36.71 -44.40
CA LEU F 62 22.94 35.61 -43.46
C LEU F 62 21.64 34.83 -43.62
N LYS F 63 21.74 33.52 -43.42
CA LYS F 63 20.60 32.62 -43.53
C LYS F 63 20.03 32.32 -42.14
N ASP F 64 18.88 31.65 -42.13
CA ASP F 64 18.26 31.27 -40.87
C ASP F 64 19.11 30.21 -40.17
N GLY F 65 19.25 30.36 -38.86
CA GLY F 65 20.08 29.45 -38.09
C GLY F 65 21.55 29.79 -38.03
N ASP F 66 21.94 30.96 -38.53
CA ASP F 66 23.33 31.39 -38.45
C ASP F 66 23.67 31.88 -37.05
N ARG F 67 24.97 32.00 -36.78
CA ARG F 67 25.46 32.43 -35.47
C ARG F 67 26.57 33.46 -35.69
N ILE F 68 26.23 34.74 -35.54
CA ILE F 68 27.21 35.81 -35.63
C ILE F 68 27.97 35.89 -34.32
N GLU F 69 29.29 36.02 -34.39
CA GLU F 69 30.14 36.05 -33.21
C GLU F 69 31.09 37.23 -33.31
N ILE F 70 31.18 38.01 -32.23
CA ILE F 70 32.08 39.16 -32.16
C ILE F 70 33.20 38.81 -31.18
N TYR F 71 34.43 38.80 -31.65
CA TYR F 71 35.57 38.46 -30.81
C TYR F 71 36.75 39.34 -31.18
N GLN F 72 37.88 39.11 -30.50
CA GLN F 72 39.08 39.91 -30.70
C GLN F 72 39.67 39.70 -32.09
N ILE G 2 -2.44 -54.96 -24.87
CA ILE G 2 -3.62 -54.69 -24.06
C ILE G 2 -4.36 -53.48 -24.61
N GLU G 3 -5.62 -53.32 -24.24
CA GLU G 3 -6.45 -52.25 -24.75
C GLU G 3 -6.19 -50.90 -24.09
N ALA G 4 -5.39 -50.86 -23.02
CA ALA G 4 -5.12 -49.64 -22.28
C ALA G 4 -3.83 -48.96 -22.71
N THR G 5 -2.75 -49.73 -22.90
CA THR G 5 -1.49 -49.16 -23.35
C THR G 5 -1.63 -48.56 -24.74
N LEU G 6 -2.42 -49.20 -25.61
CA LEU G 6 -2.67 -48.65 -26.93
C LEU G 6 -3.36 -47.29 -26.84
N ALA G 7 -4.36 -47.17 -25.97
CA ALA G 7 -5.07 -45.90 -25.82
C ALA G 7 -4.15 -44.82 -25.26
N LEU G 8 -3.33 -45.18 -24.26
CA LEU G 8 -2.40 -44.21 -23.70
C LEU G 8 -1.39 -43.75 -24.75
N THR G 9 -0.86 -44.68 -25.55
CA THR G 9 0.08 -44.31 -26.61
C THR G 9 -0.60 -43.45 -27.65
N VAL G 10 -1.86 -43.74 -27.99
CA VAL G 10 -2.59 -42.91 -28.95
C VAL G 10 -2.72 -41.49 -28.42
N MET G 11 -3.10 -41.35 -27.15
CA MET G 11 -3.23 -40.02 -26.56
C MET G 11 -1.88 -39.29 -26.59
N GLY G 12 -0.81 -40.00 -26.22
CA GLY G 12 0.52 -39.41 -26.23
C GLY G 12 0.97 -38.94 -27.60
N VAL G 13 0.80 -39.78 -28.61
CA VAL G 13 1.26 -39.42 -29.96
C VAL G 13 0.39 -38.29 -30.52
N LEU G 14 -0.91 -38.30 -30.19
CA LEU G 14 -1.77 -37.19 -30.60
C LEU G 14 -1.29 -35.88 -30.00
N LEU G 15 -1.00 -35.88 -28.70
CA LEU G 15 -0.53 -34.66 -28.06
C LEU G 15 0.80 -34.21 -28.64
N GLY G 16 1.72 -35.14 -28.87
CA GLY G 16 3.01 -34.82 -29.44
C GLY G 16 2.93 -34.24 -30.84
N CYS G 17 2.16 -34.88 -31.71
CA CYS G 17 1.98 -34.39 -33.06
C CYS G 17 1.29 -33.03 -33.07
N GLY G 18 0.30 -32.84 -32.19
CA GLY G 18 -0.35 -31.55 -32.10
C GLY G 18 0.62 -30.45 -31.68
N LEU G 19 1.45 -30.73 -30.68
CA LEU G 19 2.45 -29.76 -30.24
C LEU G 19 3.44 -29.45 -31.36
N GLY G 20 3.90 -30.48 -32.08
CA GLY G 20 4.82 -30.26 -33.17
C GLY G 20 4.24 -29.41 -34.29
N LEU G 21 3.01 -29.72 -34.70
CA LEU G 21 2.36 -28.95 -35.75
C LEU G 21 2.08 -27.53 -35.29
N ALA G 22 1.72 -27.35 -34.01
CA ALA G 22 1.52 -26.01 -33.48
C ALA G 22 2.82 -25.21 -33.50
N ALA G 23 3.93 -25.85 -33.13
CA ALA G 23 5.22 -25.18 -33.18
C ALA G 23 5.58 -24.80 -34.60
N ARG G 24 5.30 -25.69 -35.56
CA ARG G 24 5.61 -25.40 -36.96
C ARG G 24 4.78 -24.23 -37.49
N LYS G 25 3.46 -24.29 -37.30
CA LYS G 25 2.59 -23.29 -37.91
C LYS G 25 2.66 -21.95 -37.18
N PHE G 26 2.69 -21.98 -35.85
CA PHE G 26 2.67 -20.77 -35.06
C PHE G 26 4.08 -20.35 -34.64
N GLY G 75 14.92 -22.32 -18.54
CA GLY G 75 13.69 -21.70 -18.08
C GLY G 75 13.58 -21.61 -16.57
N GLY G 76 12.61 -22.34 -16.01
CA GLY G 76 12.41 -22.36 -14.58
C GLY G 76 11.32 -21.41 -14.12
N VAL G 77 10.73 -21.75 -12.96
CA VAL G 77 9.66 -20.91 -12.42
C VAL G 77 10.20 -19.58 -11.92
N GLY G 78 11.33 -19.61 -11.21
CA GLY G 78 11.85 -18.38 -10.62
C GLY G 78 12.24 -17.34 -11.66
N LEU G 79 12.90 -17.77 -12.74
CA LEU G 79 13.27 -16.84 -13.79
C LEU G 79 12.05 -16.31 -14.53
N ALA G 80 11.03 -17.15 -14.72
CA ALA G 80 9.81 -16.70 -15.38
C ALA G 80 9.08 -15.66 -14.54
N GLU G 81 9.20 -15.75 -13.21
CA GLU G 81 8.59 -14.74 -12.34
C GLU G 81 9.27 -13.39 -12.52
N LYS G 82 10.59 -13.40 -12.76
CA LYS G 82 11.33 -12.15 -12.92
C LYS G 82 10.84 -11.36 -14.13
N LEU G 83 10.60 -12.06 -15.24
CA LEU G 83 10.09 -11.41 -16.45
C LEU G 83 8.72 -10.80 -16.22
N ALA G 84 7.84 -11.55 -15.54
CA ALA G 84 6.49 -11.05 -15.28
C ALA G 84 6.51 -9.80 -14.42
N ALA G 85 7.36 -9.78 -13.40
CA ALA G 85 7.47 -8.63 -12.51
C ALA G 85 8.51 -7.64 -13.04
N ALA G 98 29.37 12.64 -11.02
CA ALA G 98 29.09 14.07 -11.05
C ALA G 98 29.56 14.70 -12.35
N PRO G 99 28.73 15.54 -12.95
CA PRO G 99 29.11 16.19 -14.21
C PRO G 99 30.24 17.19 -14.01
N MET G 100 30.99 17.41 -15.09
CA MET G 100 32.10 18.35 -15.08
C MET G 100 32.03 19.20 -16.33
N LEU G 101 32.66 20.37 -16.27
CA LEU G 101 32.65 21.33 -17.37
C LEU G 101 34.06 21.86 -17.60
N ALA G 102 34.32 22.26 -18.84
CA ALA G 102 35.66 22.69 -19.23
C ALA G 102 35.96 24.06 -18.64
N ARG G 103 37.21 24.48 -18.82
CA ARG G 103 37.68 25.77 -18.32
C ARG G 103 38.93 26.16 -19.07
N VAL G 104 38.98 27.41 -19.52
CA VAL G 104 40.11 27.96 -20.29
C VAL G 104 40.64 29.17 -19.55
N GLU G 105 41.94 29.19 -19.30
CA GLU G 105 42.58 30.31 -18.63
C GLU G 105 42.85 31.43 -19.64
N ALA G 106 43.56 32.47 -19.20
CA ALA G 106 43.88 33.61 -20.05
C ALA G 106 45.30 33.55 -20.59
N SER G 107 46.04 32.49 -20.31
CA SER G 107 47.43 32.41 -20.76
C SER G 107 47.75 31.14 -21.51
N GLN G 108 47.15 30.01 -21.13
CA GLN G 108 47.48 28.73 -21.75
C GLN G 108 46.88 28.58 -23.14
N CYS G 109 46.03 29.51 -23.57
CA CYS G 109 45.44 29.46 -24.91
C CYS G 109 46.16 30.46 -25.80
N ILE G 110 46.76 29.95 -26.89
CA ILE G 110 47.47 30.77 -27.86
C ILE G 110 46.76 30.75 -29.22
N GLY G 111 45.49 30.35 -29.23
CA GLY G 111 44.74 30.28 -30.47
C GLY G 111 45.25 29.26 -31.46
N CYS G 112 45.58 28.07 -30.99
CA CYS G 112 46.03 26.99 -31.86
C CYS G 112 44.86 26.21 -32.46
N THR G 113 43.62 26.59 -32.12
CA THR G 113 42.37 26.10 -32.69
C THR G 113 42.24 24.57 -32.70
N ARG G 114 43.05 23.88 -31.89
CA ARG G 114 42.96 22.44 -31.76
C ARG G 114 41.76 21.98 -30.96
N CYS G 115 41.31 22.80 -30.00
CA CYS G 115 40.20 22.41 -29.12
C CYS G 115 38.88 22.41 -29.90
N TYR G 116 38.65 23.48 -30.69
CA TYR G 116 37.50 23.53 -31.57
C TYR G 116 37.58 22.39 -32.58
N ARG G 117 38.81 22.08 -33.02
CA ARG G 117 39.00 21.01 -33.99
C ARG G 117 38.59 19.66 -33.41
N ALA G 118 38.90 19.41 -32.15
CA ALA G 118 38.46 18.19 -31.47
C ALA G 118 37.47 18.58 -30.37
N CYS G 119 36.22 18.78 -30.79
CA CYS G 119 35.09 19.03 -29.90
C CYS G 119 33.79 18.77 -30.66
N PRO G 120 33.26 17.55 -30.64
CA PRO G 120 32.03 17.28 -31.40
C PRO G 120 30.88 18.20 -31.02
N THR G 121 30.76 18.54 -29.74
CA THR G 121 29.79 19.54 -29.32
C THR G 121 30.30 20.94 -29.67
N ASP G 122 29.36 21.85 -29.92
CA ASP G 122 29.71 23.24 -30.22
C ASP G 122 29.88 23.99 -28.90
N ALA G 123 30.90 23.56 -28.15
CA ALA G 123 31.19 24.16 -26.85
C ALA G 123 32.23 25.28 -26.96
N ILE G 124 33.40 24.97 -27.50
CA ILE G 124 34.42 25.99 -27.70
C ILE G 124 33.99 26.90 -28.83
N VAL G 125 34.03 28.22 -28.60
CA VAL G 125 33.72 29.21 -29.60
C VAL G 125 34.96 30.09 -29.78
N GLY G 126 35.35 30.31 -31.05
CA GLY G 126 36.50 31.13 -31.34
C GLY G 126 37.48 30.48 -32.30
N ALA G 127 38.29 31.30 -32.96
CA ALA G 127 39.27 30.83 -33.92
C ALA G 127 40.47 31.78 -33.86
N SER G 128 41.30 31.75 -34.91
CA SER G 128 42.44 32.66 -35.04
C SER G 128 43.43 32.47 -33.89
N GLY G 129 44.25 33.47 -33.63
CA GLY G 129 45.28 33.39 -32.61
C GLY G 129 45.12 34.48 -31.57
N GLN G 130 45.44 34.15 -30.31
CA GLN G 130 45.38 35.09 -29.19
C GLN G 130 43.98 35.67 -29.03
N VAL G 131 42.96 34.84 -29.31
CA VAL G 131 41.57 35.26 -29.13
C VAL G 131 40.95 34.67 -27.87
N HIS G 132 41.63 33.73 -27.21
CA HIS G 132 41.19 33.17 -25.92
C HIS G 132 39.80 32.53 -26.03
N VAL G 133 39.76 31.45 -26.81
CA VAL G 133 38.54 30.69 -26.98
C VAL G 133 38.01 30.25 -25.63
N VAL G 134 36.69 30.27 -25.47
CA VAL G 134 36.04 29.94 -24.22
C VAL G 134 34.90 28.97 -24.51
N LEU G 135 34.58 28.12 -23.53
CA LEU G 135 33.54 27.12 -23.69
C LEU G 135 32.16 27.74 -23.51
N GLU G 136 31.14 26.88 -23.48
CA GLU G 136 29.76 27.29 -23.28
C GLU G 136 29.11 26.34 -22.28
N ASP G 137 27.80 26.42 -22.16
CA ASP G 137 27.05 25.51 -21.30
C ASP G 137 26.89 24.12 -21.91
N ALA G 138 27.27 23.94 -23.17
CA ALA G 138 27.07 22.68 -23.87
C ALA G 138 28.16 21.65 -23.58
N CYS G 139 29.15 21.99 -22.77
CA CYS G 139 30.22 21.04 -22.46
C CYS G 139 29.67 19.88 -21.63
N THR G 140 30.31 18.71 -21.77
CA THR G 140 29.92 17.52 -21.02
C THR G 140 31.10 16.86 -20.33
N GLY G 141 32.31 17.40 -20.44
CA GLY G 141 33.46 16.80 -19.81
C GLY G 141 33.97 15.55 -20.46
N CYS G 142 33.66 15.33 -21.75
CA CYS G 142 34.14 14.15 -22.44
C CYS G 142 35.65 14.13 -22.61
N GLY G 143 36.31 15.28 -22.49
CA GLY G 143 37.75 15.34 -22.53
C GLY G 143 38.36 15.37 -23.91
N LYS G 144 37.57 15.62 -24.96
CA LYS G 144 38.12 15.69 -26.31
C LYS G 144 39.07 16.87 -26.48
N CYS G 145 38.98 17.88 -25.63
CA CYS G 145 39.83 19.06 -25.71
C CYS G 145 40.99 19.04 -24.72
N ARG G 146 41.01 18.09 -23.78
CA ARG G 146 42.10 18.02 -22.82
C ARG G 146 43.43 17.78 -23.51
N ASP G 147 43.57 16.63 -24.16
CA ASP G 147 44.82 16.31 -24.86
C ASP G 147 44.98 17.09 -26.15
N ALA G 148 43.92 17.74 -26.63
CA ALA G 148 44.01 18.47 -27.89
C ALA G 148 44.97 19.65 -27.78
N CYS G 149 44.94 20.35 -26.66
CA CYS G 149 45.77 21.55 -26.50
C CYS G 149 47.21 21.18 -26.22
N PRO G 150 48.17 21.62 -27.04
CA PRO G 150 49.58 21.33 -26.74
C PRO G 150 50.06 21.93 -25.44
N GLU G 151 49.52 23.08 -25.03
CA GLU G 151 49.95 23.74 -23.81
C GLU G 151 49.12 23.35 -22.59
N ASP G 152 48.19 22.40 -22.75
CA ASP G 152 47.36 21.90 -21.65
C ASP G 152 46.54 23.04 -21.03
N CYS G 153 45.65 23.61 -21.85
CA CYS G 153 44.84 24.74 -21.42
C CYS G 153 43.54 24.32 -20.75
N VAL G 154 42.94 23.20 -21.18
CA VAL G 154 41.66 22.79 -20.64
C VAL G 154 41.84 22.35 -19.19
N LEU G 155 40.94 22.82 -18.32
CA LEU G 155 41.05 22.64 -16.88
C LEU G 155 39.71 22.14 -16.32
N LEU G 156 39.18 21.06 -16.92
CA LEU G 156 37.93 20.45 -16.50
C LEU G 156 37.76 20.47 -14.99
N ILE G 157 36.63 21.01 -14.55
CA ILE G 157 36.33 21.15 -13.12
C ILE G 157 34.88 20.76 -12.88
N PRO G 158 34.58 20.28 -11.67
CA PRO G 158 33.18 20.00 -11.33
C PRO G 158 32.35 21.27 -11.34
N GLN G 159 31.08 21.11 -11.70
CA GLN G 159 30.18 22.25 -11.80
C GLN G 159 29.92 22.84 -10.41
N GLU G 160 29.96 24.16 -10.33
CA GLU G 160 29.77 24.86 -9.06
C GLU G 160 28.30 25.05 -8.76
N GLN G 161 27.97 25.10 -7.47
CA GLN G 161 26.59 25.32 -7.06
C GLN G 161 26.22 26.80 -7.20
N THR G 162 25.09 27.07 -7.85
CA THR G 162 24.60 28.42 -8.03
C THR G 162 23.13 28.47 -7.61
N LEU G 163 22.56 29.68 -7.66
CA LEU G 163 21.18 29.87 -7.23
C LEU G 163 20.20 29.11 -8.11
N ASP G 164 20.43 29.11 -9.43
CA ASP G 164 19.49 28.46 -10.34
C ASP G 164 19.58 26.94 -10.28
N THR G 165 20.66 26.39 -9.72
CA THR G 165 20.82 24.94 -9.57
C THR G 165 20.64 24.50 -8.12
N TRP G 166 19.77 25.17 -7.38
CA TRP G 166 19.55 24.89 -5.96
C TRP G 166 18.22 24.16 -5.79
N ARG G 167 18.26 23.03 -5.11
CA ARG G 167 17.08 22.21 -4.85
C ARG G 167 16.94 21.97 -3.35
N TRP G 168 15.71 21.78 -2.90
CA TRP G 168 15.45 21.55 -1.48
C TRP G 168 15.98 20.19 -1.07
N ASP G 169 16.37 20.09 0.21
CA ASP G 169 16.90 18.86 0.78
C ASP G 169 15.79 18.03 1.39
N LYS G 170 15.95 16.71 1.31
CA LYS G 170 14.96 15.80 1.85
C LYS G 170 14.90 15.90 3.38
N PRO G 171 13.70 15.85 3.97
CA PRO G 171 13.61 15.81 5.43
C PRO G 171 14.31 14.59 6.00
N ALA G 172 14.84 14.74 7.22
CA ALA G 172 15.71 13.72 7.79
C ALA G 172 14.98 12.39 7.97
N ALA G 173 13.98 12.36 8.84
CA ALA G 173 13.26 11.13 9.16
C ALA G 173 12.08 11.48 10.05
N ALA G 174 11.23 10.49 10.28
CA ALA G 174 10.07 10.64 11.16
C ALA G 174 10.18 9.71 12.36
FE1 FES H . 5.45 -24.86 -5.49
FE2 FES H . 3.23 -26.16 -4.70
S1 FES H . 3.36 -24.31 -5.87
S2 FES H . 5.32 -26.79 -4.46
C1B LMT I . -23.90 -26.48 8.41
C2B LMT I . -23.36 -26.68 9.84
C3B LMT I . -22.53 -27.97 9.92
C4B LMT I . -21.43 -27.97 8.83
C5B LMT I . -22.12 -27.71 7.47
C6B LMT I . -21.82 -28.88 6.53
O1B LMT I . -23.48 -25.24 7.93
O2B LMT I . -22.59 -25.58 10.12
O3B LMT I . -23.32 -29.08 9.87
O4' LMT I . -20.50 -26.99 9.06
O5B LMT I . -23.51 -27.53 7.58
O6B LMT I . -22.33 -30.04 7.05
C1' LMT I . -26.65 -23.10 6.28
C2' LMT I . -26.49 -24.56 5.77
C3' LMT I . -25.15 -25.23 6.20
C4' LMT I . -24.40 -24.40 7.26
C5' LMT I . -25.49 -23.91 8.23
C6' LMT I . -24.99 -23.40 9.56
O1' LMT I . -25.89 -22.23 5.54
O2' LMT I . -27.53 -25.31 6.25
O3' LMT I . -24.35 -25.42 5.12
O5' LMT I . -26.30 -22.90 7.65
O6' LMT I . -26.02 -22.67 10.09
C1 LMT I . -26.49 -20.99 5.30
C2 LMT I . -25.80 -20.47 4.08
C3 LMT I . -26.34 -19.19 3.51
C4 LMT I . -25.64 -18.05 4.20
C5 LMT I . -24.25 -17.89 3.67
C6 LMT I . -24.25 -17.34 2.29
C7 LMT I . -24.22 -15.84 2.34
C8 LMT I . -22.81 -15.39 2.50
C9 LMT I . -22.60 -13.92 2.33
C10 LMT I . -21.14 -13.68 2.12
C11 LMT I . -20.83 -12.22 2.06
C12 LMT I . -19.41 -11.97 1.67
N1 FMN J . -3.02 36.50 -4.40
C2 FMN J . -3.22 37.73 -3.74
O2 FMN J . -3.53 38.75 -4.32
N3 FMN J . -3.04 37.79 -2.32
C4 FMN J . -2.68 36.72 -1.54
O4 FMN J . -2.54 36.86 -0.31
C4A FMN J . -2.48 35.44 -2.21
N5 FMN J . -2.14 34.41 -1.50
C5A FMN J . -1.96 33.23 -2.19
C6 FMN J . -1.61 32.09 -1.44
C7 FMN J . -1.41 30.90 -2.06
C7M FMN J . -1.04 29.72 -1.26
C8 FMN J . -1.58 30.79 -3.45
C8M FMN J . -1.38 29.51 -4.18
C9 FMN J . -1.92 31.88 -4.21
C9A FMN J . -2.13 33.12 -3.60
N10 FMN J . -2.48 34.24 -4.32
C10 FMN J . -2.69 35.45 -3.67
C1' FMN J . -2.70 34.19 -5.82
C2' FMN J . -1.40 34.51 -6.59
O2' FMN J . -0.48 34.91 -5.60
C3' FMN J . -1.66 35.64 -7.62
O3' FMN J . -2.83 36.28 -7.21
C4' FMN J . -1.87 35.10 -9.05
O4' FMN J . -1.20 33.89 -9.18
C5' FMN J . -1.30 36.20 -10.02
O5' FMN J . -1.69 37.39 -9.53
P FMN J . -0.79 38.87 -10.11
O1P FMN J . -1.81 39.89 -9.68
O2P FMN J . -0.71 38.56 -11.57
O3P FMN J . 0.48 38.75 -9.28
FE1 SF4 K . -2.14 13.37 6.84
FE2 SF4 K . -0.55 13.63 9.06
FE3 SF4 K . -1.11 11.15 8.05
FE4 SF4 K . -3.08 12.58 9.30
S1 SF4 K . -1.16 11.78 10.24
S2 SF4 K . -3.24 11.44 7.33
S3 SF4 K . -2.53 14.69 8.67
S4 SF4 K . 0.06 12.81 7.03
FE1 SF4 L . -0.57 20.96 -2.15
FE2 SF4 L . -1.95 22.68 -0.54
FE3 SF4 L . -1.04 20.30 0.45
FE4 SF4 L . -3.10 20.34 -1.34
S1 SF4 L . -3.10 21.21 0.77
S2 SF4 L . -1.29 18.95 -1.37
S3 SF4 L . -2.48 22.08 -2.67
S4 SF4 L . 0.22 22.04 -0.30
C1B LMT M . -31.07 -23.99 8.33
C2B LMT M . -31.64 -25.28 7.71
C3B LMT M . -30.64 -26.44 7.78
C4B LMT M . -29.48 -26.14 8.77
C5B LMT M . -30.10 -25.42 9.99
C6B LMT M . -29.04 -25.27 11.08
O1B LMT M . -32.04 -22.99 8.25
O2B LMT M . -32.81 -25.59 8.38
O3B LMT M . -30.16 -26.78 6.53
O4' LMT M . -28.89 -27.30 9.19
O5B LMT M . -30.66 -24.17 9.67
O6B LMT M . -28.40 -26.47 11.28
C1' LMT M . -31.67 -21.60 4.37
C2' LMT M . -30.52 -22.32 5.12
C3' LMT M . -30.47 -21.99 6.65
C4' LMT M . -31.86 -21.92 7.34
C5' LMT M . -32.92 -22.04 6.24
C6' LMT M . -34.34 -21.91 6.72
O1' LMT M . -31.16 -20.54 3.66
O2' LMT M . -30.65 -23.68 4.95
O3' LMT M . -29.80 -20.83 6.85
O5' LMT M . -32.64 -21.08 5.26
O6' LMT M . -34.43 -20.69 7.35
C1 LMT M . -31.95 -19.39 3.60
C2 LMT M . -31.24 -18.39 4.46
C3 LMT M . -29.79 -18.18 4.16
C4 LMT M . -29.71 -17.36 2.91
C5 LMT M . -30.08 -15.95 3.19
C6 LMT M . -29.84 -15.06 2.02
C7 LMT M . -28.38 -14.79 1.87
C8 LMT M . -27.88 -14.14 3.12
C9 LMT M . -26.76 -13.18 2.91
C10 LMT M . -27.37 -11.92 2.36
C11 LMT M . -26.36 -10.83 2.21
C12 LMT M . -25.28 -11.21 1.24
C1B LMT N . -40.64 -17.15 -0.24
C2B LMT N . -40.71 -15.63 -0.46
C3B LMT N . -41.84 -14.99 0.36
C4B LMT N . -43.17 -15.76 0.15
C5B LMT N . -42.88 -17.24 0.45
C6B LMT N . -44.15 -18.06 0.32
O1B LMT N . -40.14 -17.38 1.04
O2B LMT N . -39.49 -15.11 -0.07
O3B LMT N . -41.98 -13.65 0.08
O4' LMT N . -44.13 -15.31 1.02
O5B LMT N . -41.88 -17.75 -0.39
O6B LMT N . -43.95 -19.32 0.80
C1' LMT N . -37.47 -19.41 3.07
C2' LMT N . -37.31 -19.73 1.58
C3' LMT N . -38.28 -18.85 0.75
C4' LMT N . -39.69 -18.66 1.37
C5' LMT N . -39.57 -18.65 2.92
C6' LMT N . -40.90 -18.64 3.63
O1' LMT N . -36.68 -20.18 3.86
O2' LMT N . -36.02 -19.44 1.20
O3' LMT N . -38.40 -19.36 -0.51
O5' LMT N . -38.80 -19.70 3.40
O6' LMT N . -40.77 -19.47 4.70
C1 LMT N . -35.43 -19.61 4.22
C2 LMT N . -35.71 -18.22 4.71
C3 LMT N . -34.80 -17.15 4.19
C4 LMT N . -35.30 -15.83 4.71
C5 LMT N . -34.41 -14.73 4.27
C6 LMT N . -34.54 -13.52 5.12
C7 LMT N . -33.77 -12.37 4.54
C8 LMT N . -32.45 -12.28 5.21
C9 LMT N . -31.63 -11.11 4.78
C10 LMT N . -31.33 -11.28 3.32
C11 LMT N . -30.82 -10.02 2.72
C12 LMT N . -31.89 -8.98 2.64
N1 RBF O . -6.11 0.35 18.45
C2 RBF O . -6.46 -1.03 18.49
O2 RBF O . -5.63 -1.87 18.76
N3 RBF O . -7.79 -1.41 18.20
C4 RBF O . -8.83 -0.53 17.88
O4 RBF O . -9.94 -0.94 17.64
C4A RBF O . -8.47 0.91 17.84
N5 RBF O . -9.38 1.79 17.54
C5A RBF O . -8.99 3.14 17.52
C6 RBF O . -9.95 4.10 17.20
C7 RBF O . -9.61 5.43 17.16
C7M RBF O . -10.62 6.47 16.83
C8 RBF O . -8.29 5.83 17.44
C8M RBF O . -7.93 7.27 17.40
C9 RBF O . -7.32 4.90 17.76
C9A RBF O . -7.66 3.54 17.80
N10 RBF O . -6.72 2.55 18.09
C10 RBF O . -7.08 1.21 18.15
C1' RBF O . -5.33 2.89 18.42
C2' RBF O . -4.53 3.09 17.11
O2' RBF O . -5.40 3.51 16.10
C3' RBF O . -3.93 1.72 16.76
O3' RBF O . -2.86 1.60 17.65
C4' RBF O . -3.44 1.58 15.30
O4' RBF O . -3.59 0.29 14.81
C5' RBF O . -1.92 1.88 15.44
O5' RBF O . -1.35 0.96 14.56
C1B LMT P . -39.49 -5.65 18.58
C2B LMT P . -38.28 -6.56 18.91
C3B LMT P . -38.64 -8.05 18.71
C4B LMT P . -39.96 -8.40 19.43
C5B LMT P . -41.01 -7.41 18.93
C6B LMT P . -42.38 -7.74 19.54
O1B LMT P . -39.69 -5.56 17.20
O2B LMT P . -37.23 -6.21 18.11
O3B LMT P . -37.60 -8.87 19.09
O4' LMT P . -40.35 -9.68 19.15
O5B LMT P . -40.66 -6.07 19.22
O6B LMT P . -43.24 -6.69 19.36
C1' LMT P . -39.83 -3.11 13.90
C2' LMT P . -39.22 -4.53 13.93
C3' LMT P . -38.46 -4.86 15.25
C4' LMT P . -39.20 -4.40 16.54
C5' LMT P . -40.37 -3.50 16.10
C6' LMT P . -41.10 -2.81 17.22
O1' LMT P . -39.04 -2.27 13.17
O2' LMT P . -40.22 -5.46 13.73
O3' LMT P . -37.21 -4.32 15.23
O5' LMT P . -39.88 -2.55 15.20
O6' LMT P . -42.08 -2.05 16.62
C1 LMT P . -39.71 -1.42 12.28
C2 LMT P . -38.63 -0.61 11.64
C3 LMT P . -39.07 0.48 10.71
C4 LMT P . -37.89 1.38 10.45
C5 LMT P . -36.84 0.67 9.66
C6 LMT P . -35.74 1.58 9.23
C7 LMT P . -35.16 2.30 10.41
C8 LMT P . -33.69 2.48 10.19
C9 LMT P . -32.98 3.12 11.35
C10 LMT P . -31.50 3.00 11.08
C11 LMT P . -30.70 3.48 12.24
C12 LMT P . -30.78 2.52 13.39
C1B LMT Q . -30.45 -8.18 37.97
C2B LMT Q . -31.30 -9.18 38.77
C3B LMT Q . -32.08 -10.11 37.82
C4B LMT Q . -31.18 -10.60 36.65
C5B LMT Q . -30.59 -9.36 35.94
C6B LMT Q . -31.12 -9.29 34.52
O1B LMT Q . -29.10 -8.53 38.09
O2B LMT Q . -30.44 -9.91 39.55
O3B LMT Q . -33.24 -9.52 37.36
O4' LMT Q . -30.16 -11.39 37.12
O5B LMT Q . -30.86 -8.17 36.63
O6B LMT Q . -30.26 -9.91 33.66
C1' LMT Q . -27.56 -4.73 38.79
C2' LMT Q . -27.56 -5.15 37.31
C3' LMT Q . -28.40 -6.44 37.10
C4' LMT Q . -28.11 -7.52 38.15
C5' LMT Q . -28.18 -6.82 39.52
C6' LMT Q . -28.07 -7.73 40.71
O1' LMT Q . -26.65 -3.72 39.01
O2' LMT Q . -28.12 -4.13 36.59
O3' LMT Q . -28.18 -6.95 35.86
O5' LMT Q . -27.17 -5.84 39.60
O6' LMT Q . -28.59 -7.03 41.77
C1 LMT Q . -25.33 -3.97 38.59
C2 LMT Q . -24.96 -2.79 37.73
C3 LMT Q . -25.67 -1.51 38.02
C4 LMT Q . -24.83 -0.71 38.98
C5 LMT Q . -23.86 0.14 38.23
C6 LMT Q . -23.32 1.24 39.10
C7 LMT Q . -22.17 1.92 38.40
C8 LMT Q . -22.71 2.93 37.45
C9 LMT Q . -21.68 3.87 36.90
C10 LMT Q . -22.23 4.43 35.62
C11 LMT Q . -21.26 5.38 34.99
C12 LMT Q . -21.13 6.65 35.77
C1B LMT R . -0.26 -22.02 43.72
C2B LMT R . -1.05 -22.98 42.83
C3B LMT R . -2.56 -22.68 42.90
C4B LMT R . -3.03 -22.58 44.38
C5B LMT R . -2.10 -21.59 45.09
C6B LMT R . -2.53 -21.44 46.55
O1B LMT R . -0.33 -20.75 43.17
O2B LMT R . -0.59 -22.83 41.55
O3B LMT R . -3.30 -23.59 42.18
O4' LMT R . -4.32 -22.11 44.44
O5B LMT R . -0.76 -22.00 45.02
O6B LMT R . -1.95 -20.32 47.10
C1' LMT R . 0.07 -18.14 41.21
C2' LMT R . 0.76 -19.48 40.85
C3' LMT R . 1.61 -19.95 42.05
C4' LMT R . 0.78 -19.90 43.35
C5' LMT R . 0.24 -18.46 43.46
C6' LMT R . 0.56 -17.78 44.76
O1' LMT R . 0.28 -17.20 40.23
O2' LMT R . -0.21 -20.41 40.60
O3' LMT R . 2.72 -19.17 42.20
O5' LMT R . 0.66 -17.66 42.39
O6' LMT R . 1.82 -17.24 44.61
C1 LMT R . 1.60 -17.12 39.74
C2 LMT R . 2.12 -15.79 40.19
C3 LMT R . 1.32 -14.60 39.80
C4 LMT R . 1.12 -14.66 38.31
C5 LMT R . 0.53 -13.39 37.81
C6 LMT R . 1.58 -12.44 37.32
C7 LMT R . 0.92 -11.26 36.66
C8 LMT R . 1.96 -10.52 35.89
C9 LMT R . 1.47 -9.25 35.25
C10 LMT R . 2.60 -8.70 34.44
C11 LMT R . 2.52 -7.21 34.33
C12 LMT R . 3.54 -6.68 33.38
C1B LMT S . -4.28 -14.11 53.19
C2B LMT S . -5.59 -13.84 53.96
C3B LMT S . -5.84 -12.33 54.12
C4B LMT S . -4.58 -11.62 54.68
C5B LMT S . -3.42 -11.97 53.73
C6B LMT S . -2.17 -11.23 54.15
O1B LMT S . -4.45 -13.86 51.83
O2B LMT S . -6.60 -14.42 53.24
O3B LMT S . -6.95 -12.08 54.88
O4' LMT S . -4.75 -10.26 54.71
O5B LMT S . -3.20 -13.37 53.69
O6B LMT S . -1.10 -11.66 53.41
C1' LMT S . -4.26 -15.67 48.13
C2' LMT S . -5.40 -16.18 49.03
C3' LMT S . -5.59 -15.25 50.25
C4' LMT S . -4.25 -14.94 50.95
C5' LMT S . -3.30 -14.46 49.81
C6' LMT S . -1.98 -13.93 50.29
O1' LMT S . -3.97 -16.58 47.15
O2' LMT S . -6.56 -16.18 48.29
O3' LMT S . -6.45 -15.81 51.15
O5' LMT S . -3.09 -15.51 48.91
O6' LMT S . -1.20 -13.81 49.17
C1 LMT S . -2.73 -16.41 46.51
C2 LMT S . -2.86 -15.14 45.71
C3 LMT S . -1.73 -14.86 44.75
C4 LMT S . -1.75 -13.38 44.48
C5 LMT S . -0.67 -13.04 43.51
C6 LMT S . -0.55 -11.57 43.30
C7 LMT S . 0.47 -11.29 42.22
C8 LMT S . 0.43 -9.83 41.89
C9 LMT S . 0.76 -8.94 43.03
C10 LMT S . 2.23 -9.10 43.33
C11 LMT S . 2.64 -8.32 44.54
C12 LMT S . 2.69 -6.86 44.26
C1B LMT T . -1.62 -22.69 35.57
C2B LMT T . -2.86 -22.72 36.47
C3B LMT T . -3.27 -21.28 36.83
C4B LMT T . -2.07 -20.49 37.41
C5B LMT T . -0.91 -20.63 36.41
C6B LMT T . 0.31 -19.87 36.92
O1B LMT T . -1.97 -22.11 34.36
O2B LMT T . -3.86 -23.33 35.76
O3B LMT T . -4.35 -21.26 37.67
O4' LMT T . -2.38 -19.17 37.57
O5B LMT T . -0.59 -21.98 36.16
O6B LMT T . 1.36 -20.03 36.06
C1' LMT T . -1.79 -22.56 30.29
C2' LMT T . -2.68 -23.59 30.99
C3' LMT T . -2.91 -23.21 32.48
C4' LMT T . -1.62 -22.78 33.19
C5' LMT T . -0.97 -21.74 32.24
C6' LMT T . 0.21 -21.02 32.83
O1' LMT T . -1.38 -23.03 29.08
O2' LMT T . -3.90 -23.59 30.36
O3' LMT T . -3.47 -24.27 33.16
O5' LMT T . -0.61 -22.36 31.04
O6' LMT T . 0.30 -19.84 32.15
C1 LMT T . -1.59 -22.15 27.99
C2 LMT T . -0.46 -21.17 28.07
C3 LMT T . -0.53 -20.02 27.13
C4 LMT T . 0.32 -18.92 27.71
C5 LMT T . 0.28 -17.71 26.82
C6 LMT T . 0.87 -18.00 25.48
C7 LMT T . 1.06 -16.70 24.73
C8 LMT T . -0.25 -16.21 24.25
C9 LMT T . -0.49 -16.42 22.80
C10 LMT T . -1.78 -15.74 22.46
C11 LMT T . -2.25 -16.09 21.08
C12 LMT T . -2.42 -17.56 20.93
C1B LMT U . -19.54 16.63 6.13
C2B LMT U . -19.21 16.39 4.63
C3B LMT U . -20.39 16.85 3.74
C4B LMT U . -21.71 16.21 4.22
C5B LMT U . -21.87 16.50 5.73
C6B LMT U . -23.15 15.86 6.25
O1B LMT U . -19.50 18.01 6.36
O2B LMT U . -18.09 17.10 4.34
O3B LMT U . -20.14 16.62 2.42
O4' LMT U . -22.79 16.73 3.55
O5B LMT U . -20.76 16.05 6.48
O6B LMT U . -24.13 15.92 5.30
C1' LMT U . -19.31 17.74 10.49
C2' LMT U . -20.49 18.58 9.98
C3' LMT U . -20.64 18.43 8.44
C4' LMT U . -19.30 18.53 7.68
C5' LMT U . -18.24 17.69 8.46
C6' LMT U . -16.84 17.71 7.88
O1' LMT U . -19.06 18.03 11.80
O2' LMT U . -21.65 18.10 10.55
O3' LMT U . -21.50 19.37 7.95
O5' LMT U . -18.15 18.13 9.79
O6' LMT U . -16.86 18.64 6.87
C1 LMT U . -19.68 17.16 12.74
C2 LMT U . -20.46 18.09 13.63
C3 LMT U . -21.55 17.47 14.43
C4 LMT U . -22.82 17.53 13.63
C5 LMT U . -23.13 16.20 13.04
C6 LMT U . -23.42 15.18 14.08
C7 LMT U . -23.40 13.80 13.46
C8 LMT U . -23.76 12.80 14.50
C9 LMT U . -23.82 11.40 13.99
C10 LMT U . -24.34 10.54 15.10
C11 LMT U . -24.18 9.08 14.79
C12 LMT U . -24.91 8.22 15.76
N1 FMN V . -17.43 -13.04 20.68
C2 FMN V . -17.18 -14.11 19.88
O2 FMN V . -17.57 -15.24 20.17
N3 FMN V . -16.48 -13.93 18.70
C4 FMN V . -15.97 -12.73 18.23
O4 FMN V . -15.34 -12.71 17.17
C4A FMN V . -16.24 -11.61 19.08
N5 FMN V . -15.80 -10.43 18.72
C5A FMN V . -16.06 -9.35 19.55
C6 FMN V . -15.61 -8.09 19.16
C7 FMN V . -15.86 -6.98 19.95
C7M FMN V . -15.38 -5.62 19.50
C8 FMN V . -16.56 -7.13 21.16
C8M FMN V . -16.82 -5.94 22.06
C9 FMN V . -17.01 -8.38 21.55
C9A FMN V . -16.77 -9.49 20.75
N10 FMN V . -17.23 -10.77 21.10
C10 FMN V . -16.98 -11.86 20.30
C1' FMN V . -17.97 -10.99 22.35
C2' FMN V . -19.48 -10.87 22.12
O2' FMN V . -19.81 -9.55 21.68
C3' FMN V . -20.22 -11.20 23.41
O3' FMN V . -19.33 -11.03 24.51
C4' FMN V . -20.80 -12.61 23.44
O4' FMN V . -19.82 -13.53 22.98
C5' FMN V . -21.28 -13.00 24.82
O5' FMN V . -22.16 -14.13 24.70
P FMN V . -23.68 -13.87 24.32
O1P FMN V . -24.01 -14.60 23.07
O2P FMN V . -23.93 -12.42 24.39
C1B LMT W . 4.23 -25.52 35.85
C2B LMT W . 4.91 -26.08 34.59
C3B LMT W . 3.86 -26.68 33.62
C4B LMT W . 2.66 -25.72 33.45
C5B LMT W . 2.10 -25.38 34.85
C6B LMT W . 0.67 -25.88 34.96
O1B LMT W . 4.33 -24.15 35.84
O2B LMT W . 5.56 -25.04 33.99
O3B LMT W . 3.47 -27.93 34.02
O4' LMT W . 3.06 -24.54 32.83
O5B LMT W . 2.89 -25.91 35.89
O6B LMT W . 0.15 -25.54 36.18
C1' LMT W . 4.71 -20.60 36.62
C2' LMT W . 5.86 -21.53 36.17
C3' LMT W . 5.88 -22.81 37.06
C4' LMT W . 4.51 -23.51 37.08
C5' LMT W . 3.44 -22.41 37.22
C6' LMT W . 2.28 -22.78 38.09
O1' LMT W . 5.23 -19.44 37.12
O2' LMT W . 5.62 -21.91 34.87
O3' LMT W . 6.25 -22.48 38.34
O5' LMT W . 4.02 -21.22 37.68
O6' LMT W . 2.73 -22.72 39.38
C1 LMT W . 4.36 -18.34 37.03
C2 LMT W . 5.18 -17.18 37.53
C3 LMT W . 4.55 -15.83 37.39
C4 LMT W . 4.47 -15.52 35.92
C5 LMT W . 5.84 -15.47 35.34
C6 LMT W . 5.85 -14.81 33.99
C7 LMT W . 5.39 -13.39 34.12
C8 LMT W . 5.62 -12.71 32.81
C9 LMT W . 5.11 -11.30 32.77
C10 LMT W . 5.23 -10.84 31.33
C11 LMT W . 5.04 -9.37 31.22
C12 LMT W . 5.12 -8.91 29.80
C1B LMT X . 6.95 -52.16 10.02
C2B LMT X . 5.94 -53.19 10.56
C3B LMT X . 4.89 -52.51 11.49
C4B LMT X . 5.05 -50.98 11.47
C5B LMT X . 5.19 -50.54 10.00
C6B LMT X . 5.23 -49.03 9.91
O1B LMT X . 7.86 -52.82 9.20
O2B LMT X . 5.32 -53.76 9.47
O3B LMT X . 4.95 -53.02 12.76
O4' LMT X . 3.94 -50.37 12.01
O5B LMT X . 6.32 -51.11 9.34
O6B LMT X . 4.01 -48.50 10.25
C1' LMT X . 10.40 -51.70 6.04
C2' LMT X . 10.66 -51.21 7.49
C3' LMT X . 9.40 -51.15 8.42
C4' LMT X . 8.27 -52.14 8.03
C5' LMT X . 8.92 -53.15 7.08
C6' LMT X . 8.07 -54.36 6.80
O1' LMT X . 10.20 -50.62 5.21
O2' LMT X . 11.62 -52.04 8.07
O3' LMT X . 8.91 -49.89 8.46
O5' LMT X . 9.23 -52.50 5.89
O6' LMT X . 8.80 -55.14 5.93
C1 LMT X . 9.97 -50.93 3.87
C2 LMT X . 9.75 -49.61 3.20
C3 LMT X . 9.62 -49.62 1.72
C4 LMT X . 8.81 -48.41 1.31
C5 LMT X . 9.67 -47.20 1.28
C6 LMT X . 8.92 -46.01 0.78
C7 LMT X . 9.78 -44.78 0.82
C8 LMT X . 9.47 -44.01 2.05
C9 LMT X . 10.41 -44.24 3.19
C10 LMT X . 11.76 -43.70 2.77
C11 LMT X . 12.88 -44.57 3.27
C12 LMT X . 14.20 -44.07 2.81
C1B LMT Y . 4.63 -60.19 4.60
C2B LMT Y . 4.59 -61.61 4.01
C3B LMT Y . 3.58 -62.50 4.76
C4B LMT Y . 3.49 -62.07 6.25
C5B LMT Y . 3.00 -60.61 6.28
C6B LMT Y . 3.46 -59.94 7.58
O1B LMT Y . 4.98 -59.28 3.61
O2B LMT Y . 4.24 -61.48 2.70
O3B LMT Y . 3.85 -63.83 4.61
O4' LMT Y . 2.59 -62.87 6.93
O5B LMT Y . 3.39 -59.85 5.16
O6B LMT Y . 4.76 -60.26 7.85
C1' LMT Y . 8.10 -57.23 1.87
C2' LMT Y . 7.98 -58.71 1.43
C3' LMT Y . 6.65 -59.34 1.91
C4' LMT Y . 6.35 -59.03 3.39
C5' LMT Y . 6.57 -57.50 3.55
C6' LMT Y . 6.19 -56.95 4.90
O1' LMT Y . 9.37 -56.76 1.65
O2' LMT Y . 7.99 -58.76 0.06
O3' LMT Y . 6.67 -60.69 1.73
O5' LMT Y . 7.90 -57.17 3.27
O6' LMT Y . 4.82 -56.91 4.92
C1 LMT Y . 9.58 -56.16 0.40
C2 LMT Y . 9.70 -54.69 0.67
C3 LMT Y . 9.41 -53.79 -0.49
C4 LMT Y . 10.32 -52.59 -0.40
C5 LMT Y . 10.16 -51.74 -1.62
C6 LMT Y . 11.17 -50.64 -1.66
C7 LMT Y . 11.33 -50.15 -3.07
C8 LMT Y . 10.09 -49.43 -3.48
C9 LMT Y . 10.08 -48.98 -4.90
C10 LMT Y . 9.20 -47.75 -4.99
C11 LMT Y . 9.94 -46.58 -5.55
C12 LMT Y . 11.14 -46.23 -4.73
C1B LMT Z . 19.10 -3.46 16.21
C2B LMT Z . 19.29 -1.96 15.91
C3B LMT Z . 20.74 -1.65 15.52
C4B LMT Z . 21.72 -2.22 16.58
C5B LMT Z . 21.37 -3.71 16.78
C6B LMT Z . 22.30 -4.33 17.81
O1B LMT Z . 19.23 -4.18 15.02
O2B LMT Z . 18.43 -1.63 14.89
O3B LMT Z . 20.95 -0.31 15.29
O4' LMT Z . 23.02 -2.12 16.16
O5B LMT Z . 20.03 -3.88 17.16
O6B LMT Z . 22.09 -5.68 17.90
C1' LMT Z . 15.74 -6.26 15.63
C2' LMT Z . 16.99 -7.05 16.05
C3' LMT Z . 18.25 -6.13 16.04
C4' LMT Z . 18.34 -5.26 14.77
C5' LMT Z . 16.93 -4.68 14.48
C6' LMT Z . 16.86 -3.80 13.26
O1' LMT Z . 14.66 -7.08 15.51
O2' LMT Z . 16.80 -7.52 17.32
O3' LMT Z . 19.39 -6.86 16.18
O5' LMT Z . 15.99 -5.71 14.35
O6' LMT Z . 16.34 -2.61 13.68
C1 LMT Z . 14.60 -7.82 14.32
C2 LMT Z . 14.51 -9.25 14.76
C3 LMT Z . 15.36 -10.23 14.02
C4 LMT Z . 15.56 -11.42 14.93
C5 LMT Z . 14.25 -12.09 15.19
C6 LMT Z . 14.23 -13.49 14.68
C7 LMT Z . 13.03 -14.21 15.22
C8 LMT Z . 13.47 -15.51 15.80
C9 LMT Z . 14.50 -15.37 16.87
C10 LMT Z . 14.66 -16.73 17.51
C11 LMT Z . 15.41 -16.63 18.80
C12 LMT Z . 15.59 -17.97 19.43
N1 FMN AA . -20.77 -26.28 21.65
C2 FMN AA . -20.56 -27.62 21.54
O2 FMN AA . -21.39 -28.44 21.98
N3 FMN AA . -19.41 -28.11 20.96
C4 FMN AA . -18.38 -27.34 20.44
O4 FMN AA . -17.41 -27.89 19.93
C4A FMN AA . -18.59 -25.92 20.57
N5 FMN AA . -17.66 -25.12 20.13
C5A FMN AA . -17.86 -23.75 20.27
C6 FMN AA . -16.86 -22.89 19.82
C7 FMN AA . -17.00 -21.50 19.95
C7M FMN AA . -15.91 -20.60 19.46
C8 FMN AA . -18.17 -20.99 20.53
C8M FMN AA . -18.35 -19.50 20.70
C9 FMN AA . -19.17 -21.84 20.98
C9A FMN AA . -19.01 -23.23 20.85
N10 FMN AA . -20.01 -24.12 21.30
C10 FMN AA . -19.82 -25.48 21.18
C1' FMN AA . -21.29 -23.63 21.82
C2' FMN AA . -21.32 -23.55 23.34
O2' FMN AA . -20.67 -22.36 23.77
C3' FMN AA . -22.77 -23.55 23.82
O3' FMN AA . -22.92 -22.59 24.86
C4' FMN AA . -23.25 -24.91 24.32
O4' FMN AA . -22.83 -25.94 23.42
C5' FMN AA . -22.77 -25.23 25.72
O5' FMN AA . -23.81 -24.91 26.67
P FMN AA . -24.53 -26.10 27.45
O1P FMN AA . -25.95 -25.75 27.70
O2P FMN AA . -23.67 -26.49 28.58
FE1 SF4 BA . 33.68 20.21 -25.75
FE2 SF4 BA . 35.83 19.73 -24.14
FE3 SF4 BA . 34.02 17.74 -24.63
FE4 SF4 BA . 33.32 19.85 -23.06
S1 SF4 BA . 34.92 18.30 -22.62
S2 SF4 BA . 32.09 18.93 -24.74
S3 SF4 BA . 34.46 21.55 -24.07
S4 SF4 BA . 35.39 18.76 -26.15
FE1 SF4 CA . 43.72 27.74 -27.10
FE2 SF4 CA . 44.58 25.92 -28.95
FE3 SF4 CA . 42.14 25.59 -27.76
FE4 SF4 CA . 44.44 25.22 -26.32
S1 SF4 CA . 43.72 23.99 -28.09
S2 SF4 CA . 42.58 26.38 -25.66
S3 SF4 CA . 45.79 26.81 -27.23
S4 SF4 CA . 42.78 27.29 -29.14
#